data_4JRE
#
_entry.id   4JRE
#
_cell.length_a   81.910
_cell.length_b   81.407
_cell.length_c   138.487
_cell.angle_alpha   100.07
_cell.angle_beta   96.38
_cell.angle_gamma   115.92
#
_symmetry.space_group_name_H-M   'P 1'
#
loop_
_entity.id
_entity.type
_entity.pdbx_description
1 polymer 'Nitrite extrusion protein 1'
2 polymer 'Immunoglobulin Gamma-2a, Heavy chain'
3 polymer 'Immunoglobulin Kappa, Light chain'
4 non-polymer 'NITRITE ION'
5 non-polymer 'methyl alpha-D-glucopyranoside'
6 water water
#
loop_
_entity_poly.entity_id
_entity_poly.type
_entity_poly.pdbx_seq_one_letter_code
_entity_poly.pdbx_strand_id
1 'polypeptide(L)'
;GSHMSHSSAPERATGAVITDWRPEDPAFWQQRGQRIASRNLWISVPCLLLAFCVWMLFSAVAVNLPKVGFNFTTDQLFML
TALPSVSGALLRVPYSFMVPIFGGRRWTAFSTGILIIPCVWLGFAVQDTSTPYSVFIIISLLCGFAGANFASSMANISFF
FPKQKQGGALGLNGGLGNMGVSVMQLVAPLVVSLSIFAVFGSQGVKQPDGTELYLANASWIWVPFLAIFTIAAWFGMNDL
ATSKASIKEQLPVLKRGHLWIMSLLYLATFGSFIGFSAGFAMLSKTQFPDVQILQYAFFGPFIGALARSAGGALSDRLGG
TRVTLVNFILMAIFSGLLFLTLPTDGQGGSFMAFFAVFLALFLTAGLGSGSTFQMISVIFRKLTMDRVKAEGGSDERAMR
EAATDTAAALGFISAIGAIGGFFIPKAFGSSLALTGSPVGAMKVFLIFYIACVVITWAVYGRHSKK
;
A,D
2 'polypeptide(L)'
;QIQLVQSGPGLKKPGQTVKISCKASGYSFTDYGMNWVKQAPGKGLEWMGWINTSNGYTTYGAAFKGRFSFSVDNSASTAY
LQLSNLKTADTAVYFCARSWYNRAMDYWGQGTSVTVSSAKTTAPSVYPLAPVCGDTTGSSVTLGCLVKGYFPEPVTLTWN
SGSLSSGVHTFPAVLQSDLYTLSSSVTVTSSTWPSQSITCNVAHPASSTKVDKKIEP
;
B,H
3 'polypeptide(L)'
;DILMTQSPSSLSVSVGSSVTITCQASQNITNYIVWYQQKPGQAPKLLIYYTSTLESGIPSRFSGSGSGRDYSFTISNLQP
EDVATYYCLQYNSLLTFGGGTKLEIKRADAAPTVSIFPPSSEQLTSGGASVVCFLNNFYPKNINVKWKIDGSERQNGVLN
SWTDQDSKDSTYSMSSTLTLTKDEYERHNSYTCEATHKTSTSPIVKSFNRN
;
C,L
#
loop_
_chem_comp.id
_chem_comp.type
_chem_comp.name
_chem_comp.formula
GYP D-saccharide 'methyl alpha-D-glucopyranoside' 'C7 H14 O6'
NO2 non-polymer 'NITRITE ION' 'N O2 -1'
#
# COMPACT_ATOMS: atom_id res chain seq x y z
N ALA A 16 40.33 -10.48 14.18
CA ALA A 16 41.55 -9.74 13.74
C ALA A 16 41.26 -8.24 13.59
N VAL A 17 40.30 -7.88 12.73
CA VAL A 17 39.91 -6.48 12.54
C VAL A 17 39.17 -6.01 13.80
N ILE A 18 39.37 -4.76 14.18
CA ILE A 18 38.67 -4.22 15.33
C ILE A 18 38.00 -2.92 14.92
N THR A 19 36.67 -2.93 15.02
CA THR A 19 35.82 -1.87 14.52
C THR A 19 35.49 -0.86 15.62
N ASP A 20 35.41 -1.35 16.86
CA ASP A 20 35.08 -0.53 18.02
C ASP A 20 36.25 -0.47 18.99
N TRP A 21 36.96 0.66 18.99
CA TRP A 21 38.15 0.82 19.84
C TRP A 21 38.07 2.10 20.64
N ARG A 22 37.91 1.98 21.96
CA ARG A 22 37.69 3.15 22.84
C ARG A 22 38.55 3.18 24.10
N PRO A 23 39.88 3.38 23.96
CA PRO A 23 40.79 3.27 25.13
C PRO A 23 40.59 4.35 26.18
N GLU A 24 40.21 5.56 25.77
CA GLU A 24 39.94 6.66 26.72
C GLU A 24 38.68 6.42 27.57
N ASP A 25 37.99 5.32 27.30
CA ASP A 25 36.79 4.93 28.03
C ASP A 25 37.13 3.79 29.02
N PRO A 26 37.34 4.14 30.30
CA PRO A 26 37.76 3.16 31.31
C PRO A 26 36.93 1.88 31.28
N ALA A 27 35.61 2.03 31.15
CA ALA A 27 34.71 0.89 31.07
C ALA A 27 35.09 -0.04 29.94
N PHE A 28 35.38 0.52 28.75
CA PHE A 28 35.84 -0.27 27.61
C PHE A 28 37.22 -0.88 27.89
N TRP A 29 38.09 -0.08 28.49
CA TRP A 29 39.43 -0.51 28.81
C TRP A 29 39.41 -1.76 29.64
N GLN A 30 38.57 -1.75 30.68
CA GLN A 30 38.43 -2.84 31.62
C GLN A 30 37.76 -4.11 31.07
N GLN A 31 36.76 -3.96 30.19
CA GLN A 31 36.10 -5.12 29.58
C GLN A 31 36.92 -5.76 28.46
N ARG A 32 37.60 -4.93 27.66
CA ARG A 32 38.11 -5.35 26.36
C ARG A 32 39.49 -4.81 26.05
N GLY A 33 39.66 -3.50 26.23
CA GLY A 33 40.83 -2.81 25.71
C GLY A 33 42.14 -3.40 26.21
N GLN A 34 42.36 -3.25 27.50
CA GLN A 34 43.53 -3.75 28.18
C GLN A 34 43.94 -5.16 27.75
N ARG A 35 43.00 -6.09 27.70
CA ARG A 35 43.29 -7.45 27.21
C ARG A 35 43.83 -7.48 25.77
N ILE A 36 43.26 -6.68 24.89
CA ILE A 36 43.66 -6.68 23.48
C ILE A 36 44.93 -5.85 23.27
N ALA A 37 45.05 -4.73 23.97
CA ALA A 37 46.23 -3.87 23.82
C ALA A 37 47.45 -4.54 24.44
N SER A 38 47.22 -5.25 25.53
CA SER A 38 48.27 -5.95 26.22
C SER A 38 48.80 -7.16 25.41
N ARG A 39 47.92 -7.88 24.73
CA ARG A 39 48.36 -8.99 23.90
C ARG A 39 49.12 -8.48 22.66
N ASN A 40 48.68 -7.35 22.13
CA ASN A 40 49.36 -6.75 21.00
C ASN A 40 50.74 -6.27 21.39
N LEU A 41 50.86 -5.60 22.54
CA LEU A 41 52.15 -5.13 23.06
C LEU A 41 53.18 -6.25 23.24
N TRP A 42 52.75 -7.34 23.87
CA TRP A 42 53.62 -8.47 24.15
C TRP A 42 54.14 -9.19 22.93
N ILE A 43 53.36 -9.20 21.85
CA ILE A 43 53.83 -9.78 20.59
C ILE A 43 54.64 -8.75 19.82
N SER A 44 54.39 -7.48 20.10
CA SER A 44 55.09 -6.38 19.44
C SER A 44 56.57 -6.41 19.78
N VAL A 45 56.86 -6.45 21.09
CA VAL A 45 58.23 -6.39 21.60
C VAL A 45 59.20 -7.35 20.90
N PRO A 46 58.92 -8.67 20.89
CA PRO A 46 59.85 -9.58 20.22
C PRO A 46 60.13 -9.17 18.78
N CYS A 47 59.08 -8.82 18.05
CA CYS A 47 59.20 -8.43 16.64
C CYS A 47 60.01 -7.16 16.44
N LEU A 48 60.20 -6.38 17.50
CA LEU A 48 60.94 -5.14 17.41
C LEU A 48 62.39 -5.33 17.86
N LEU A 49 62.62 -6.17 18.86
CA LEU A 49 63.99 -6.43 19.28
C LEU A 49 64.70 -7.26 18.23
N LEU A 50 63.97 -8.17 17.59
CA LEU A 50 64.48 -8.90 16.43
C LEU A 50 64.81 -8.01 15.25
N ALA A 51 64.12 -6.88 15.13
CA ALA A 51 64.45 -5.91 14.08
C ALA A 51 65.69 -5.12 14.45
N PHE A 52 65.96 -5.00 15.75
CA PHE A 52 67.19 -4.35 16.17
C PHE A 52 68.39 -5.29 16.05
N CYS A 53 68.13 -6.59 16.18
CA CYS A 53 69.15 -7.63 15.95
C CYS A 53 69.59 -7.62 14.49
N VAL A 54 68.62 -7.70 13.58
CA VAL A 54 68.87 -7.73 12.14
C VAL A 54 69.42 -6.40 11.63
N TRP A 55 69.09 -5.30 12.29
CA TRP A 55 69.58 -3.97 11.89
C TRP A 55 71.07 -3.83 12.06
N MET A 56 71.60 -4.44 13.12
CA MET A 56 73.01 -4.28 13.49
C MET A 56 73.88 -5.49 13.15
N LEU A 57 73.48 -6.27 12.14
CA LEU A 57 74.23 -7.49 11.79
C LEU A 57 75.71 -7.25 11.50
N PHE A 58 75.99 -6.26 10.66
CA PHE A 58 77.35 -5.94 10.25
C PHE A 58 78.23 -5.38 11.37
N SER A 59 77.60 -4.85 12.42
CA SER A 59 78.35 -4.40 13.60
C SER A 59 79.12 -5.57 14.24
N ALA A 60 78.70 -6.79 13.94
CA ALA A 60 79.37 -8.00 14.43
C ALA A 60 79.85 -8.92 13.31
N VAL A 61 79.38 -8.69 12.09
CA VAL A 61 79.74 -9.54 10.94
C VAL A 61 80.93 -9.00 10.13
N ALA A 62 80.98 -7.68 9.95
CA ALA A 62 82.08 -7.04 9.25
C ALA A 62 83.42 -7.25 9.96
N VAL A 63 83.37 -7.36 11.28
CA VAL A 63 84.54 -7.70 12.08
C VAL A 63 85.04 -9.10 11.69
N ASN A 64 84.12 -10.05 11.57
CA ASN A 64 84.48 -11.42 11.22
C ASN A 64 84.63 -11.66 9.72
N LEU A 65 84.44 -10.62 8.91
CA LEU A 65 84.58 -10.75 7.46
C LEU A 65 85.99 -11.15 7.01
N PRO A 66 87.03 -10.38 7.40
CA PRO A 66 88.36 -10.83 6.97
C PRO A 66 88.76 -12.19 7.57
N LYS A 67 88.33 -12.45 8.81
CA LYS A 67 88.66 -13.71 9.52
C LYS A 67 88.10 -14.98 8.85
N VAL A 68 87.44 -14.81 7.70
CA VAL A 68 86.96 -15.94 6.89
C VAL A 68 87.37 -15.79 5.41
N GLY A 69 88.16 -14.76 5.13
CA GLY A 69 88.80 -14.60 3.82
C GLY A 69 88.26 -13.48 2.95
N PHE A 70 88.04 -12.31 3.54
CA PHE A 70 87.52 -11.17 2.79
C PHE A 70 88.45 -9.97 2.84
N ASN A 71 89.05 -9.69 1.68
CA ASN A 71 90.03 -8.61 1.57
C ASN A 71 89.37 -7.28 1.20
N PHE A 72 88.62 -6.74 2.15
CA PHE A 72 88.06 -5.40 2.01
C PHE A 72 88.82 -4.43 2.90
N THR A 73 88.95 -3.19 2.46
CA THR A 73 89.52 -2.12 3.28
C THR A 73 88.79 -2.12 4.60
N THR A 74 89.47 -1.76 5.68
CA THR A 74 88.78 -1.61 6.95
C THR A 74 87.77 -0.45 6.90
N ASP A 75 88.00 0.48 5.97
CA ASP A 75 87.03 1.54 5.65
C ASP A 75 85.81 0.98 4.90
N GLN A 76 86.04 0.01 4.01
CA GLN A 76 84.95 -0.69 3.34
C GLN A 76 84.13 -1.54 4.32
N LEU A 77 84.78 -2.00 5.38
CA LEU A 77 84.11 -2.73 6.46
C LEU A 77 83.25 -1.81 7.33
N PHE A 78 83.78 -0.64 7.66
CA PHE A 78 83.03 0.41 8.35
C PHE A 78 81.85 0.89 7.49
N MET A 79 82.01 0.84 6.17
CA MET A 79 80.95 1.23 5.24
C MET A 79 79.77 0.27 5.29
N LEU A 80 80.05 -1.03 5.37
CA LEU A 80 79.02 -2.06 5.49
C LEU A 80 78.32 -1.99 6.85
N THR A 81 78.95 -1.30 7.80
CA THR A 81 78.44 -1.14 9.15
C THR A 81 77.60 0.14 9.23
N ALA A 82 77.84 1.06 8.30
CA ALA A 82 77.21 2.38 8.33
C ALA A 82 75.95 2.49 7.47
N LEU A 83 75.89 1.70 6.41
CA LEU A 83 74.84 1.80 5.39
C LEU A 83 73.41 1.41 5.83
N PRO A 84 73.28 0.41 6.74
CA PRO A 84 71.93 0.11 7.22
C PRO A 84 71.17 1.34 7.71
N SER A 85 71.85 2.21 8.45
CA SER A 85 71.24 3.42 8.97
C SER A 85 70.95 4.47 7.91
N VAL A 86 71.37 4.22 6.67
CA VAL A 86 71.03 5.12 5.55
C VAL A 86 69.58 4.87 5.17
N SER A 87 69.29 3.63 4.79
CA SER A 87 67.95 3.20 4.43
C SER A 87 67.04 3.17 5.66
N GLY A 88 67.61 2.76 6.80
CA GLY A 88 66.92 2.81 8.10
C GLY A 88 66.33 4.18 8.40
N ALA A 89 67.16 5.21 8.31
CA ALA A 89 66.71 6.57 8.53
C ALA A 89 65.68 7.02 7.49
N LEU A 90 65.89 6.64 6.23
CA LEU A 90 65.05 7.08 5.12
C LEU A 90 63.73 6.33 5.02
N LEU A 91 63.68 5.14 5.62
CA LEU A 91 62.45 4.35 5.65
C LEU A 91 61.61 4.58 6.92
N ARG A 92 62.13 5.38 7.85
CA ARG A 92 61.42 5.67 9.10
C ARG A 92 60.22 6.58 8.92
N VAL A 93 60.30 7.54 8.00
CA VAL A 93 59.17 8.43 7.72
C VAL A 93 58.02 7.72 6.96
N PRO A 94 58.32 6.96 5.88
CA PRO A 94 57.25 6.22 5.20
C PRO A 94 56.64 5.05 5.98
N TYR A 95 57.45 4.36 6.79
CA TYR A 95 56.96 3.26 7.65
C TYR A 95 55.94 3.74 8.68
N SER A 96 56.08 4.98 9.14
CA SER A 96 55.16 5.53 10.13
C SER A 96 53.76 5.70 9.54
N PHE A 97 53.70 5.90 8.22
CA PHE A 97 52.42 6.03 7.52
C PHE A 97 51.82 4.69 7.11
N MET A 98 52.52 3.59 7.40
CA MET A 98 52.11 2.26 6.95
C MET A 98 51.13 1.53 7.88
N VAL A 99 51.06 1.96 9.13
CA VAL A 99 50.19 1.31 10.10
C VAL A 99 48.72 1.69 9.90
N PRO A 100 48.42 3.00 9.75
CA PRO A 100 47.01 3.34 9.48
C PRO A 100 46.55 2.84 8.11
N ILE A 101 47.48 2.57 7.21
CA ILE A 101 47.13 2.06 5.90
C ILE A 101 46.85 0.55 5.92
N PHE A 102 47.84 -0.26 6.25
CA PHE A 102 47.63 -1.72 6.21
C PHE A 102 47.12 -2.31 7.53
N GLY A 103 47.46 -1.69 8.66
CA GLY A 103 47.06 -2.19 9.96
C GLY A 103 48.15 -2.89 10.76
N GLY A 104 48.10 -2.69 12.07
CA GLY A 104 49.07 -3.25 13.01
C GLY A 104 49.42 -4.71 12.83
N ARG A 105 48.41 -5.57 12.68
CA ARG A 105 48.65 -7.00 12.51
C ARG A 105 49.40 -7.30 11.21
N ARG A 106 48.89 -6.78 10.10
CA ARG A 106 49.43 -7.04 8.77
C ARG A 106 50.83 -6.47 8.56
N TRP A 107 51.01 -5.17 8.81
CA TRP A 107 52.32 -4.56 8.67
C TRP A 107 53.39 -5.15 9.55
N THR A 108 53.08 -5.42 10.83
CA THR A 108 54.00 -6.11 11.73
C THR A 108 54.42 -7.46 11.16
N ALA A 109 53.45 -8.28 10.77
CA ALA A 109 53.73 -9.55 10.10
C ALA A 109 54.64 -9.37 8.87
N PHE A 110 54.29 -8.42 8.01
CA PHE A 110 55.03 -8.16 6.78
C PHE A 110 56.44 -7.66 7.06
N SER A 111 56.53 -6.57 7.82
CA SER A 111 57.82 -5.91 8.06
C SER A 111 58.80 -6.73 8.91
N THR A 112 58.29 -7.73 9.63
CA THR A 112 59.15 -8.69 10.32
C THR A 112 59.50 -9.82 9.38
N GLY A 113 58.50 -10.38 8.70
CA GLY A 113 58.68 -11.49 7.77
C GLY A 113 59.71 -11.26 6.68
N ILE A 114 59.65 -10.10 6.04
CA ILE A 114 60.57 -9.77 4.94
C ILE A 114 62.03 -9.53 5.40
N LEU A 115 62.27 -9.66 6.70
CA LEU A 115 63.65 -9.60 7.21
C LEU A 115 64.37 -10.93 7.05
N ILE A 116 63.61 -11.98 6.72
CA ILE A 116 64.20 -13.29 6.43
C ILE A 116 65.00 -13.26 5.11
N ILE A 117 64.67 -12.33 4.21
CA ILE A 117 65.44 -12.13 2.97
C ILE A 117 66.93 -11.85 3.26
N PRO A 118 67.26 -10.68 3.86
CA PRO A 118 68.69 -10.40 4.03
C PRO A 118 69.41 -11.29 5.05
N CYS A 119 68.66 -12.00 5.88
CA CYS A 119 69.27 -12.91 6.84
C CYS A 119 69.77 -14.21 6.22
N VAL A 120 69.04 -14.73 5.24
CA VAL A 120 69.47 -15.95 4.55
C VAL A 120 70.58 -15.59 3.55
N TRP A 121 70.39 -14.43 2.90
CA TRP A 121 71.26 -13.99 1.81
C TRP A 121 72.69 -13.69 2.18
N LEU A 122 72.95 -13.23 3.41
CA LEU A 122 74.34 -13.11 3.87
C LEU A 122 74.78 -14.31 4.71
N GLY A 123 73.95 -15.36 4.73
CA GLY A 123 74.37 -16.65 5.26
C GLY A 123 75.00 -17.46 4.13
N PHE A 124 74.61 -17.15 2.90
CA PHE A 124 75.17 -17.77 1.70
C PHE A 124 76.41 -17.01 1.20
N ALA A 125 76.29 -15.68 1.15
CA ALA A 125 77.34 -14.81 0.62
C ALA A 125 78.63 -14.86 1.42
N VAL A 126 78.51 -15.09 2.73
CA VAL A 126 79.65 -15.14 3.65
C VAL A 126 80.45 -16.46 3.54
N GLN A 127 79.77 -17.55 3.18
CA GLN A 127 80.41 -18.85 3.00
C GLN A 127 81.26 -18.92 1.73
N ASP A 128 80.77 -18.28 0.66
CA ASP A 128 81.50 -18.16 -0.60
C ASP A 128 82.48 -17.00 -0.50
N THR A 129 83.71 -17.22 -0.95
CA THR A 129 84.79 -16.26 -0.73
C THR A 129 84.99 -15.26 -1.88
N SER A 130 84.42 -15.59 -3.05
CA SER A 130 84.57 -14.76 -4.24
C SER A 130 83.40 -13.78 -4.44
N THR A 131 82.49 -13.75 -3.47
CA THR A 131 81.31 -12.87 -3.50
C THR A 131 81.71 -11.38 -3.45
N PRO A 132 81.28 -10.60 -4.46
CA PRO A 132 81.66 -9.18 -4.62
C PRO A 132 81.20 -8.24 -3.51
N TYR A 133 81.86 -7.08 -3.42
CA TYR A 133 81.48 -5.99 -2.52
C TYR A 133 80.10 -5.45 -2.87
N SER A 134 79.80 -5.42 -4.18
CA SER A 134 78.50 -4.99 -4.69
C SER A 134 77.33 -5.70 -4.01
N VAL A 135 77.42 -7.02 -3.88
CA VAL A 135 76.39 -7.83 -3.21
C VAL A 135 76.29 -7.45 -1.72
N PHE A 136 77.44 -7.29 -1.07
CA PHE A 136 77.50 -6.99 0.37
C PHE A 136 76.95 -5.61 0.73
N ILE A 137 77.07 -4.64 -0.18
CA ILE A 137 76.45 -3.34 -0.02
C ILE A 137 74.92 -3.45 -0.05
N ILE A 138 74.41 -4.28 -0.95
CA ILE A 138 72.96 -4.48 -1.09
C ILE A 138 72.39 -5.10 0.18
N ILE A 139 72.92 -6.25 0.59
CA ILE A 139 72.50 -6.93 1.82
C ILE A 139 72.48 -6.00 3.04
N SER A 140 73.46 -5.10 3.13
CA SER A 140 73.53 -4.16 4.26
C SER A 140 72.42 -3.11 4.18
N LEU A 141 72.10 -2.65 2.97
CA LEU A 141 71.03 -1.68 2.77
C LEU A 141 69.65 -2.30 3.03
N LEU A 142 69.51 -3.59 2.70
CA LEU A 142 68.28 -4.32 2.98
C LEU A 142 68.16 -4.67 4.46
N CYS A 143 69.29 -4.69 5.16
CA CYS A 143 69.25 -4.81 6.63
C CYS A 143 68.75 -3.51 7.26
N GLY A 144 68.92 -2.40 6.55
CA GLY A 144 68.47 -1.11 7.02
C GLY A 144 66.97 -0.94 6.99
N PHE A 145 66.28 -1.91 6.39
CA PHE A 145 64.83 -1.96 6.42
C PHE A 145 64.37 -2.27 7.84
N ALA A 146 65.04 -3.22 8.48
CA ALA A 146 64.77 -3.58 9.87
C ALA A 146 64.84 -2.38 10.80
N GLY A 147 65.65 -1.38 10.42
CA GLY A 147 65.79 -0.15 11.19
C GLY A 147 64.51 0.65 11.30
N ALA A 148 63.67 0.58 10.26
CA ALA A 148 62.43 1.35 10.20
C ALA A 148 61.29 0.75 11.02
N ASN A 149 61.39 -0.56 11.29
CA ASN A 149 60.39 -1.26 12.10
C ASN A 149 60.00 -0.46 13.33
N PHE A 150 60.98 0.21 13.93
CA PHE A 150 60.78 1.04 15.12
C PHE A 150 59.65 2.05 14.96
N ALA A 151 59.63 2.80 13.88
CA ALA A 151 58.65 3.88 13.71
C ALA A 151 57.23 3.37 13.50
N SER A 152 57.09 2.27 12.76
CA SER A 152 55.81 1.61 12.57
C SER A 152 55.31 0.90 13.86
N SER A 153 56.24 0.29 14.59
CA SER A 153 55.91 -0.42 15.83
C SER A 153 55.46 0.58 16.87
N MET A 154 56.04 1.78 16.79
CA MET A 154 55.80 2.79 17.79
C MET A 154 54.51 3.57 17.52
N ALA A 155 54.15 3.71 16.25
CA ALA A 155 52.87 4.31 15.90
C ALA A 155 51.79 3.36 16.40
N ASN A 156 51.90 2.10 15.99
CA ASN A 156 50.99 1.04 16.39
C ASN A 156 50.61 1.07 17.86
N ILE A 157 51.63 1.10 18.71
CA ILE A 157 51.42 1.08 20.15
C ILE A 157 50.70 2.36 20.61
N SER A 158 51.02 3.49 19.99
CA SER A 158 50.37 4.75 20.37
C SER A 158 48.87 4.73 20.06
N PHE A 159 48.46 3.92 19.07
CA PHE A 159 47.03 3.76 18.77
C PHE A 159 46.34 2.89 19.81
N PHE A 160 47.02 1.84 20.26
CA PHE A 160 46.42 0.90 21.18
C PHE A 160 46.23 1.40 22.61
N PHE A 161 47.13 2.25 23.09
CA PHE A 161 47.07 2.62 24.49
C PHE A 161 46.43 3.99 24.67
N PRO A 162 45.64 4.15 25.75
CA PRO A 162 45.04 5.46 26.06
C PRO A 162 46.13 6.50 26.28
N LYS A 163 45.85 7.74 25.89
CA LYS A 163 46.84 8.82 25.95
C LYS A 163 47.63 8.90 27.25
N GLN A 164 46.95 8.74 28.39
CA GLN A 164 47.61 8.87 29.69
C GLN A 164 48.30 7.59 30.18
N LYS A 165 48.38 6.58 29.32
CA LYS A 165 49.03 5.31 29.66
C LYS A 165 50.12 4.92 28.66
N GLN A 166 50.21 5.71 27.59
CA GLN A 166 51.12 5.43 26.48
C GLN A 166 52.58 5.39 26.89
N GLY A 167 52.94 6.24 27.87
CA GLY A 167 54.31 6.31 28.39
C GLY A 167 54.90 4.96 28.70
N GLY A 168 54.25 4.23 29.61
CA GLY A 168 54.75 2.92 30.02
C GLY A 168 54.88 1.96 28.86
N ALA A 169 53.87 1.89 28.01
CA ALA A 169 53.88 0.95 26.90
C ALA A 169 54.93 1.34 25.86
N LEU A 170 54.94 2.61 25.46
CA LEU A 170 55.94 3.11 24.52
C LEU A 170 57.36 2.90 25.08
N GLY A 171 57.53 3.23 26.35
CA GLY A 171 58.77 2.98 27.09
C GLY A 171 59.20 1.53 27.01
N LEU A 172 58.28 0.62 27.28
CA LEU A 172 58.52 -0.82 27.11
C LEU A 172 58.86 -1.20 25.67
N ASN A 173 58.11 -0.68 24.70
CA ASN A 173 58.26 -1.09 23.32
C ASN A 173 59.64 -0.74 22.77
N GLY A 174 60.06 0.50 22.95
CA GLY A 174 61.37 0.95 22.48
C GLY A 174 62.50 0.62 23.45
N GLY A 175 62.16 0.42 24.71
CA GLY A 175 63.13 0.04 25.73
C GLY A 175 63.68 -1.35 25.45
N LEU A 176 62.78 -2.34 25.44
CA LEU A 176 63.18 -3.70 25.10
C LEU A 176 63.37 -3.86 23.61
N GLY A 177 63.05 -2.81 22.86
CA GLY A 177 63.31 -2.78 21.42
C GLY A 177 64.78 -2.55 21.19
N ASN A 178 65.27 -1.39 21.66
CA ASN A 178 66.69 -1.04 21.58
C ASN A 178 67.63 -2.12 22.12
N MET A 179 67.13 -2.93 23.04
CA MET A 179 67.87 -4.02 23.63
C MET A 179 68.34 -5.04 22.59
N GLY A 180 67.65 -5.08 21.46
CA GLY A 180 67.97 -6.02 20.38
C GLY A 180 69.40 -5.97 19.88
N VAL A 181 69.96 -4.75 19.77
CA VAL A 181 71.35 -4.56 19.36
C VAL A 181 72.29 -5.34 20.29
N SER A 182 72.17 -5.07 21.58
CA SER A 182 72.92 -5.73 22.64
C SER A 182 72.74 -7.25 22.64
N VAL A 183 71.50 -7.71 22.47
CA VAL A 183 71.18 -9.14 22.49
C VAL A 183 71.88 -9.88 21.35
N MET A 184 71.89 -9.28 20.16
CA MET A 184 72.58 -9.86 19.00
C MET A 184 74.08 -10.00 19.23
N GLN A 185 74.69 -8.93 19.71
CA GLN A 185 76.12 -8.90 20.01
C GLN A 185 76.54 -9.94 21.04
N LEU A 186 75.61 -10.35 21.90
CA LEU A 186 75.87 -11.40 22.87
C LEU A 186 75.74 -12.79 22.25
N VAL A 187 75.02 -12.88 21.13
CA VAL A 187 74.71 -14.17 20.50
C VAL A 187 75.61 -14.49 19.30
N ALA A 188 75.74 -13.53 18.37
CA ALA A 188 76.47 -13.71 17.11
C ALA A 188 77.89 -14.30 17.23
N PRO A 189 78.69 -13.81 18.20
CA PRO A 189 79.96 -14.51 18.47
C PRO A 189 79.76 -15.89 19.10
N LEU A 190 78.84 -16.00 20.07
CA LEU A 190 78.59 -17.26 20.78
C LEU A 190 78.03 -18.38 19.91
N VAL A 191 77.47 -18.02 18.76
CA VAL A 191 76.85 -19.00 17.86
C VAL A 191 77.84 -19.43 16.76
N VAL A 192 78.99 -18.76 16.70
CA VAL A 192 79.94 -18.92 15.59
C VAL A 192 80.59 -20.31 15.45
N SER A 193 80.51 -21.12 16.52
CA SER A 193 81.00 -22.51 16.53
C SER A 193 80.40 -23.37 15.41
N TYR A 214 81.15 -21.24 9.78
CA TYR A 214 81.19 -20.50 11.04
C TYR A 214 80.35 -19.22 10.96
N LEU A 215 80.62 -18.41 9.93
CA LEU A 215 79.98 -17.09 9.78
C LEU A 215 78.57 -17.10 9.24
N ALA A 216 78.06 -18.29 8.91
CA ALA A 216 76.67 -18.44 8.54
C ALA A 216 75.77 -18.31 9.77
N ASN A 217 76.16 -18.98 10.86
CA ASN A 217 75.37 -19.07 12.10
C ASN A 217 75.04 -17.74 12.78
N ALA A 218 75.85 -16.72 12.54
CA ALA A 218 75.60 -15.38 13.08
C ALA A 218 74.46 -14.67 12.32
N SER A 219 74.05 -15.26 11.20
CA SER A 219 72.97 -14.71 10.40
C SER A 219 71.74 -15.62 10.43
N TRP A 220 71.98 -16.93 10.38
CA TRP A 220 70.90 -17.90 10.27
C TRP A 220 70.20 -18.25 11.55
N ILE A 221 70.78 -17.89 12.70
CA ILE A 221 70.14 -18.19 13.98
C ILE A 221 68.86 -17.36 14.19
N TRP A 222 68.64 -16.39 13.30
CA TRP A 222 67.47 -15.53 13.43
C TRP A 222 66.30 -15.88 12.56
N VAL A 223 66.52 -16.73 11.57
CA VAL A 223 65.43 -17.18 10.67
C VAL A 223 64.33 -17.97 11.40
N PRO A 224 64.70 -18.87 12.35
CA PRO A 224 63.62 -19.50 13.13
C PRO A 224 62.86 -18.52 14.01
N PHE A 225 63.56 -17.53 14.57
CA PHE A 225 62.94 -16.55 15.46
C PHE A 225 62.08 -15.53 14.73
N LEU A 226 62.54 -15.03 13.58
CA LEU A 226 61.76 -14.10 12.76
C LEU A 226 60.47 -14.75 12.26
N ALA A 227 60.58 -15.99 11.79
CA ALA A 227 59.42 -16.74 11.31
C ALA A 227 58.40 -16.93 12.42
N ILE A 228 58.83 -17.48 13.55
CA ILE A 228 57.94 -17.72 14.70
C ILE A 228 57.07 -16.49 14.98
N PHE A 229 57.70 -15.33 15.17
CA PHE A 229 56.97 -14.13 15.54
C PHE A 229 56.30 -13.40 14.38
N THR A 230 56.57 -13.83 13.14
CA THR A 230 55.77 -13.37 11.99
C THR A 230 54.43 -14.09 12.05
N ILE A 231 54.49 -15.41 12.18
CA ILE A 231 53.30 -16.25 12.40
C ILE A 231 52.54 -15.75 13.63
N ALA A 232 53.27 -15.47 14.71
CA ALA A 232 52.68 -15.02 15.96
C ALA A 232 51.98 -13.66 15.80
N ALA A 233 52.59 -12.76 15.05
CA ALA A 233 51.98 -11.46 14.77
C ALA A 233 50.75 -11.62 13.88
N TRP A 234 50.85 -12.52 12.90
CA TRP A 234 49.77 -12.76 11.94
C TRP A 234 48.51 -13.29 12.58
N PHE A 235 48.67 -14.12 13.59
CA PHE A 235 47.52 -14.72 14.26
C PHE A 235 47.14 -13.99 15.55
N GLY A 236 48.14 -13.55 16.30
CA GLY A 236 47.94 -12.94 17.62
C GLY A 236 47.54 -11.48 17.65
N MET A 237 47.98 -10.70 16.65
CA MET A 237 47.77 -9.25 16.66
C MET A 237 46.46 -8.80 15.99
N ASN A 238 46.22 -7.49 16.02
CA ASN A 238 44.95 -6.91 15.61
C ASN A 238 45.08 -5.68 14.74
N ASP A 239 44.14 -5.53 13.81
CA ASP A 239 44.06 -4.36 12.94
C ASP A 239 42.95 -3.44 13.40
N LEU A 240 43.33 -2.28 13.95
CA LEU A 240 42.37 -1.22 14.25
C LEU A 240 41.80 -0.65 12.94
N ALA A 241 40.59 -0.10 13.00
CA ALA A 241 39.87 0.36 11.80
C ALA A 241 40.50 1.60 11.15
N LEU A 259 59.95 20.82 16.45
CA LEU A 259 61.15 21.62 16.27
C LEU A 259 62.24 20.81 15.57
N TRP A 260 62.95 21.45 14.64
CA TRP A 260 64.12 20.85 13.98
C TRP A 260 65.23 20.58 14.96
N ILE A 261 65.37 21.46 15.95
CA ILE A 261 66.39 21.34 17.00
C ILE A 261 66.26 20.04 17.81
N MET A 262 65.03 19.56 18.01
CA MET A 262 64.82 18.33 18.77
C MET A 262 65.31 17.11 18.02
N SER A 263 65.19 17.18 16.70
CA SER A 263 65.75 16.17 15.81
C SER A 263 67.27 16.13 15.97
N LEU A 264 67.87 17.30 16.18
CA LEU A 264 69.31 17.40 16.36
C LEU A 264 69.74 16.83 17.71
N LEU A 265 69.05 17.24 18.77
CA LEU A 265 69.36 16.75 20.11
C LEU A 265 69.13 15.25 20.24
N TYR A 266 68.10 14.73 19.59
CA TYR A 266 67.90 13.28 19.53
C TYR A 266 69.03 12.64 18.74
N LEU A 267 69.42 13.30 17.65
CA LEU A 267 70.49 12.84 16.76
C LEU A 267 71.80 12.72 17.51
N ALA A 268 72.07 13.69 18.38
CA ALA A 268 73.28 13.70 19.18
C ALA A 268 73.28 12.60 20.24
N THR A 269 72.10 12.23 20.74
CA THR A 269 72.00 11.22 21.78
C THR A 269 71.79 9.81 21.22
N PHE A 270 70.65 9.59 20.58
CA PHE A 270 70.33 8.28 20.02
C PHE A 270 71.29 7.94 18.89
N GLY A 271 71.57 8.93 18.03
CA GLY A 271 72.51 8.76 16.92
C GLY A 271 73.87 8.27 17.38
N SER A 272 74.28 8.73 18.56
CA SER A 272 75.51 8.28 19.18
C SER A 272 75.41 6.86 19.69
N PHE A 273 74.36 6.55 20.44
CA PHE A 273 74.16 5.18 20.92
C PHE A 273 74.24 4.19 19.75
N ILE A 274 73.53 4.54 18.67
CA ILE A 274 73.40 3.62 17.55
C ILE A 274 74.62 3.69 16.62
N GLY A 275 75.31 4.82 16.65
CA GLY A 275 76.58 4.98 15.92
C GLY A 275 77.71 4.17 16.53
N PHE A 276 78.00 4.41 17.80
CA PHE A 276 78.97 3.63 18.56
C PHE A 276 78.56 2.16 18.59
N SER A 277 77.29 1.86 18.34
CA SER A 277 76.86 0.45 18.29
C SER A 277 77.32 -0.20 17.00
N ALA A 278 77.37 0.57 15.92
CA ALA A 278 77.77 0.07 14.62
C ALA A 278 79.28 -0.20 14.53
N GLY A 279 80.09 0.78 14.94
CA GLY A 279 81.52 0.68 14.79
C GLY A 279 82.33 0.80 16.07
N PHE A 280 82.09 -0.11 17.02
CA PHE A 280 82.93 -0.16 18.21
C PHE A 280 83.80 -1.40 18.17
N ALA A 281 83.18 -2.55 17.91
CA ALA A 281 83.92 -3.78 17.73
C ALA A 281 84.91 -3.61 16.58
N MET A 282 84.46 -2.92 15.54
CA MET A 282 85.29 -2.60 14.39
C MET A 282 86.43 -1.65 14.76
N LEU A 283 86.16 -0.67 15.62
CA LEU A 283 87.18 0.29 16.04
C LEU A 283 88.18 -0.32 17.03
N SER A 284 87.68 -1.14 17.95
CA SER A 284 88.54 -1.79 18.93
C SER A 284 89.24 -3.01 18.33
N LYS A 285 89.41 -2.97 17.01
CA LYS A 285 90.16 -3.98 16.28
C LYS A 285 91.27 -3.29 15.50
N THR A 286 90.99 -2.07 15.03
CA THR A 286 92.00 -1.25 14.38
C THR A 286 92.82 -0.46 15.42
N GLN A 287 92.57 -0.75 16.69
CA GLN A 287 93.30 -0.11 17.78
C GLN A 287 94.01 -1.15 18.63
N PHE A 288 93.31 -2.22 18.95
CA PHE A 288 93.84 -3.30 19.79
C PHE A 288 93.55 -4.65 19.11
N PRO A 289 94.31 -5.00 18.05
CA PRO A 289 93.99 -6.16 17.20
C PRO A 289 94.10 -7.52 17.89
N ASP A 290 94.71 -7.54 19.07
CA ASP A 290 94.98 -8.79 19.81
C ASP A 290 93.95 -9.16 20.87
N VAL A 291 93.04 -8.24 21.17
CA VAL A 291 91.94 -8.51 22.11
C VAL A 291 90.68 -8.97 21.36
N GLN A 292 89.98 -9.95 21.94
CA GLN A 292 88.75 -10.48 21.35
C GLN A 292 87.51 -9.66 21.75
N ILE A 293 87.31 -8.57 21.03
CA ILE A 293 86.31 -7.56 21.37
C ILE A 293 84.88 -8.11 21.37
N LEU A 294 84.60 -9.04 20.47
CA LEU A 294 83.26 -9.63 20.33
C LEU A 294 82.67 -10.09 21.65
N GLN A 295 83.51 -10.64 22.52
CA GLN A 295 83.04 -11.15 23.82
C GLN A 295 82.80 -10.03 24.84
N TYR A 296 83.11 -8.78 24.44
CA TYR A 296 82.93 -7.63 25.34
C TYR A 296 82.03 -6.53 24.77
N ALA A 297 81.93 -6.46 23.45
CA ALA A 297 81.18 -5.39 22.77
C ALA A 297 79.70 -5.35 23.12
N PHE A 298 79.11 -6.51 23.37
CA PHE A 298 77.69 -6.62 23.71
C PHE A 298 77.31 -5.75 24.92
N PHE A 299 78.19 -5.73 25.92
CA PHE A 299 77.94 -5.04 27.18
C PHE A 299 77.77 -3.53 27.00
N GLY A 300 78.27 -2.99 25.89
CA GLY A 300 78.15 -1.56 25.60
C GLY A 300 76.72 -1.11 25.32
N PRO A 301 76.17 -1.51 24.16
CA PRO A 301 74.76 -1.33 23.78
C PRO A 301 73.72 -1.82 24.82
N PHE A 302 74.12 -2.76 25.68
CA PHE A 302 73.27 -3.24 26.77
C PHE A 302 73.08 -2.14 27.81
N ILE A 303 74.18 -1.54 28.24
CA ILE A 303 74.14 -0.44 29.19
C ILE A 303 73.41 0.74 28.56
N GLY A 304 73.66 0.98 27.28
CA GLY A 304 73.00 2.06 26.54
C GLY A 304 71.48 2.01 26.63
N ALA A 305 70.91 0.83 26.38
CA ALA A 305 69.47 0.64 26.44
C ALA A 305 68.91 0.88 27.85
N LEU A 306 69.48 0.22 28.86
CA LEU A 306 69.10 0.47 30.25
C LEU A 306 69.19 1.94 30.63
N ALA A 307 70.17 2.63 30.09
CA ALA A 307 70.36 4.06 30.35
C ALA A 307 69.24 4.89 29.75
N ARG A 308 68.70 4.43 28.61
CA ARG A 308 67.60 5.09 27.91
C ARG A 308 66.37 5.20 28.81
N SER A 309 66.07 4.11 29.51
CA SER A 309 64.90 4.03 30.40
C SER A 309 65.04 4.97 31.59
N ALA A 310 66.22 4.94 32.23
CA ALA A 310 66.49 5.80 33.37
C ALA A 310 66.59 7.24 32.90
N GLY A 311 66.66 7.42 31.60
CA GLY A 311 66.83 8.74 30.98
C GLY A 311 65.68 9.69 31.28
N GLY A 312 64.46 9.27 30.95
CA GLY A 312 63.25 10.05 31.21
C GLY A 312 62.89 10.09 32.69
N ALA A 313 62.92 8.92 33.33
CA ALA A 313 62.64 8.80 34.77
C ALA A 313 63.51 9.74 35.60
N LEU A 314 64.79 9.84 35.24
CA LEU A 314 65.71 10.79 35.86
C LEU A 314 65.26 12.22 35.55
N SER A 315 64.90 12.43 34.29
CA SER A 315 64.66 13.75 33.72
C SER A 315 63.45 14.48 34.32
N ASP A 316 62.37 13.75 34.58
CA ASP A 316 61.19 14.35 35.21
C ASP A 316 61.36 14.49 36.72
N ARG A 317 62.49 14.03 37.24
CA ARG A 317 62.84 14.23 38.64
C ARG A 317 63.73 15.46 38.88
N LEU A 318 64.55 15.83 37.88
CA LEU A 318 65.35 17.07 37.97
C LEU A 318 65.52 17.87 36.67
N GLY A 319 64.48 17.90 35.84
CA GLY A 319 64.43 18.81 34.70
C GLY A 319 64.85 18.23 33.36
N GLY A 320 64.01 18.41 32.35
CA GLY A 320 64.26 17.88 31.02
C GLY A 320 65.51 18.47 30.39
N THR A 321 65.51 19.78 30.25
CA THR A 321 66.64 20.48 29.66
C THR A 321 67.92 20.34 30.50
N ARG A 322 67.79 20.45 31.82
CA ARG A 322 68.92 20.30 32.76
C ARG A 322 69.73 19.02 32.54
N VAL A 323 69.05 17.87 32.61
CA VAL A 323 69.71 16.58 32.38
C VAL A 323 70.35 16.55 30.98
N THR A 324 69.57 16.89 29.96
CA THR A 324 70.09 16.98 28.60
C THR A 324 71.39 17.80 28.57
N LEU A 325 71.37 18.98 29.19
CA LEU A 325 72.51 19.91 29.19
C LEU A 325 73.73 19.35 29.88
N VAL A 326 73.56 18.91 31.12
CA VAL A 326 74.64 18.32 31.92
C VAL A 326 75.22 17.05 31.27
N ASN A 327 74.35 16.25 30.67
CA ASN A 327 74.74 15.01 30.01
C ASN A 327 75.41 15.21 28.64
N PHE A 328 75.32 16.42 28.09
CA PHE A 328 76.11 16.79 26.92
C PHE A 328 77.50 17.29 27.32
N ILE A 329 77.61 17.77 28.55
CA ILE A 329 78.91 18.04 29.17
C ILE A 329 79.66 16.71 29.34
N LEU A 330 78.97 15.69 29.85
CA LEU A 330 79.57 14.37 30.01
C LEU A 330 79.97 13.75 28.67
N MET A 331 79.07 13.86 27.69
CA MET A 331 79.32 13.29 26.37
C MET A 331 80.47 13.99 25.66
N ALA A 332 80.80 15.20 26.09
CA ALA A 332 81.96 15.94 25.59
C ALA A 332 83.24 15.56 26.33
N ILE A 333 83.17 15.59 27.67
CA ILE A 333 84.26 15.14 28.54
C ILE A 333 84.72 13.73 28.17
N PHE A 334 83.79 12.82 27.95
CA PHE A 334 84.14 11.44 27.59
C PHE A 334 84.64 11.29 26.15
N SER A 335 84.30 12.26 25.29
CA SER A 335 84.81 12.29 23.92
C SER A 335 86.26 12.73 23.87
N GLY A 336 86.64 13.58 24.83
CA GLY A 336 88.02 14.05 24.96
C GLY A 336 88.94 13.01 25.56
N LEU A 337 88.49 12.39 26.65
CA LEU A 337 89.30 11.39 27.36
C LEU A 337 89.56 10.12 26.52
N LEU A 338 88.87 9.98 25.41
CA LEU A 338 89.13 8.88 24.47
C LEU A 338 90.46 9.10 23.75
N PHE A 339 90.81 10.36 23.53
CA PHE A 339 92.10 10.75 22.96
C PHE A 339 93.26 10.17 23.76
N LEU A 340 93.14 10.19 25.09
CA LEU A 340 94.19 9.72 25.99
C LEU A 340 94.17 8.20 26.27
N THR A 341 93.48 7.43 25.43
CA THR A 341 93.48 5.96 25.57
C THR A 341 93.89 5.28 24.28
N LEU A 342 94.02 6.08 23.21
CA LEU A 342 94.44 5.57 21.91
C LEU A 342 95.93 5.25 21.87
N PRO A 343 96.29 4.09 21.29
CA PRO A 343 97.69 3.91 20.93
C PRO A 343 97.94 4.51 19.55
N THR A 344 99.09 5.17 19.38
CA THR A 344 99.52 5.64 18.08
C THR A 344 100.41 4.57 17.44
N ASP A 345 100.30 4.44 16.11
CA ASP A 345 100.97 3.38 15.35
C ASP A 345 102.46 3.25 15.66
N GLY A 346 102.81 2.26 16.48
CA GLY A 346 101.88 1.30 17.05
C GLY A 346 102.65 0.21 17.76
N GLN A 347 102.28 -0.12 18.99
CA GLN A 347 101.12 0.44 19.67
C GLN A 347 101.44 0.72 21.15
N GLY A 348 101.28 1.98 21.55
CA GLY A 348 101.47 2.35 22.95
C GLY A 348 100.24 3.05 23.51
N GLY A 349 99.38 2.30 24.21
CA GLY A 349 98.18 2.87 24.81
C GLY A 349 97.54 1.98 25.85
N SER A 350 96.39 2.41 26.36
CA SER A 350 95.62 1.65 27.35
C SER A 350 94.29 1.14 26.80
N PHE A 351 93.94 -0.11 27.11
CA PHE A 351 92.68 -0.70 26.64
C PHE A 351 91.55 -0.60 27.67
N MET A 352 91.79 -1.09 28.88
CA MET A 352 90.81 -0.98 29.97
C MET A 352 90.19 0.42 30.00
N ALA A 353 91.04 1.43 29.91
CA ALA A 353 90.61 2.83 29.89
C ALA A 353 89.78 3.16 28.64
N PHE A 354 90.27 2.75 27.47
CA PHE A 354 89.56 2.88 26.20
C PHE A 354 88.14 2.31 26.30
N PHE A 355 88.04 1.07 26.78
CA PHE A 355 86.79 0.34 26.92
C PHE A 355 85.85 0.97 27.94
N ALA A 356 86.39 1.38 29.09
CA ALA A 356 85.60 2.04 30.13
C ALA A 356 85.08 3.39 29.67
N VAL A 357 85.93 4.14 28.97
CA VAL A 357 85.54 5.44 28.40
C VAL A 357 84.42 5.27 27.36
N PHE A 358 84.48 4.19 26.58
CA PHE A 358 83.41 3.87 25.64
C PHE A 358 82.14 3.36 26.33
N LEU A 359 82.32 2.55 27.38
CA LEU A 359 81.22 2.14 28.25
C LEU A 359 80.49 3.38 28.80
N ALA A 360 81.26 4.39 29.19
CA ALA A 360 80.67 5.67 29.58
C ALA A 360 79.92 6.33 28.42
N LEU A 361 80.48 6.28 27.21
CA LEU A 361 79.86 6.90 26.03
C LEU A 361 78.58 6.21 25.53
N PHE A 362 78.33 4.98 25.97
CA PHE A 362 77.10 4.26 25.66
C PHE A 362 76.05 4.58 26.71
N LEU A 363 76.49 4.62 27.96
CA LEU A 363 75.66 4.97 29.10
C LEU A 363 75.14 6.40 28.94
N THR A 364 76.06 7.29 28.58
CA THR A 364 75.74 8.70 28.43
C THR A 364 74.80 8.95 27.23
N ALA A 365 74.94 8.13 26.18
CA ALA A 365 74.15 8.25 24.96
C ALA A 365 72.73 7.76 25.19
N GLY A 366 72.62 6.65 25.92
CA GLY A 366 71.32 6.13 26.35
C GLY A 366 70.62 7.18 27.19
N LEU A 367 71.22 7.55 28.31
CA LEU A 367 70.68 8.59 29.20
C LEU A 367 70.08 9.75 28.43
N GLY A 368 70.78 10.20 27.40
CA GLY A 368 70.36 11.32 26.59
C GLY A 368 69.12 11.04 25.76
N SER A 369 69.05 9.83 25.19
CA SER A 369 67.88 9.40 24.42
C SER A 369 66.57 9.54 25.22
N GLY A 370 66.57 8.98 26.43
CA GLY A 370 65.47 9.15 27.36
C GLY A 370 65.25 10.61 27.66
N SER A 371 66.34 11.33 27.92
CA SER A 371 66.30 12.74 28.28
C SER A 371 65.65 13.62 27.20
N THR A 372 65.96 13.31 25.94
CA THR A 372 65.47 14.08 24.79
C THR A 372 63.99 13.80 24.49
N PHE A 373 63.59 12.53 24.64
CA PHE A 373 62.20 12.14 24.47
C PHE A 373 61.26 12.90 25.40
N GLN A 374 61.60 12.95 26.68
CA GLN A 374 60.73 13.61 27.66
C GLN A 374 60.81 15.14 27.56
N MET A 375 61.84 15.64 26.89
CA MET A 375 61.89 17.05 26.51
C MET A 375 60.88 17.33 25.40
N ILE A 376 60.90 16.50 24.36
CA ILE A 376 59.90 16.54 23.28
C ILE A 376 58.49 16.43 23.86
N SER A 377 58.24 15.33 24.59
CA SER A 377 57.01 15.11 25.34
C SER A 377 56.55 16.35 26.11
N VAL A 378 57.46 16.94 26.88
CA VAL A 378 57.18 18.15 27.69
C VAL A 378 56.85 19.37 26.83
N ILE A 379 57.68 19.65 25.82
CA ILE A 379 57.45 20.74 24.89
C ILE A 379 56.05 20.66 24.26
N PHE A 380 55.68 19.48 23.79
CA PHE A 380 54.37 19.30 23.17
C PHE A 380 53.20 19.50 24.13
N ARG A 381 53.42 19.17 25.41
CA ARG A 381 52.40 19.36 26.45
C ARG A 381 52.24 20.84 26.84
N LYS A 382 53.30 21.62 26.68
CA LYS A 382 53.23 23.06 26.91
C LYS A 382 52.50 23.76 25.75
N LEU A 383 52.83 23.37 24.53
CA LEU A 383 52.16 23.90 23.35
C LEU A 383 50.66 23.64 23.36
N THR A 384 50.29 22.39 23.63
CA THR A 384 48.90 21.95 23.63
C THR A 384 48.13 22.56 24.82
N MET A 385 48.81 22.74 25.95
CA MET A 385 48.18 23.37 27.10
C MET A 385 47.72 24.79 26.78
N ASP A 386 48.60 25.56 26.13
CA ASP A 386 48.39 26.98 25.85
C ASP A 386 47.31 27.23 24.79
N ARG A 387 47.30 26.36 23.79
CA ARG A 387 46.37 26.45 22.66
C ARG A 387 44.94 26.16 23.13
N VAL A 388 44.76 25.02 23.78
CA VAL A 388 43.51 24.63 24.45
C VAL A 388 43.01 25.71 25.43
N LYS A 389 43.88 26.22 26.30
CA LYS A 389 43.48 27.25 27.25
C LYS A 389 42.95 28.50 26.53
N ALA A 390 43.49 28.75 25.34
CA ALA A 390 43.06 29.88 24.52
C ALA A 390 41.74 29.56 23.80
N GLU A 391 41.59 28.32 23.36
CA GLU A 391 40.29 27.79 22.88
C GLU A 391 39.29 27.62 24.02
N GLY A 392 39.77 27.71 25.27
CA GLY A 392 38.93 27.57 26.44
C GLY A 392 38.46 26.16 26.76
N GLY A 393 39.28 25.16 26.48
CA GLY A 393 38.89 23.77 26.69
C GLY A 393 39.39 23.15 27.98
N SER A 394 39.27 21.83 28.05
CA SER A 394 39.66 21.05 29.23
C SER A 394 41.08 20.51 29.13
N ASP A 395 41.69 20.30 30.29
CA ASP A 395 43.03 19.73 30.39
C ASP A 395 43.13 18.35 29.74
N GLU A 396 42.03 17.59 29.78
CA GLU A 396 41.97 16.27 29.14
C GLU A 396 42.26 16.35 27.64
N ARG A 397 41.65 17.32 26.97
CA ARG A 397 41.91 17.55 25.55
C ARG A 397 43.39 17.84 25.32
N ALA A 398 43.95 18.75 26.12
CA ALA A 398 45.37 19.08 26.07
C ALA A 398 46.30 17.87 26.27
N MET A 399 45.98 17.04 27.27
CA MET A 399 46.73 15.80 27.52
C MET A 399 46.73 14.90 26.29
N ARG A 400 45.53 14.62 25.77
CA ARG A 400 45.34 13.73 24.62
C ARG A 400 46.08 14.21 23.39
N GLU A 401 45.92 15.51 23.09
CA GLU A 401 46.51 16.12 21.90
C GLU A 401 48.04 16.15 21.94
N ALA A 402 48.60 16.43 23.11
CA ALA A 402 50.04 16.35 23.33
C ALA A 402 50.56 14.94 23.09
N ALA A 403 49.78 13.93 23.52
CA ALA A 403 50.14 12.53 23.28
C ALA A 403 50.10 12.16 21.79
N THR A 404 49.19 12.78 21.05
CA THR A 404 49.10 12.56 19.60
C THR A 404 50.24 13.25 18.86
N ASP A 405 50.49 14.50 19.22
CA ASP A 405 51.55 15.29 18.61
C ASP A 405 52.96 14.68 18.72
N THR A 406 53.31 14.22 19.92
CA THR A 406 54.62 13.59 20.11
C THR A 406 54.71 12.29 19.31
N ALA A 407 53.58 11.62 19.14
CA ALA A 407 53.52 10.37 18.35
C ALA A 407 53.58 10.64 16.86
N ALA A 408 52.97 11.74 16.42
CA ALA A 408 53.01 12.17 15.03
C ALA A 408 54.41 12.66 14.70
N ALA A 409 55.02 13.38 15.65
CA ALA A 409 56.37 13.90 15.49
C ALA A 409 57.43 12.79 15.51
N LEU A 410 57.15 11.71 16.22
CA LEU A 410 58.14 10.65 16.48
C LEU A 410 58.72 10.01 15.21
N GLY A 411 57.89 9.81 14.20
CA GLY A 411 58.37 9.27 12.92
C GLY A 411 59.48 10.10 12.28
N PHE A 412 59.35 11.42 12.37
CA PHE A 412 60.30 12.35 11.77
C PHE A 412 61.55 12.51 12.65
N ILE A 413 61.33 12.68 13.96
CA ILE A 413 62.43 12.88 14.92
C ILE A 413 63.34 11.66 14.96
N SER A 414 62.77 10.46 14.85
CA SER A 414 63.54 9.23 14.89
C SER A 414 64.18 8.94 13.53
N ALA A 415 63.72 9.60 12.48
CA ALA A 415 64.32 9.48 11.16
C ALA A 415 65.64 10.24 11.12
N ILE A 416 65.60 11.54 11.42
CA ILE A 416 66.81 12.36 11.58
C ILE A 416 67.77 11.70 12.57
N GLY A 417 67.26 11.27 13.72
CA GLY A 417 68.08 10.67 14.77
C GLY A 417 68.89 9.45 14.32
N ALA A 418 68.30 8.67 13.41
CA ALA A 418 68.94 7.45 12.91
C ALA A 418 70.05 7.72 11.89
N ILE A 419 70.19 8.97 11.44
CA ILE A 419 71.22 9.35 10.47
C ILE A 419 72.64 9.22 11.07
N GLY A 420 72.73 9.32 12.39
CA GLY A 420 74.01 9.24 13.11
C GLY A 420 74.59 7.85 13.24
N GLY A 421 73.81 6.84 12.89
CA GLY A 421 74.31 5.46 12.87
C GLY A 421 75.10 5.21 11.60
N PHE A 422 75.14 6.23 10.75
CA PHE A 422 75.93 6.21 9.53
C PHE A 422 77.18 7.06 9.67
N PHE A 423 77.00 8.35 9.97
CA PHE A 423 78.11 9.30 10.07
C PHE A 423 79.23 8.80 10.99
N ILE A 424 78.87 8.37 12.19
CA ILE A 424 79.86 7.91 13.17
C ILE A 424 80.83 6.86 12.62
N PRO A 425 80.33 5.69 12.15
CA PRO A 425 81.28 4.71 11.60
C PRO A 425 81.86 5.06 10.22
N LYS A 426 81.20 5.97 9.51
CA LYS A 426 81.75 6.53 8.28
C LYS A 426 82.92 7.47 8.60
N ALA A 427 82.74 8.27 9.65
CA ALA A 427 83.80 9.16 10.15
C ALA A 427 85.03 8.39 10.63
N PHE A 428 84.81 7.22 11.24
CA PHE A 428 85.89 6.33 11.65
C PHE A 428 86.55 5.67 10.45
N GLY A 429 85.84 5.63 9.33
CA GLY A 429 86.41 5.13 8.09
C GLY A 429 87.29 6.18 7.45
N SER A 430 86.73 7.36 7.22
CA SER A 430 87.44 8.48 6.58
C SER A 430 88.46 9.17 7.48
N SER A 431 88.57 8.71 8.73
CA SER A 431 89.66 9.14 9.60
C SER A 431 90.82 8.18 9.41
N LEU A 432 90.52 6.88 9.39
CA LEU A 432 91.54 5.86 9.21
C LEU A 432 92.10 5.83 7.79
N ALA A 433 91.22 5.75 6.80
CA ALA A 433 91.64 5.65 5.39
C ALA A 433 92.45 6.88 4.96
N LEU A 434 92.18 8.02 5.57
CA LEU A 434 93.00 9.22 5.35
C LEU A 434 94.21 9.26 6.30
N THR A 435 94.04 9.83 7.49
CA THR A 435 95.15 10.06 8.41
C THR A 435 95.68 8.81 9.13
N GLY A 436 95.16 7.62 8.81
CA GLY A 436 95.61 6.38 9.44
C GLY A 436 95.38 6.31 10.94
N SER A 437 94.52 7.21 11.43
CA SER A 437 94.25 7.35 12.86
C SER A 437 92.77 7.69 13.10
N PRO A 438 92.21 7.21 14.23
CA PRO A 438 90.87 7.63 14.63
C PRO A 438 90.80 9.04 15.22
N VAL A 439 91.95 9.68 15.45
CA VAL A 439 92.00 11.03 16.04
C VAL A 439 91.25 12.09 15.23
N GLY A 440 91.19 11.90 13.92
CA GLY A 440 90.51 12.84 13.02
C GLY A 440 89.00 12.86 13.22
N ALA A 441 88.39 11.67 13.23
CA ALA A 441 86.97 11.50 13.49
C ALA A 441 86.57 12.08 14.85
N MET A 442 87.18 11.55 15.90
CA MET A 442 86.91 11.95 17.28
C MET A 442 87.00 13.44 17.54
N LYS A 443 87.81 14.13 16.74
CA LYS A 443 87.94 15.58 16.79
C LYS A 443 86.62 16.25 16.36
N VAL A 444 85.97 15.65 15.35
CA VAL A 444 84.65 16.11 14.87
C VAL A 444 83.60 15.88 15.96
N PHE A 445 83.64 14.69 16.57
CA PHE A 445 82.70 14.34 17.63
C PHE A 445 82.78 15.33 18.79
N LEU A 446 83.98 15.62 19.25
CA LEU A 446 84.21 16.58 20.33
C LEU A 446 83.65 17.96 20.03
N ILE A 447 83.81 18.42 18.79
CA ILE A 447 83.29 19.74 18.37
C ILE A 447 81.77 19.73 18.39
N PHE A 448 81.19 18.61 17.94
CA PHE A 448 79.74 18.45 17.88
C PHE A 448 79.09 18.44 19.26
N TYR A 449 79.64 17.67 20.20
CA TYR A 449 79.11 17.62 21.54
C TYR A 449 79.30 18.93 22.29
N ILE A 450 80.34 19.68 21.90
CA ILE A 450 80.49 21.05 22.38
C ILE A 450 79.37 21.91 21.79
N ALA A 451 79.12 21.76 20.49
CA ALA A 451 78.04 22.48 19.81
C ALA A 451 76.67 22.17 20.41
N CYS A 452 76.51 20.95 20.92
CA CYS A 452 75.25 20.50 21.51
C CYS A 452 75.08 20.98 22.94
N VAL A 453 76.18 21.24 23.64
CA VAL A 453 76.12 21.92 24.93
C VAL A 453 75.66 23.35 24.68
N VAL A 454 76.27 24.00 23.69
CA VAL A 454 75.96 25.37 23.30
C VAL A 454 74.51 25.51 22.87
N ILE A 455 74.09 24.71 21.90
CA ILE A 455 72.75 24.80 21.30
C ILE A 455 71.61 24.41 22.25
N THR A 456 71.96 23.81 23.39
CA THR A 456 70.99 23.50 24.45
C THR A 456 70.87 24.61 25.48
N TRP A 457 71.99 25.23 25.85
CA TRP A 457 71.96 26.35 26.78
C TRP A 457 71.27 27.51 26.14
N ALA A 458 71.77 27.91 24.97
CA ALA A 458 71.26 29.05 24.22
C ALA A 458 69.75 28.98 23.95
N VAL A 459 69.24 27.79 23.65
CA VAL A 459 67.85 27.61 23.23
C VAL A 459 66.93 27.14 24.37
N TYR A 460 67.49 26.81 25.54
CA TYR A 460 66.67 26.38 26.67
C TYR A 460 67.05 26.98 28.04
N GLY A 461 67.84 26.24 28.82
CA GLY A 461 68.16 26.63 30.20
C GLY A 461 68.90 27.96 30.31
N GLN B 1 30.37 -24.09 19.99
CA GLN B 1 28.96 -23.74 20.34
C GLN B 1 28.87 -22.74 21.50
N ILE B 2 28.72 -21.46 21.18
CA ILE B 2 28.44 -20.44 22.19
C ILE B 2 26.93 -20.42 22.48
N GLN B 3 26.58 -20.39 23.75
CA GLN B 3 25.18 -20.43 24.14
C GLN B 3 24.92 -19.68 25.45
N LEU B 4 23.78 -19.01 25.56
CA LEU B 4 23.34 -18.45 26.83
C LEU B 4 21.95 -18.98 27.10
N VAL B 5 21.78 -19.77 28.15
CA VAL B 5 20.50 -20.39 28.45
C VAL B 5 19.88 -19.78 29.72
N GLN B 6 18.61 -19.39 29.61
CA GLN B 6 18.00 -18.56 30.64
C GLN B 6 17.02 -19.34 31.48
N SER B 7 16.78 -18.84 32.68
CA SER B 7 15.83 -19.45 33.60
C SER B 7 14.43 -19.45 32.97
N GLY B 8 13.58 -20.40 33.35
CA GLY B 8 12.24 -20.52 32.76
C GLY B 8 11.22 -19.47 33.21
N PRO B 9 9.99 -19.51 32.64
CA PRO B 9 9.00 -18.46 32.89
C PRO B 9 8.61 -18.34 34.35
N GLY B 10 8.21 -17.15 34.77
CA GLY B 10 7.84 -16.93 36.17
C GLY B 10 6.55 -16.13 36.30
N LEU B 11 5.70 -16.52 37.24
CA LEU B 11 4.51 -15.73 37.52
C LEU B 11 4.63 -15.17 38.93
N LYS B 12 4.41 -13.86 39.08
CA LYS B 12 4.51 -13.22 40.39
C LYS B 12 3.39 -12.21 40.59
N LYS B 13 3.12 -11.86 41.85
CA LYS B 13 2.10 -10.87 42.16
C LYS B 13 2.72 -9.50 42.27
N PRO B 14 1.94 -8.45 41.98
CA PRO B 14 2.44 -7.10 42.17
C PRO B 14 3.01 -6.97 43.58
N GLY B 15 4.26 -6.54 43.69
CA GLY B 15 4.89 -6.25 44.98
C GLY B 15 6.08 -7.13 45.28
N GLN B 16 6.22 -8.21 44.52
CA GLN B 16 7.20 -9.23 44.80
C GLN B 16 8.47 -9.02 44.00
N THR B 17 9.35 -10.00 44.02
CA THR B 17 10.66 -9.87 43.40
C THR B 17 10.89 -11.06 42.50
N VAL B 18 11.45 -10.85 41.30
CA VAL B 18 11.95 -11.98 40.51
C VAL B 18 13.40 -11.82 40.34
N LYS B 19 14.05 -12.88 39.93
CA LYS B 19 15.46 -12.87 39.63
C LYS B 19 15.66 -13.90 38.55
N ILE B 20 16.10 -13.46 37.40
CA ILE B 20 16.28 -14.31 36.23
C ILE B 20 17.77 -14.57 36.03
N SER B 21 18.14 -15.74 35.54
CA SER B 21 19.54 -16.03 35.35
C SER B 21 19.88 -16.34 33.89
N CYS B 22 21.16 -16.34 33.58
CA CYS B 22 21.61 -16.52 32.21
C CYS B 22 22.97 -17.24 32.27
N LYS B 23 23.03 -18.50 31.85
CA LYS B 23 24.30 -19.24 31.91
C LYS B 23 24.98 -19.14 30.57
N ALA B 24 26.18 -18.58 30.57
CA ALA B 24 26.95 -18.47 29.34
C ALA B 24 27.92 -19.63 29.24
N SER B 25 28.11 -20.15 28.03
CA SER B 25 29.11 -21.18 27.83
C SER B 25 29.60 -21.19 26.38
N GLY B 26 30.77 -21.78 26.17
CA GLY B 26 31.35 -21.85 24.82
C GLY B 26 32.37 -20.76 24.57
N TYR B 27 32.53 -19.89 25.56
CA TYR B 27 33.46 -18.77 25.46
C TYR B 27 33.88 -18.37 26.87
N SER B 28 34.98 -17.64 26.95
CA SER B 28 35.53 -17.19 28.22
C SER B 28 34.64 -16.04 28.76
N PHE B 29 33.99 -16.28 29.91
CA PHE B 29 32.89 -15.45 30.39
C PHE B 29 33.25 -13.98 30.62
N THR B 30 34.35 -13.77 31.33
CA THR B 30 34.76 -12.41 31.78
C THR B 30 35.33 -11.50 30.68
N ASP B 31 35.28 -11.95 29.43
CA ASP B 31 35.80 -11.21 28.29
C ASP B 31 34.76 -10.36 27.57
N TYR B 32 33.51 -10.53 27.95
CA TYR B 32 32.41 -9.86 27.28
C TYR B 32 31.43 -9.31 28.30
N GLY B 33 30.94 -8.10 28.07
CA GLY B 33 29.81 -7.58 28.84
C GLY B 33 28.55 -8.39 28.57
N MET B 34 27.53 -8.18 29.41
CA MET B 34 26.23 -8.82 29.25
C MET B 34 25.18 -7.73 29.23
N ASN B 35 24.31 -7.79 28.23
CA ASN B 35 23.20 -6.86 28.12
C ASN B 35 21.89 -7.49 28.56
N TRP B 36 20.98 -6.65 29.03
CA TRP B 36 19.62 -7.09 29.27
C TRP B 36 18.62 -6.32 28.46
N VAL B 37 17.85 -7.04 27.65
CA VAL B 37 16.82 -6.44 26.83
C VAL B 37 15.44 -6.82 27.36
N LYS B 38 14.55 -5.83 27.45
CA LYS B 38 13.13 -6.04 27.76
C LYS B 38 12.22 -5.98 26.52
N GLN B 39 11.23 -6.87 26.47
CA GLN B 39 10.20 -6.85 25.45
C GLN B 39 8.80 -7.04 26.05
N ALA B 40 8.07 -5.96 26.29
CA ALA B 40 6.69 -6.04 26.78
C ALA B 40 5.82 -6.63 25.67
N PRO B 41 4.67 -7.24 26.04
CA PRO B 41 3.87 -7.88 25.00
C PRO B 41 3.40 -6.86 23.96
N GLY B 42 3.69 -7.16 22.69
CA GLY B 42 3.34 -6.26 21.58
C GLY B 42 4.11 -4.94 21.48
N LYS B 43 5.12 -4.76 22.33
CA LYS B 43 6.05 -3.65 22.16
C LYS B 43 7.30 -4.14 21.44
N GLY B 44 8.24 -3.23 21.20
CA GLY B 44 9.51 -3.59 20.60
C GLY B 44 10.57 -3.79 21.66
N LEU B 45 11.79 -4.04 21.23
CA LEU B 45 12.89 -4.29 22.15
C LEU B 45 13.33 -3.03 22.92
N GLU B 46 13.51 -3.16 24.22
CA GLU B 46 13.98 -2.08 25.06
C GLU B 46 15.33 -2.48 25.67
N TRP B 47 16.32 -1.61 25.58
CA TRP B 47 17.61 -1.87 26.25
C TRP B 47 17.54 -1.37 27.64
N MET B 48 17.78 -2.29 28.57
CA MET B 48 17.76 -1.99 29.99
C MET B 48 19.10 -1.47 30.53
N GLY B 49 20.19 -2.05 30.06
CA GLY B 49 21.51 -1.75 30.57
C GLY B 49 22.51 -2.84 30.23
N TRP B 50 23.69 -2.80 30.84
CA TRP B 50 24.63 -3.93 30.75
C TRP B 50 25.40 -4.10 32.03
N ILE B 51 26.07 -5.23 32.20
CA ILE B 51 26.98 -5.42 33.31
C ILE B 51 28.34 -5.77 32.74
N ASN B 52 29.36 -5.20 33.36
CA ASN B 52 30.75 -5.41 32.98
C ASN B 52 31.29 -6.68 33.66
N THR B 53 31.51 -7.74 32.90
CA THR B 53 31.90 -9.01 33.49
C THR B 53 33.33 -9.06 34.06
N SER B 54 34.12 -8.01 33.83
CA SER B 54 35.50 -8.02 34.32
C SER B 54 35.64 -7.14 35.57
N ASN B 55 34.53 -6.67 36.11
CA ASN B 55 34.62 -5.77 37.24
C ASN B 55 33.29 -5.67 38.00
N GLY B 56 32.25 -6.24 37.40
CA GLY B 56 30.93 -6.34 38.02
C GLY B 56 30.11 -5.07 38.12
N TYR B 57 30.63 -3.99 37.58
CA TYR B 57 29.95 -2.71 37.53
C TYR B 57 28.79 -2.79 36.54
N THR B 58 27.60 -2.51 37.06
CA THR B 58 26.37 -2.38 36.28
C THR B 58 26.17 -0.99 35.69
N THR B 59 25.41 -0.92 34.60
CA THR B 59 25.10 0.35 33.93
C THR B 59 23.67 0.36 33.43
N TYR B 60 22.87 1.30 33.93
CA TYR B 60 21.44 1.27 33.70
C TYR B 60 20.96 2.37 32.77
N GLY B 61 20.01 2.03 31.90
CA GLY B 61 19.33 2.99 31.03
C GLY B 61 18.34 3.80 31.85
N ALA B 62 18.21 5.09 31.52
CA ALA B 62 17.39 6.03 32.29
C ALA B 62 16.12 5.38 32.85
N ALA B 63 15.45 4.57 32.02
CA ALA B 63 14.18 3.91 32.41
C ALA B 63 14.31 2.80 33.47
N PHE B 64 15.50 2.21 33.63
CA PHE B 64 15.67 1.08 34.55
C PHE B 64 16.48 1.40 35.81
N LYS B 65 16.34 2.65 36.25
CA LYS B 65 16.99 3.12 37.46
C LYS B 65 16.06 3.06 38.67
N GLY B 66 16.28 2.06 39.53
CA GLY B 66 15.52 1.96 40.79
C GLY B 66 15.28 0.52 41.21
N ARG B 67 14.36 -0.16 40.53
CA ARG B 67 13.93 -1.49 40.93
C ARG B 67 14.73 -2.63 40.28
N PHE B 68 15.74 -2.29 39.48
CA PHE B 68 16.49 -3.27 38.71
C PHE B 68 17.92 -3.41 39.18
N SER B 69 18.40 -4.66 39.20
CA SER B 69 19.77 -4.94 39.58
C SER B 69 20.35 -6.02 38.70
N PHE B 70 21.50 -5.75 38.11
CA PHE B 70 22.21 -6.82 37.45
C PHE B 70 23.28 -7.20 38.42
N SER B 71 23.62 -8.47 38.41
CA SER B 71 24.63 -9.01 39.28
C SER B 71 25.24 -10.17 38.52
N VAL B 72 26.37 -10.67 39.01
CA VAL B 72 27.15 -11.65 38.27
C VAL B 72 27.49 -12.79 39.26
N ASP B 73 27.86 -13.96 38.72
CA ASP B 73 28.57 -15.00 39.48
C ASP B 73 29.65 -15.66 38.59
N ASN B 74 30.85 -15.05 38.58
CA ASN B 74 31.88 -15.39 37.60
C ASN B 74 32.25 -16.88 37.49
N SER B 75 32.23 -17.58 38.63
CA SER B 75 32.59 -19.01 38.68
C SER B 75 31.48 -19.87 38.07
N ALA B 76 30.22 -19.56 38.43
CA ALA B 76 29.05 -20.11 37.75
C ALA B 76 28.98 -19.64 36.28
N SER B 77 29.69 -18.56 35.95
CA SER B 77 29.81 -18.12 34.57
C SER B 77 28.42 -17.70 34.08
N THR B 78 27.68 -17.05 34.97
CA THR B 78 26.28 -16.70 34.75
C THR B 78 25.96 -15.31 35.30
N ALA B 79 25.00 -14.63 34.67
CA ALA B 79 24.55 -13.32 35.14
C ALA B 79 23.08 -13.34 35.55
N TYR B 80 22.67 -12.38 36.37
CA TYR B 80 21.31 -12.36 36.88
C TYR B 80 20.70 -10.98 36.76
N LEU B 81 19.40 -10.94 36.46
CA LEU B 81 18.63 -9.71 36.53
C LEU B 81 17.61 -9.88 37.63
N GLN B 82 17.69 -9.02 38.65
CA GLN B 82 16.72 -9.00 39.73
C GLN B 82 15.78 -7.80 39.62
N LEU B 83 14.50 -8.08 39.66
CA LEU B 83 13.48 -7.05 39.57
C LEU B 83 12.74 -7.01 40.89
N SER B 84 12.62 -5.85 41.50
CA SER B 84 12.02 -5.76 42.83
C SER B 84 10.77 -4.88 42.83
N ASN B 85 9.91 -5.06 43.80
CA ASN B 85 8.65 -4.33 43.88
C ASN B 85 7.97 -4.31 42.53
N LEU B 86 7.66 -5.51 42.01
CA LEU B 86 7.07 -5.70 40.67
C LEU B 86 5.74 -4.99 40.47
N LYS B 87 5.59 -4.40 39.27
CA LYS B 87 4.38 -3.72 38.82
C LYS B 87 3.90 -4.43 37.57
N THR B 88 2.61 -4.33 37.27
CA THR B 88 2.05 -4.95 36.05
C THR B 88 2.90 -4.63 34.82
N ALA B 89 3.41 -3.41 34.75
CA ALA B 89 4.29 -2.97 33.65
C ALA B 89 5.57 -3.82 33.42
N ASP B 90 5.92 -4.71 34.36
CA ASP B 90 7.15 -5.49 34.24
C ASP B 90 6.89 -6.79 33.50
N THR B 91 5.62 -7.02 33.17
CA THR B 91 5.22 -8.16 32.37
C THR B 91 5.88 -8.03 31.01
N ALA B 92 6.71 -9.01 30.68
CA ALA B 92 7.57 -8.94 29.51
C ALA B 92 8.38 -10.20 29.38
N VAL B 93 9.00 -10.38 28.22
CA VAL B 93 9.97 -11.41 28.01
C VAL B 93 11.30 -10.68 28.11
N TYR B 94 12.25 -11.29 28.80
CA TYR B 94 13.51 -10.65 29.13
C TYR B 94 14.64 -11.45 28.55
N PHE B 95 15.49 -10.78 27.78
CA PHE B 95 16.64 -11.42 27.17
C PHE B 95 17.93 -10.97 27.82
N CYS B 96 18.90 -11.87 27.85
CA CYS B 96 20.28 -11.52 28.11
C CYS B 96 20.98 -11.66 26.77
N ALA B 97 21.86 -10.71 26.45
CA ALA B 97 22.66 -10.83 25.25
C ALA B 97 24.07 -10.31 25.48
N ARG B 98 25.00 -10.87 24.71
CA ARG B 98 26.40 -10.74 25.03
C ARG B 98 27.10 -9.70 24.15
N SER B 99 27.83 -8.79 24.81
CA SER B 99 28.71 -7.76 24.21
C SER B 99 28.07 -6.39 24.11
N TRP B 100 28.67 -5.40 24.75
CA TRP B 100 28.33 -4.00 24.57
C TRP B 100 29.01 -3.48 23.31
N TYR B 101 30.13 -4.08 22.93
CA TYR B 101 31.14 -3.35 22.20
C TYR B 101 31.49 -3.64 20.71
N ASN B 102 32.06 -4.79 20.35
CA ASN B 102 32.44 -4.92 18.93
C ASN B 102 31.24 -5.37 18.10
N ARG B 103 30.75 -6.57 18.39
CA ARG B 103 29.56 -7.10 17.77
C ARG B 103 28.48 -7.09 18.84
N ALA B 104 27.96 -5.89 19.13
CA ALA B 104 27.01 -5.69 20.23
C ALA B 104 25.88 -6.69 20.17
N MET B 105 25.68 -7.39 21.29
CA MET B 105 24.61 -8.38 21.47
C MET B 105 24.61 -9.36 20.34
N ASP B 106 25.75 -10.03 20.14
CA ASP B 106 25.93 -10.99 19.05
C ASP B 106 25.43 -12.40 19.33
N TYR B 107 25.05 -12.65 20.59
CA TYR B 107 24.37 -13.89 21.00
C TYR B 107 23.35 -13.56 22.06
N TRP B 108 22.16 -14.14 21.91
CA TRP B 108 21.10 -13.90 22.86
C TRP B 108 20.70 -15.14 23.60
N GLY B 109 20.18 -14.95 24.81
CA GLY B 109 19.50 -16.02 25.51
C GLY B 109 18.21 -16.31 24.76
N GLN B 110 17.44 -17.29 25.22
CA GLN B 110 16.23 -17.72 24.53
C GLN B 110 15.05 -16.91 25.04
N GLY B 111 15.28 -16.08 26.04
CA GLY B 111 14.21 -15.24 26.58
C GLY B 111 13.51 -15.92 27.73
N THR B 112 12.89 -15.12 28.59
CA THR B 112 12.36 -15.52 29.89
C THR B 112 11.14 -14.66 30.17
N SER B 113 9.97 -15.30 30.25
CA SER B 113 8.72 -14.57 30.31
C SER B 113 8.36 -14.31 31.74
N VAL B 114 8.14 -13.06 32.10
CA VAL B 114 7.67 -12.78 33.44
C VAL B 114 6.27 -12.18 33.39
N THR B 115 5.31 -12.86 34.04
CA THR B 115 3.94 -12.33 34.14
C THR B 115 3.71 -11.73 35.54
N VAL B 116 3.34 -10.44 35.57
CA VAL B 116 2.98 -9.84 36.85
C VAL B 116 1.47 -9.79 36.98
N SER B 117 0.92 -10.66 37.80
CA SER B 117 -0.53 -10.80 37.92
C SER B 117 -0.99 -11.22 39.32
N SER B 118 -2.29 -11.07 39.57
CA SER B 118 -2.90 -11.58 40.79
C SER B 118 -3.73 -12.83 40.53
N ALA B 119 -4.02 -13.10 39.25
CA ALA B 119 -4.82 -14.27 38.90
C ALA B 119 -4.24 -15.56 39.49
N LYS B 120 -5.16 -16.42 39.92
CA LYS B 120 -4.84 -17.67 40.58
C LYS B 120 -4.37 -18.63 39.53
N THR B 121 -3.41 -19.48 39.85
CA THR B 121 -3.02 -20.47 38.87
C THR B 121 -3.96 -21.68 38.86
N THR B 122 -4.47 -22.02 37.67
CA THR B 122 -5.41 -23.13 37.52
C THR B 122 -5.00 -24.02 36.36
N ALA B 123 -5.31 -25.32 36.46
CA ALA B 123 -4.97 -26.30 35.42
C ALA B 123 -5.88 -26.15 34.20
N PRO B 124 -5.44 -26.64 33.04
CA PRO B 124 -6.33 -26.55 31.87
C PRO B 124 -7.30 -27.72 31.77
N SER B 125 -8.45 -27.46 31.13
CA SER B 125 -9.35 -28.50 30.70
C SER B 125 -9.00 -28.79 29.27
N VAL B 126 -8.67 -30.03 28.98
CA VAL B 126 -8.25 -30.43 27.64
C VAL B 126 -9.34 -31.25 26.95
N TYR B 127 -10.06 -30.61 26.03
CA TYR B 127 -11.11 -31.30 25.28
C TYR B 127 -10.65 -31.79 23.92
N PRO B 128 -10.88 -33.08 23.61
CA PRO B 128 -10.62 -33.62 22.29
C PRO B 128 -11.71 -33.15 21.34
N LEU B 129 -11.35 -32.82 20.11
CA LEU B 129 -12.30 -32.40 19.09
C LEU B 129 -12.25 -33.34 17.88
N ALA B 130 -13.34 -34.09 17.68
CA ALA B 130 -13.45 -35.03 16.58
C ALA B 130 -14.41 -34.50 15.53
N PRO B 131 -14.22 -34.88 14.24
CA PRO B 131 -15.10 -34.44 13.14
C PRO B 131 -16.56 -34.85 13.35
N VAL B 132 -17.48 -34.07 12.78
CA VAL B 132 -18.93 -34.27 12.97
C VAL B 132 -19.54 -35.45 12.18
N THR B 137 -15.54 -34.57 3.92
CA THR B 137 -14.82 -35.80 3.56
C THR B 137 -14.04 -35.63 2.25
N GLY B 138 -12.80 -35.16 2.37
CA GLY B 138 -11.85 -35.21 1.27
C GLY B 138 -11.09 -36.52 1.42
N SER B 139 -9.82 -36.50 1.08
CA SER B 139 -8.94 -37.64 1.37
C SER B 139 -8.17 -37.39 2.67
N SER B 140 -8.51 -36.27 3.32
CA SER B 140 -7.84 -35.84 4.55
C SER B 140 -8.83 -35.27 5.57
N VAL B 141 -8.65 -35.66 6.83
CA VAL B 141 -9.48 -35.18 7.95
C VAL B 141 -8.67 -34.28 8.88
N THR B 142 -9.36 -33.34 9.54
CA THR B 142 -8.69 -32.54 10.56
C THR B 142 -9.28 -32.79 11.96
N LEU B 143 -8.41 -33.11 12.91
CA LEU B 143 -8.81 -33.27 14.30
C LEU B 143 -8.31 -32.04 15.06
N GLY B 144 -8.91 -31.79 16.21
CA GLY B 144 -8.56 -30.63 17.03
C GLY B 144 -8.42 -30.91 18.49
N CYS B 145 -7.82 -29.97 19.22
CA CYS B 145 -7.69 -30.04 20.67
C CYS B 145 -8.00 -28.68 21.28
N LEU B 146 -8.98 -28.62 22.18
CA LEU B 146 -9.34 -27.38 22.88
C LEU B 146 -8.77 -27.42 24.29
N VAL B 147 -8.06 -26.37 24.68
CA VAL B 147 -7.38 -26.34 25.96
C VAL B 147 -7.86 -25.11 26.73
N LYS B 148 -8.81 -25.31 27.63
CA LYS B 148 -9.55 -24.20 28.24
C LYS B 148 -9.32 -23.98 29.71
N GLY B 149 -9.48 -22.73 30.14
CA GLY B 149 -9.53 -22.37 31.57
C GLY B 149 -8.26 -22.43 32.40
N TYR B 150 -7.10 -22.17 31.80
CA TYR B 150 -5.84 -22.21 32.55
C TYR B 150 -5.21 -20.84 32.72
N PHE B 151 -4.28 -20.75 33.67
CA PHE B 151 -3.48 -19.54 33.94
C PHE B 151 -2.30 -19.92 34.83
N PRO B 152 -1.09 -19.43 34.53
CA PRO B 152 -0.68 -18.56 33.44
C PRO B 152 -0.12 -19.35 32.28
N GLU B 153 0.40 -18.63 31.31
CA GLU B 153 1.15 -19.19 30.23
C GLU B 153 2.51 -19.65 30.78
N PRO B 154 3.16 -20.63 30.12
CA PRO B 154 2.70 -21.32 28.93
C PRO B 154 2.11 -22.70 29.18
N VAL B 155 1.15 -23.08 28.35
CA VAL B 155 0.85 -24.46 28.08
C VAL B 155 1.74 -24.85 26.91
N THR B 156 2.10 -26.13 26.79
CA THR B 156 2.70 -26.63 25.56
C THR B 156 1.88 -27.83 25.12
N LEU B 157 1.73 -28.02 23.81
CA LEU B 157 0.87 -29.09 23.28
C LEU B 157 1.48 -29.78 22.04
N THR B 158 1.57 -31.11 22.08
CA THR B 158 2.07 -31.88 20.94
C THR B 158 1.04 -32.91 20.45
N TRP B 159 1.38 -33.65 19.41
CA TRP B 159 0.50 -34.69 18.88
C TRP B 159 1.27 -35.94 18.77
N ASN B 160 0.73 -37.04 19.32
CA ASN B 160 1.46 -38.30 19.48
C ASN B 160 2.88 -38.09 20.01
N SER B 161 2.98 -37.25 21.04
CA SER B 161 4.25 -36.91 21.73
C SER B 161 5.36 -36.31 20.86
N GLY B 162 4.99 -35.60 19.78
CA GLY B 162 5.98 -35.06 18.85
C GLY B 162 6.00 -35.72 17.48
N SER B 163 5.68 -37.01 17.41
CA SER B 163 5.67 -37.80 16.15
C SER B 163 4.86 -37.19 15.00
N LEU B 164 3.78 -36.48 15.36
CA LEU B 164 2.90 -35.87 14.39
C LEU B 164 3.06 -34.37 14.50
N SER B 165 4.09 -33.85 13.84
CA SER B 165 4.42 -32.43 13.92
C SER B 165 4.13 -31.65 12.64
N SER B 166 3.86 -32.36 11.55
CA SER B 166 3.47 -31.68 10.31
C SER B 166 1.96 -31.83 10.07
N GLY B 167 1.31 -30.74 9.66
CA GLY B 167 -0.15 -30.70 9.59
C GLY B 167 -0.74 -30.01 10.80
N VAL B 168 0.13 -29.46 11.64
CA VAL B 168 -0.29 -28.90 12.92
C VAL B 168 -0.36 -27.38 12.88
N HIS B 169 -1.37 -26.83 13.54
CA HIS B 169 -1.46 -25.40 13.74
C HIS B 169 -1.88 -25.15 15.14
N THR B 170 -0.96 -24.73 16.00
CA THR B 170 -1.32 -24.39 17.37
C THR B 170 -1.54 -22.88 17.47
N PHE B 171 -2.70 -22.50 17.97
CA PHE B 171 -3.08 -21.12 17.90
C PHE B 171 -2.68 -20.40 19.18
N PRO B 172 -2.10 -19.19 19.07
CA PRO B 172 -1.65 -18.46 20.25
C PRO B 172 -2.78 -18.36 21.26
N ALA B 173 -2.46 -18.57 22.53
CA ALA B 173 -3.46 -18.54 23.59
C ALA B 173 -4.11 -17.17 23.64
N VAL B 174 -5.40 -17.12 23.97
CA VAL B 174 -6.12 -15.85 24.16
C VAL B 174 -6.68 -15.77 25.58
N LEU B 175 -6.32 -14.71 26.30
CA LEU B 175 -6.72 -14.52 27.70
C LEU B 175 -8.11 -13.89 27.78
N GLN B 176 -8.88 -14.29 28.78
CA GLN B 176 -10.22 -13.78 28.99
C GLN B 176 -10.69 -14.07 30.42
N SER B 177 -11.17 -13.03 31.11
CA SER B 177 -11.68 -13.15 32.48
C SER B 177 -10.66 -13.86 33.35
N ASP B 178 -9.40 -13.44 33.23
CA ASP B 178 -8.26 -14.05 33.93
C ASP B 178 -7.98 -15.52 33.62
N LEU B 179 -8.34 -15.99 32.41
CA LEU B 179 -8.07 -17.38 31.99
C LEU B 179 -7.77 -17.52 30.50
N TYR B 180 -6.63 -18.08 30.16
CA TYR B 180 -6.29 -18.32 28.76
C TYR B 180 -7.07 -19.48 28.19
N THR B 181 -7.36 -19.41 26.90
CA THR B 181 -7.75 -20.60 26.15
C THR B 181 -7.01 -20.69 24.83
N LEU B 182 -6.64 -21.91 24.47
CA LEU B 182 -5.80 -22.20 23.32
C LEU B 182 -6.46 -23.33 22.52
N SER B 183 -5.96 -23.59 21.32
CA SER B 183 -6.42 -24.75 20.55
C SER B 183 -5.37 -25.17 19.52
N SER B 184 -5.57 -26.31 18.89
CA SER B 184 -4.63 -26.84 17.93
C SER B 184 -5.32 -27.82 16.99
N SER B 185 -4.94 -27.77 15.71
CA SER B 185 -5.52 -28.65 14.70
C SER B 185 -4.39 -29.50 14.18
N VAL B 186 -4.73 -30.74 13.80
CA VAL B 186 -3.92 -31.56 12.91
C VAL B 186 -4.82 -32.02 11.79
N THR B 187 -4.30 -31.98 10.57
CA THR B 187 -4.98 -32.62 9.46
C THR B 187 -4.07 -33.74 8.98
N VAL B 188 -4.66 -34.90 8.76
CA VAL B 188 -3.94 -36.06 8.23
C VAL B 188 -4.80 -36.65 7.11
N THR B 189 -4.22 -37.57 6.33
CA THR B 189 -4.99 -38.29 5.30
C THR B 189 -5.99 -39.24 5.93
N SER B 190 -6.96 -39.71 5.16
CA SER B 190 -7.98 -40.61 5.69
C SER B 190 -7.48 -42.04 5.96
N SER B 191 -6.47 -42.48 5.20
CA SER B 191 -5.80 -43.77 5.43
C SER B 191 -5.25 -43.93 6.85
N THR B 192 -4.90 -42.82 7.49
CA THR B 192 -4.20 -42.85 8.77
C THR B 192 -5.09 -42.73 10.03
N TRP B 193 -6.38 -42.45 9.85
CA TRP B 193 -7.27 -42.27 11.00
C TRP B 193 -8.70 -42.53 10.63
N PRO B 194 -9.47 -43.22 11.50
CA PRO B 194 -9.10 -43.77 12.82
C PRO B 194 -8.13 -44.97 12.84
N SER B 195 -7.75 -45.48 11.68
CA SER B 195 -6.85 -46.65 11.56
C SER B 195 -5.73 -46.66 12.61
N GLN B 196 -4.93 -45.60 12.64
CA GLN B 196 -3.96 -45.35 13.72
C GLN B 196 -4.50 -44.27 14.62
N SER B 197 -4.18 -44.34 15.91
CA SER B 197 -4.68 -43.34 16.85
C SER B 197 -3.88 -42.03 16.75
N ILE B 198 -4.55 -40.93 17.07
CA ILE B 198 -3.91 -39.64 17.11
C ILE B 198 -4.24 -39.07 18.48
N THR B 199 -3.22 -38.71 19.25
CA THR B 199 -3.47 -38.23 20.59
C THR B 199 -2.77 -36.93 20.98
N CYS B 200 -3.50 -36.13 21.74
CA CYS B 200 -3.18 -34.77 22.13
C CYS B 200 -2.55 -34.70 23.53
N ASN B 201 -1.27 -34.36 23.60
CA ASN B 201 -0.54 -34.24 24.87
C ASN B 201 -0.42 -32.79 25.33
N VAL B 202 -0.92 -32.48 26.52
CA VAL B 202 -0.89 -31.10 27.03
C VAL B 202 -0.16 -30.97 28.36
N ALA B 203 1.01 -30.33 28.34
CA ALA B 203 1.73 -29.98 29.56
C ALA B 203 1.39 -28.56 30.03
N HIS B 204 1.14 -28.37 31.33
CA HIS B 204 0.98 -27.03 31.90
C HIS B 204 1.79 -26.91 33.16
N PRO B 205 3.09 -26.61 33.00
CA PRO B 205 4.06 -26.55 34.11
C PRO B 205 3.58 -25.79 35.34
N ALA B 206 2.98 -24.63 35.13
CA ALA B 206 2.54 -23.80 36.24
C ALA B 206 1.66 -24.51 37.26
N SER B 207 0.92 -25.53 36.82
CA SER B 207 0.03 -26.26 37.72
C SER B 207 0.42 -27.73 37.83
N SER B 208 1.61 -28.05 37.31
CA SER B 208 2.15 -29.42 37.36
C SER B 208 1.22 -30.46 36.75
N THR B 209 0.62 -30.13 35.61
CA THR B 209 -0.32 -31.04 34.96
C THR B 209 0.21 -31.60 33.64
N LYS B 210 0.03 -32.91 33.44
CA LYS B 210 0.18 -33.55 32.14
C LYS B 210 -1.04 -34.40 31.79
N VAL B 211 -1.86 -33.89 30.87
CA VAL B 211 -3.01 -34.63 30.37
C VAL B 211 -2.84 -35.07 28.91
N ASP B 212 -3.18 -36.33 28.63
CA ASP B 212 -3.26 -36.81 27.26
C ASP B 212 -4.73 -37.00 26.88
N LYS B 213 -5.02 -36.87 25.59
CA LYS B 213 -6.38 -37.06 25.11
C LYS B 213 -6.40 -37.73 23.74
N LYS B 214 -6.93 -38.94 23.69
CA LYS B 214 -7.09 -39.70 22.45
C LYS B 214 -8.32 -39.21 21.72
N ILE B 215 -8.19 -38.97 20.41
CA ILE B 215 -9.31 -38.41 19.65
C ILE B 215 -10.19 -39.54 19.13
N GLU B 216 -11.43 -39.58 19.64
CA GLU B 216 -12.34 -40.69 19.39
C GLU B 216 -13.38 -40.36 18.32
N PRO B 217 -13.59 -41.30 17.39
CA PRO B 217 -14.76 -41.25 16.51
C PRO B 217 -16.04 -41.38 17.31
N ASP C 1 19.28 10.94 25.74
CA ASP C 1 19.78 9.72 25.05
C ASP C 1 19.59 9.82 23.55
N ILE C 2 20.47 9.16 22.81
CA ILE C 2 20.36 9.07 21.35
C ILE C 2 19.08 8.32 20.97
N LEU C 3 18.20 9.02 20.25
CA LEU C 3 16.94 8.44 19.80
C LEU C 3 17.12 7.80 18.43
N MET C 4 16.38 6.73 18.15
CA MET C 4 16.45 6.03 16.86
C MET C 4 15.09 5.94 16.21
N THR C 5 14.94 6.43 14.98
CA THR C 5 13.66 6.18 14.30
C THR C 5 13.85 5.26 13.09
N GLN C 6 12.92 4.33 12.94
CA GLN C 6 13.04 3.28 11.93
C GLN C 6 11.85 3.37 10.96
N SER C 7 12.14 3.28 9.66
CA SER C 7 11.11 3.25 8.61
C SER C 7 11.31 2.08 7.67
N PRO C 8 10.22 1.42 7.26
CA PRO C 8 8.86 1.62 7.76
C PRO C 8 8.60 0.78 9.01
N SER C 9 7.56 1.11 9.77
CA SER C 9 7.22 0.32 10.93
C SER C 9 6.74 -1.09 10.56
N SER C 10 6.12 -1.25 9.39
CA SER C 10 5.76 -2.58 8.86
C SER C 10 5.49 -2.57 7.35
N LEU C 11 5.62 -3.73 6.71
CA LEU C 11 5.46 -3.85 5.26
C LEU C 11 5.31 -5.28 4.73
N SER C 12 4.61 -5.41 3.60
CA SER C 12 4.44 -6.68 2.89
C SER C 12 5.07 -6.58 1.53
N VAL C 13 5.86 -7.58 1.15
CA VAL C 13 6.70 -7.50 -0.03
C VAL C 13 6.77 -8.88 -0.67
N SER C 14 6.84 -8.92 -2.01
CA SER C 14 6.85 -10.19 -2.78
C SER C 14 8.09 -11.03 -2.54
N VAL C 15 7.92 -12.35 -2.63
CA VAL C 15 9.05 -13.27 -2.75
C VAL C 15 9.95 -12.75 -3.86
N GLY C 16 11.26 -12.87 -3.64
CA GLY C 16 12.27 -12.45 -4.60
C GLY C 16 12.35 -10.94 -4.73
N SER C 17 11.60 -10.23 -3.91
CA SER C 17 11.64 -8.77 -3.95
C SER C 17 12.73 -8.23 -3.04
N SER C 18 12.72 -6.92 -2.79
CA SER C 18 13.80 -6.25 -2.10
C SER C 18 13.25 -5.33 -1.01
N VAL C 19 13.84 -5.38 0.18
CA VAL C 19 13.36 -4.55 1.29
C VAL C 19 14.38 -3.47 1.63
N THR C 20 13.91 -2.27 1.96
CA THR C 20 14.82 -1.25 2.50
C THR C 20 14.28 -0.59 3.74
N ILE C 21 14.89 -0.94 4.87
CA ILE C 21 14.56 -0.35 6.15
C ILE C 21 15.56 0.76 6.43
N THR C 22 15.08 1.93 6.84
CA THR C 22 16.02 3.00 7.19
C THR C 22 15.95 3.39 8.67
N CYS C 23 17.02 3.99 9.17
CA CYS C 23 17.14 4.32 10.57
C CYS C 23 17.81 5.70 10.65
N GLN C 24 17.17 6.64 11.34
CA GLN C 24 17.78 7.94 11.53
C GLN C 24 18.04 8.22 13.00
N ALA C 25 19.31 8.38 13.35
CA ALA C 25 19.66 8.69 14.73
C ALA C 25 19.53 10.17 14.99
N SER C 26 19.24 10.52 16.25
CA SER C 26 19.04 11.90 16.69
C SER C 26 20.34 12.70 16.71
N GLN C 27 21.46 11.97 16.77
CA GLN C 27 22.78 12.55 16.55
C GLN C 27 23.72 11.52 15.94
N ASN C 28 24.95 11.95 15.67
CA ASN C 28 25.95 11.11 15.04
C ASN C 28 26.32 9.90 15.89
N ILE C 29 26.36 8.73 15.28
CA ILE C 29 26.65 7.50 16.01
C ILE C 29 27.90 6.82 15.44
N THR C 30 28.60 7.57 14.59
CA THR C 30 29.93 7.21 14.07
C THR C 30 30.04 5.74 13.62
N ASN C 31 29.00 5.27 12.91
CA ASN C 31 28.97 3.94 12.27
C ASN C 31 28.62 2.79 13.20
N TYR C 32 28.50 3.07 14.48
CA TYR C 32 28.15 2.03 15.44
C TYR C 32 26.66 1.73 15.38
N ILE C 33 26.28 0.91 14.41
CA ILE C 33 24.90 0.44 14.27
C ILE C 33 24.88 -1.08 14.06
N VAL C 34 23.93 -1.76 14.66
CA VAL C 34 23.75 -3.19 14.45
C VAL C 34 22.33 -3.49 13.96
N TRP C 35 22.15 -4.59 13.19
CA TRP C 35 20.80 -4.99 12.78
C TRP C 35 20.38 -6.37 13.26
N TYR C 36 19.22 -6.46 13.91
CA TYR C 36 18.75 -7.76 14.38
C TYR C 36 17.47 -8.27 13.71
N GLN C 37 17.39 -9.59 13.60
CA GLN C 37 16.21 -10.27 13.13
C GLN C 37 15.51 -10.93 14.31
N GLN C 38 14.20 -10.79 14.40
CA GLN C 38 13.48 -11.38 15.51
C GLN C 38 12.25 -12.12 15.04
N LYS C 39 12.40 -13.42 14.85
CA LYS C 39 11.27 -14.31 14.72
C LYS C 39 10.57 -14.44 16.09
N PRO C 40 9.22 -14.59 16.10
CA PRO C 40 8.52 -14.62 17.40
C PRO C 40 8.75 -15.94 18.15
N GLY C 41 9.00 -15.83 19.45
CA GLY C 41 9.20 -16.98 20.32
C GLY C 41 10.66 -17.40 20.45
N GLN C 42 11.39 -17.30 19.33
CA GLN C 42 12.84 -17.44 19.32
C GLN C 42 13.50 -16.15 19.82
N ALA C 43 14.81 -16.12 19.81
CA ALA C 43 15.55 -14.99 20.35
C ALA C 43 16.31 -14.26 19.25
N PRO C 44 16.48 -12.93 19.37
CA PRO C 44 17.05 -12.19 18.25
C PRO C 44 18.37 -12.77 17.71
N LYS C 45 18.60 -12.58 16.42
CA LYS C 45 19.82 -12.98 15.74
C LYS C 45 20.51 -11.70 15.21
N LEU C 46 21.82 -11.61 15.34
CA LEU C 46 22.58 -10.45 14.87
C LEU C 46 22.93 -10.67 13.41
N LEU C 47 22.57 -9.70 12.58
CA LEU C 47 22.82 -9.83 11.15
C LEU C 47 24.01 -9.02 10.76
N ILE C 48 24.02 -7.76 11.17
CA ILE C 48 25.07 -6.83 10.76
C ILE C 48 25.55 -6.01 11.93
N TYR C 49 26.87 -5.93 12.07
CA TYR C 49 27.45 -4.98 13.01
C TYR C 49 28.30 -3.93 12.28
N TYR C 50 28.45 -2.78 12.93
CA TYR C 50 29.27 -1.67 12.42
C TYR C 50 28.84 -1.29 11.01
N THR C 51 27.61 -0.75 10.94
CA THR C 51 27.02 -0.25 9.71
C THR C 51 26.80 -1.31 8.65
N SER C 52 27.81 -2.13 8.36
CA SER C 52 27.78 -2.92 7.13
C SER C 52 28.50 -4.28 7.13
N THR C 53 29.10 -4.68 8.25
CA THR C 53 29.79 -5.96 8.34
C THR C 53 28.85 -7.11 8.72
N LEU C 54 28.66 -8.06 7.80
CA LEU C 54 27.83 -9.23 8.07
C LEU C 54 28.43 -10.08 9.16
N GLU C 55 27.57 -10.54 10.08
CA GLU C 55 27.95 -11.58 11.01
C GLU C 55 28.24 -12.84 10.21
N SER C 56 29.17 -13.66 10.67
CA SER C 56 29.48 -14.90 9.97
C SER C 56 28.31 -15.89 10.06
N GLY C 57 28.02 -16.58 8.96
CA GLY C 57 26.84 -17.43 8.85
C GLY C 57 25.70 -16.76 8.09
N ILE C 58 25.49 -15.47 8.40
CA ILE C 58 24.48 -14.61 7.76
C ILE C 58 24.72 -14.50 6.26
N PRO C 59 23.71 -14.87 5.45
CA PRO C 59 23.83 -14.96 3.98
C PRO C 59 24.03 -13.63 3.26
N SER C 60 24.47 -13.73 2.02
CA SER C 60 24.83 -12.57 1.21
C SER C 60 23.72 -11.51 1.03
N ARG C 61 22.48 -11.96 0.85
CA ARG C 61 21.31 -11.12 0.53
C ARG C 61 21.09 -9.96 1.49
N PHE C 62 21.74 -10.04 2.65
CA PHE C 62 21.63 -9.02 3.68
C PHE C 62 22.79 -8.04 3.55
N SER C 63 22.51 -6.75 3.75
CA SER C 63 23.55 -5.76 3.86
C SER C 63 22.98 -4.46 4.41
N GLY C 64 23.89 -3.58 4.83
CA GLY C 64 23.53 -2.25 5.28
C GLY C 64 24.55 -1.23 4.86
N SER C 65 24.29 0.04 5.16
CA SER C 65 25.26 1.10 4.93
C SER C 65 24.80 2.41 5.56
N GLY C 66 25.64 3.44 5.47
CA GLY C 66 25.33 4.76 6.01
C GLY C 66 26.47 5.31 6.86
N SER C 67 26.23 6.49 7.41
CA SER C 67 27.17 7.18 8.29
C SER C 67 26.46 8.31 9.06
N GLY C 68 27.17 8.92 10.00
CA GLY C 68 26.62 10.04 10.75
C GLY C 68 25.31 9.66 11.43
N ARG C 69 24.24 10.34 11.01
CA ARG C 69 22.89 10.08 11.50
C ARG C 69 22.11 9.04 10.68
N ASP C 70 22.43 8.89 9.39
CA ASP C 70 21.56 8.16 8.49
C ASP C 70 22.09 6.82 8.00
N TYR C 71 21.31 5.77 8.24
CA TYR C 71 21.72 4.39 7.99
C TYR C 71 20.58 3.59 7.37
N SER C 72 20.91 2.57 6.57
CA SER C 72 19.88 1.69 6.04
C SER C 72 20.33 0.23 5.92
N PHE C 73 19.36 -0.65 5.68
CA PHE C 73 19.52 -2.10 5.73
C PHE C 73 18.59 -2.69 4.67
N THR C 74 19.08 -3.71 3.98
CA THR C 74 18.40 -4.23 2.83
C THR C 74 18.46 -5.74 2.79
N ILE C 75 17.34 -6.35 2.43
CA ILE C 75 17.30 -7.77 2.07
C ILE C 75 17.00 -7.80 0.58
N SER C 76 17.84 -8.47 -0.20
CA SER C 76 17.87 -8.23 -1.64
C SER C 76 17.03 -9.18 -2.48
N ASN C 77 16.97 -10.44 -2.06
CA ASN C 77 16.19 -11.43 -2.77
C ASN C 77 15.30 -12.16 -1.76
N LEU C 78 14.18 -11.53 -1.42
CA LEU C 78 13.35 -11.98 -0.31
C LEU C 78 12.98 -13.46 -0.38
N GLN C 79 13.06 -14.12 0.77
CA GLN C 79 12.75 -15.54 0.90
C GLN C 79 11.74 -15.75 2.04
N PRO C 80 10.98 -16.87 2.00
CA PRO C 80 9.98 -17.08 3.05
C PRO C 80 10.52 -17.12 4.48
N GLU C 81 11.75 -17.63 4.67
CA GLU C 81 12.45 -17.59 5.96
C GLU C 81 12.63 -16.18 6.54
N ASP C 82 12.74 -15.18 5.67
CA ASP C 82 13.04 -13.82 6.07
C ASP C 82 11.93 -13.11 6.87
N VAL C 83 10.77 -13.75 6.94
CA VAL C 83 9.61 -13.28 7.68
C VAL C 83 9.98 -13.11 9.16
N ALA C 84 9.92 -11.86 9.64
CA ALA C 84 10.33 -11.52 11.02
C ALA C 84 10.14 -10.05 11.33
N THR C 85 10.53 -9.64 12.54
CA THR C 85 10.68 -8.20 12.83
C THR C 85 12.15 -7.88 12.93
N TYR C 86 12.57 -6.88 12.13
CA TYR C 86 13.94 -6.40 12.09
C TYR C 86 14.14 -5.16 12.95
N TYR C 87 15.37 -4.97 13.41
CA TYR C 87 15.71 -3.89 14.36
C TYR C 87 17.03 -3.26 14.07
N CYS C 88 17.08 -1.94 14.01
CA CYS C 88 18.37 -1.27 14.10
C CYS C 88 18.65 -1.02 15.56
N LEU C 89 19.93 -0.99 15.91
CA LEU C 89 20.34 -0.51 17.24
C LEU C 89 21.62 0.29 17.20
N GLN C 90 21.63 1.37 17.96
CA GLN C 90 22.80 2.19 18.11
C GLN C 90 23.53 1.81 19.38
N TYR C 91 24.83 1.59 19.26
CA TYR C 91 25.64 1.31 20.41
C TYR C 91 26.81 2.27 20.52
N ASN C 92 26.61 3.51 20.09
CA ASN C 92 27.61 4.55 20.21
C ASN C 92 27.73 4.99 21.68
N SER C 93 26.80 5.82 22.16
CA SER C 93 26.71 6.23 23.56
C SER C 93 25.47 5.58 24.17
N LEU C 94 25.70 4.79 25.21
CA LEU C 94 24.71 3.82 25.74
C LEU C 94 24.22 2.92 24.59
N LEU C 95 23.03 2.33 24.71
CA LEU C 95 22.39 1.65 23.55
C LEU C 95 20.92 2.03 23.34
N THR C 96 20.54 2.15 22.06
CA THR C 96 19.14 2.35 21.71
C THR C 96 18.65 1.48 20.57
N PHE C 97 17.48 0.86 20.80
CA PHE C 97 16.78 0.09 19.79
C PHE C 97 15.88 0.96 18.91
N GLY C 98 15.73 0.54 17.66
CA GLY C 98 14.74 1.14 16.78
C GLY C 98 13.37 0.58 17.12
N GLY C 99 12.34 1.13 16.49
CA GLY C 99 10.98 0.72 16.79
C GLY C 99 10.56 -0.62 16.22
N GLY C 100 11.39 -1.20 15.34
CA GLY C 100 11.06 -2.44 14.64
C GLY C 100 10.49 -2.25 13.24
N THR C 101 10.53 -3.33 12.46
CA THR C 101 9.90 -3.41 11.14
C THR C 101 9.37 -4.82 11.05
N LYS C 102 8.04 -4.98 11.18
CA LYS C 102 7.39 -6.29 10.99
C LYS C 102 7.29 -6.58 9.50
N LEU C 103 8.15 -7.44 8.98
CA LEU C 103 8.12 -7.81 7.56
C LEU C 103 7.17 -8.97 7.27
N GLU C 104 6.25 -8.74 6.33
CA GLU C 104 5.34 -9.79 5.83
C GLU C 104 5.68 -10.11 4.37
N ILE C 105 5.71 -11.39 4.04
CA ILE C 105 5.83 -11.81 2.65
C ILE C 105 4.46 -11.90 2.00
N LYS C 106 4.35 -11.52 0.73
CA LYS C 106 3.12 -11.74 -0.02
C LYS C 106 3.20 -13.07 -0.75
N ARG C 107 2.04 -13.67 -0.99
CA ARG C 107 2.01 -14.91 -1.74
C ARG C 107 0.70 -14.98 -2.50
N ALA C 108 0.59 -15.97 -3.40
CA ALA C 108 -0.65 -16.14 -4.14
C ALA C 108 -1.81 -16.22 -3.14
N ASP C 109 -2.83 -15.36 -3.30
CA ASP C 109 -4.08 -15.53 -2.54
C ASP C 109 -4.48 -17.02 -2.38
N ALA C 110 -5.06 -17.35 -1.23
CA ALA C 110 -5.46 -18.73 -0.94
C ALA C 110 -6.70 -18.76 -0.07
N ALA C 111 -7.61 -19.67 -0.38
CA ALA C 111 -8.87 -19.77 0.36
C ALA C 111 -8.66 -20.58 1.64
N PRO C 112 -9.36 -20.20 2.73
CA PRO C 112 -9.25 -21.02 3.95
C PRO C 112 -9.82 -22.40 3.73
N THR C 113 -9.12 -23.44 4.15
CA THR C 113 -9.80 -24.73 4.26
C THR C 113 -10.39 -24.83 5.68
N VAL C 114 -11.71 -25.06 5.76
CA VAL C 114 -12.47 -24.83 6.99
C VAL C 114 -13.03 -26.11 7.55
N SER C 115 -13.04 -26.25 8.88
CA SER C 115 -13.74 -27.38 9.48
C SER C 115 -14.31 -27.08 10.88
N ILE C 116 -15.57 -27.50 11.12
CA ILE C 116 -16.27 -27.24 12.38
C ILE C 116 -16.33 -28.48 13.31
N PHE C 117 -16.34 -28.21 14.61
CA PHE C 117 -16.28 -29.22 15.67
C PHE C 117 -17.30 -28.92 16.78
N PRO C 118 -18.17 -29.90 17.10
CA PRO C 118 -19.16 -29.65 18.15
C PRO C 118 -18.55 -29.82 19.55
N PRO C 119 -19.24 -29.33 20.58
CA PRO C 119 -18.75 -29.50 21.94
C PRO C 119 -18.54 -30.98 22.26
N SER C 120 -17.37 -31.30 22.81
CA SER C 120 -17.09 -32.65 23.32
C SER C 120 -18.00 -32.93 24.51
N SER C 121 -18.41 -34.19 24.64
CA SER C 121 -19.28 -34.59 25.75
C SER C 121 -18.60 -34.39 27.10
N GLU C 122 -17.27 -34.54 27.14
CA GLU C 122 -16.49 -34.22 28.33
C GLU C 122 -16.69 -32.78 28.79
N GLN C 123 -16.75 -31.84 27.84
CA GLN C 123 -16.98 -30.43 28.18
C GLN C 123 -18.42 -30.17 28.62
N LEU C 124 -19.35 -30.92 28.01
CA LEU C 124 -20.76 -30.76 28.34
C LEU C 124 -21.07 -30.94 29.82
N THR C 125 -20.36 -31.85 30.49
CA THR C 125 -20.55 -32.06 31.92
C THR C 125 -20.28 -30.81 32.79
N SER C 126 -19.26 -30.04 32.41
CA SER C 126 -18.95 -28.77 33.08
C SER C 126 -20.11 -27.75 33.10
N GLY C 127 -20.97 -27.78 32.09
CA GLY C 127 -22.03 -26.78 31.96
C GLY C 127 -21.69 -25.70 30.94
N GLY C 128 -20.53 -25.87 30.31
CA GLY C 128 -20.10 -25.04 29.19
C GLY C 128 -20.10 -25.81 27.88
N ALA C 129 -20.25 -25.08 26.77
CA ALA C 129 -20.18 -25.68 25.44
C ALA C 129 -19.46 -24.73 24.49
N SER C 130 -18.39 -25.23 23.88
CA SER C 130 -17.64 -24.48 22.90
C SER C 130 -17.80 -25.15 21.56
N VAL C 131 -18.22 -24.38 20.57
CA VAL C 131 -18.16 -24.82 19.19
C VAL C 131 -16.91 -24.18 18.63
N VAL C 132 -16.08 -24.99 17.97
CA VAL C 132 -14.78 -24.56 17.49
C VAL C 132 -14.67 -24.72 15.99
N CYS C 133 -14.16 -23.67 15.36
CA CYS C 133 -13.95 -23.62 13.93
C CYS C 133 -12.51 -23.29 13.59
N PHE C 134 -11.88 -24.13 12.77
CA PHE C 134 -10.53 -23.91 12.24
C PHE C 134 -10.57 -23.55 10.76
N LEU C 135 -9.97 -22.41 10.41
CA LEU C 135 -9.83 -22.03 9.00
C LEU C 135 -8.35 -22.00 8.67
N ASN C 136 -7.87 -23.02 7.96
CA ASN C 136 -6.44 -23.22 7.79
C ASN C 136 -5.92 -22.80 6.44
N ASN C 137 -4.65 -22.37 6.42
CA ASN C 137 -3.88 -22.13 5.20
C ASN C 137 -4.52 -21.15 4.19
N PHE C 138 -4.83 -19.95 4.66
CA PHE C 138 -5.38 -18.94 3.78
C PHE C 138 -4.44 -17.77 3.66
N TYR C 139 -4.60 -17.02 2.57
CA TYR C 139 -3.90 -15.75 2.37
C TYR C 139 -4.82 -14.83 1.57
N PRO C 140 -4.94 -13.56 1.99
CA PRO C 140 -4.17 -12.90 3.04
C PRO C 140 -4.81 -12.92 4.42
N LYS C 141 -4.11 -12.34 5.39
CA LYS C 141 -4.49 -12.43 6.79
C LYS C 141 -5.93 -12.05 7.10
N ASN C 142 -6.41 -10.94 6.56
CA ASN C 142 -7.76 -10.49 6.86
C ASN C 142 -8.84 -11.51 6.41
N ILE C 143 -9.76 -11.80 7.33
CA ILE C 143 -10.83 -12.79 7.14
C ILE C 143 -11.84 -12.56 8.24
N ASN C 144 -13.12 -12.60 7.89
CA ASN C 144 -14.21 -12.47 8.87
C ASN C 144 -14.93 -13.82 9.02
N VAL C 145 -15.16 -14.21 10.27
CA VAL C 145 -15.91 -15.43 10.57
C VAL C 145 -17.27 -15.10 11.22
N LYS C 146 -18.37 -15.58 10.61
CA LYS C 146 -19.71 -15.38 11.19
C LYS C 146 -20.34 -16.67 11.75
N TRP C 147 -21.02 -16.52 12.89
CA TRP C 147 -21.62 -17.65 13.61
C TRP C 147 -23.11 -17.62 13.53
N LYS C 148 -23.67 -18.69 12.95
CA LYS C 148 -25.13 -18.85 12.87
C LYS C 148 -25.64 -20.01 13.71
N ILE C 149 -26.61 -19.71 14.56
CA ILE C 149 -27.34 -20.71 15.33
C ILE C 149 -28.79 -20.71 14.87
N ASP C 150 -29.19 -21.76 14.14
CA ASP C 150 -30.55 -21.87 13.58
C ASP C 150 -30.90 -20.67 12.68
N GLY C 151 -29.99 -20.31 11.79
CA GLY C 151 -30.16 -19.12 10.96
C GLY C 151 -29.76 -17.80 11.62
N SER C 152 -30.12 -17.61 12.89
CA SER C 152 -29.79 -16.37 13.60
C SER C 152 -28.29 -16.22 13.84
N GLU C 153 -27.78 -15.02 13.64
CA GLU C 153 -26.37 -14.72 13.82
C GLU C 153 -26.05 -14.60 15.31
N ARG C 154 -24.87 -15.10 15.70
CA ARG C 154 -24.40 -14.97 17.07
C ARG C 154 -23.17 -14.09 17.11
N GLN C 155 -23.17 -13.11 18.00
CA GLN C 155 -22.08 -12.16 18.09
C GLN C 155 -21.37 -12.23 19.44
N ASN C 156 -22.13 -12.43 20.52
CA ASN C 156 -21.56 -12.55 21.85
C ASN C 156 -20.92 -13.92 22.04
N GLY C 157 -19.87 -13.97 22.84
CA GLY C 157 -19.25 -15.24 23.22
C GLY C 157 -18.28 -15.85 22.23
N VAL C 158 -17.94 -15.09 21.17
CA VAL C 158 -16.95 -15.52 20.19
C VAL C 158 -15.55 -15.05 20.57
N LEU C 159 -14.54 -15.85 20.21
CA LEU C 159 -13.15 -15.60 20.58
C LEU C 159 -12.26 -16.11 19.46
N ASN C 160 -11.38 -15.23 18.97
CA ASN C 160 -10.61 -15.49 17.75
C ASN C 160 -9.09 -15.45 17.93
N SER C 161 -8.38 -16.22 17.12
CA SER C 161 -6.94 -16.37 17.25
C SER C 161 -6.23 -16.73 15.93
N TRP C 162 -5.06 -16.14 15.73
CA TRP C 162 -4.33 -16.22 14.45
C TRP C 162 -2.92 -16.60 14.69
N THR C 163 -2.41 -17.52 13.87
CA THR C 163 -1.00 -17.83 13.86
C THR C 163 -0.19 -16.66 13.27
N ASP C 164 1.11 -16.69 13.52
CA ASP C 164 2.03 -15.86 12.77
C ASP C 164 2.12 -16.49 11.40
N GLN C 165 2.45 -15.68 10.40
CA GLN C 165 2.59 -16.17 9.04
C GLN C 165 3.56 -17.35 9.04
N ASP C 166 3.23 -18.35 8.23
CA ASP C 166 4.04 -19.55 8.18
C ASP C 166 5.30 -19.35 7.36
N SER C 167 6.46 -19.65 7.93
CA SER C 167 7.72 -19.39 7.25
C SER C 167 8.09 -20.38 6.14
N LYS C 168 7.17 -21.26 5.78
CA LYS C 168 7.37 -22.20 4.69
C LYS C 168 6.47 -21.82 3.50
N ASP C 169 5.15 -21.81 3.70
CA ASP C 169 4.23 -21.51 2.61
C ASP C 169 3.54 -20.14 2.71
N SER C 170 4.02 -19.32 3.65
CA SER C 170 3.53 -17.92 3.80
C SER C 170 2.04 -17.76 4.16
N THR C 171 1.39 -18.83 4.60
CA THR C 171 -0.06 -18.77 4.89
C THR C 171 -0.41 -18.41 6.33
N TYR C 172 -1.68 -18.12 6.57
CA TYR C 172 -2.22 -17.95 7.93
C TYR C 172 -3.23 -19.04 8.25
N SER C 173 -3.51 -19.22 9.54
CA SER C 173 -4.63 -20.03 10.01
C SER C 173 -5.25 -19.35 11.21
N MET C 174 -6.58 -19.32 11.26
CA MET C 174 -7.25 -18.69 12.40
C MET C 174 -8.18 -19.67 13.10
N SER C 175 -8.50 -19.36 14.35
CA SER C 175 -9.28 -20.26 15.18
C SER C 175 -10.41 -19.51 15.87
N SER C 176 -11.64 -19.82 15.48
CA SER C 176 -12.78 -19.19 16.10
C SER C 176 -13.52 -20.19 16.98
N THR C 177 -13.72 -19.83 18.25
CA THR C 177 -14.47 -20.70 19.17
C THR C 177 -15.68 -19.95 19.76
N LEU C 178 -16.88 -20.49 19.53
CA LEU C 178 -18.12 -19.92 20.10
C LEU C 178 -18.51 -20.67 21.38
N THR C 179 -18.55 -19.95 22.50
CA THR C 179 -18.79 -20.54 23.81
C THR C 179 -20.17 -20.17 24.37
N LEU C 180 -20.89 -21.20 24.83
CA LEU C 180 -22.26 -21.07 25.34
C LEU C 180 -22.38 -21.92 26.60
N THR C 181 -23.42 -21.65 27.37
CA THR C 181 -23.84 -22.57 28.44
C THR C 181 -24.46 -23.82 27.79
N LYS C 182 -24.36 -24.98 28.46
CA LYS C 182 -24.96 -26.24 27.97
C LYS C 182 -26.44 -26.11 27.66
N ASP C 183 -27.14 -25.35 28.49
CA ASP C 183 -28.55 -25.03 28.23
C ASP C 183 -28.72 -24.42 26.84
N GLU C 184 -28.16 -23.22 26.63
CA GLU C 184 -28.16 -22.56 25.32
C GLU C 184 -27.86 -23.54 24.20
N TYR C 185 -26.85 -24.39 24.41
CA TYR C 185 -26.42 -25.29 23.36
C TYR C 185 -27.51 -26.30 23.04
N GLU C 186 -28.11 -26.85 24.10
CA GLU C 186 -29.10 -27.90 23.97
C GLU C 186 -30.41 -27.44 23.34
N ARG C 187 -30.74 -26.16 23.52
CA ARG C 187 -31.96 -25.54 22.98
C ARG C 187 -32.06 -25.52 21.44
N HIS C 188 -30.95 -25.23 20.77
CA HIS C 188 -30.95 -25.12 19.30
C HIS C 188 -30.38 -26.35 18.66
N ASN C 189 -30.42 -26.44 17.32
CA ASN C 189 -30.05 -27.70 16.64
C ASN C 189 -28.95 -27.61 15.58
N SER C 190 -28.86 -26.45 14.92
CA SER C 190 -27.91 -26.24 13.82
C SER C 190 -26.92 -25.11 14.14
N TYR C 191 -25.64 -25.44 14.01
CA TYR C 191 -24.57 -24.48 14.26
C TYR C 191 -23.73 -24.28 13.01
N THR C 192 -23.54 -23.01 12.66
CA THR C 192 -22.91 -22.65 11.40
C THR C 192 -21.76 -21.69 11.55
N CYS C 193 -20.67 -22.06 10.89
CA CYS C 193 -19.44 -21.30 10.85
C CYS C 193 -19.20 -20.86 9.41
N GLU C 194 -19.20 -19.55 9.18
CA GLU C 194 -19.09 -18.98 7.82
C GLU C 194 -17.87 -18.09 7.64
N ALA C 195 -16.95 -18.55 6.79
CA ALA C 195 -15.70 -17.83 6.50
C ALA C 195 -15.82 -16.98 5.25
N THR C 196 -15.73 -15.66 5.41
CA THR C 196 -15.77 -14.74 4.28
C THR C 196 -14.37 -14.22 3.93
N HIS C 197 -13.85 -14.66 2.78
CA HIS C 197 -12.50 -14.32 2.38
C HIS C 197 -12.45 -13.52 1.10
N LYS C 198 -11.36 -12.76 0.95
CA LYS C 198 -11.04 -12.06 -0.31
C LYS C 198 -11.10 -12.97 -1.56
N THR C 199 -10.93 -14.29 -1.36
CA THR C 199 -10.80 -15.25 -2.49
C THR C 199 -12.12 -15.68 -3.16
N SER C 200 -13.26 -15.35 -2.56
CA SER C 200 -14.58 -15.55 -3.16
C SER C 200 -15.62 -14.66 -2.51
N THR C 201 -16.55 -14.14 -3.29
CA THR C 201 -17.56 -13.21 -2.77
C THR C 201 -18.65 -13.92 -1.97
N SER C 202 -18.82 -15.23 -2.23
CA SER C 202 -19.72 -16.07 -1.43
C SER C 202 -18.90 -16.88 -0.40
N PRO C 203 -19.32 -16.80 0.88
CA PRO C 203 -18.62 -17.37 2.04
C PRO C 203 -18.50 -18.88 2.04
N ILE C 204 -17.38 -19.41 2.57
CA ILE C 204 -17.27 -20.84 2.87
C ILE C 204 -18.04 -21.16 4.16
N VAL C 205 -19.08 -21.97 4.03
CA VAL C 205 -19.96 -22.28 5.14
C VAL C 205 -19.76 -23.73 5.56
N LYS C 206 -19.33 -23.92 6.81
CA LYS C 206 -19.33 -25.24 7.43
C LYS C 206 -20.35 -25.25 8.55
N SER C 207 -21.05 -26.39 8.69
CA SER C 207 -22.07 -26.55 9.72
C SER C 207 -22.30 -28.01 10.16
N PHE C 208 -23.10 -28.15 11.21
CA PHE C 208 -23.48 -29.45 11.76
C PHE C 208 -24.83 -29.32 12.44
N ASN C 209 -25.57 -30.43 12.42
CA ASN C 209 -26.75 -30.62 13.25
C ASN C 209 -26.44 -31.49 14.46
N ARG C 210 -27.00 -31.14 15.62
CA ARG C 210 -26.85 -31.94 16.84
C ARG C 210 -27.21 -33.45 16.75
N ASN C 211 -27.72 -33.89 15.59
CA ASN C 211 -27.95 -35.31 15.32
C ASN C 211 -27.38 -35.78 13.98
N ALA D 16 -41.49 11.47 -15.70
CA ALA D 16 -42.77 11.64 -16.45
C ALA D 16 -42.62 11.42 -17.96
N VAL D 17 -41.53 11.95 -18.54
CA VAL D 17 -41.34 11.88 -19.99
C VAL D 17 -40.44 10.71 -20.36
N ILE D 18 -40.92 9.86 -21.26
CA ILE D 18 -40.13 8.72 -21.66
C ILE D 18 -39.65 8.90 -23.10
N THR D 19 -38.32 8.91 -23.27
CA THR D 19 -37.69 9.14 -24.57
C THR D 19 -37.27 7.83 -25.24
N ASP D 20 -37.08 6.80 -24.42
CA ASP D 20 -36.61 5.50 -24.90
C ASP D 20 -37.62 4.41 -24.60
N TRP D 21 -38.52 4.16 -25.55
CA TRP D 21 -39.57 3.19 -25.34
C TRP D 21 -39.46 2.07 -26.35
N ARG D 22 -39.22 0.83 -25.90
CA ARG D 22 -38.99 -0.28 -26.81
C ARG D 22 -39.71 -1.59 -26.42
N PRO D 23 -41.06 -1.63 -26.57
CA PRO D 23 -41.82 -2.78 -26.07
C PRO D 23 -41.60 -4.07 -26.83
N GLU D 24 -41.28 -3.98 -28.12
CA GLU D 24 -40.98 -5.17 -28.91
C GLU D 24 -39.62 -5.81 -28.54
N ASP D 25 -38.90 -5.18 -27.61
CA ASP D 25 -37.59 -5.64 -27.17
C ASP D 25 -37.69 -6.32 -25.78
N PRO D 26 -37.88 -7.66 -25.77
CA PRO D 26 -38.07 -8.41 -24.53
C PRO D 26 -37.11 -8.01 -23.45
N ALA D 27 -35.86 -7.73 -23.81
CA ALA D 27 -34.87 -7.24 -22.84
C ALA D 27 -35.35 -5.95 -22.18
N PHE D 28 -35.68 -4.94 -22.98
CA PHE D 28 -36.22 -3.66 -22.48
C PHE D 28 -37.48 -3.88 -21.64
N TRP D 29 -38.38 -4.70 -22.18
CA TRP D 29 -39.62 -5.06 -21.52
C TRP D 29 -39.37 -5.56 -20.13
N GLN D 30 -38.50 -6.55 -20.00
CA GLN D 30 -38.14 -7.10 -18.71
C GLN D 30 -37.42 -6.10 -17.79
N GLN D 31 -36.49 -5.32 -18.34
CA GLN D 31 -35.71 -4.40 -17.52
C GLN D 31 -36.54 -3.26 -16.93
N ARG D 32 -37.48 -2.76 -17.71
CA ARG D 32 -38.27 -1.59 -17.30
C ARG D 32 -39.64 -1.44 -18.01
N GLY D 33 -39.77 -2.01 -19.22
CA GLY D 33 -41.00 -1.85 -19.99
C GLY D 33 -42.26 -2.28 -19.24
N GLN D 34 -42.29 -3.56 -18.91
CA GLN D 34 -43.37 -4.18 -18.18
C GLN D 34 -43.71 -3.43 -16.88
N ARG D 35 -42.70 -3.02 -16.11
CA ARG D 35 -42.97 -2.25 -14.88
C ARG D 35 -43.70 -0.95 -15.12
N ILE D 36 -43.28 -0.20 -16.13
CA ILE D 36 -43.90 1.08 -16.44
C ILE D 36 -45.28 0.90 -17.09
N ALA D 37 -45.38 -0.03 -18.04
CA ALA D 37 -46.65 -0.25 -18.75
C ALA D 37 -47.73 -0.74 -17.79
N SER D 38 -47.33 -1.59 -16.86
CA SER D 38 -48.21 -2.06 -15.82
C SER D 38 -48.71 -0.93 -14.94
N ARG D 39 -47.82 -0.12 -14.40
CA ARG D 39 -48.25 1.02 -13.59
C ARG D 39 -49.17 1.96 -14.37
N ASN D 40 -48.87 2.15 -15.66
CA ASN D 40 -49.72 3.00 -16.47
C ASN D 40 -51.11 2.43 -16.67
N LEU D 41 -51.19 1.12 -16.90
CA LEU D 41 -52.47 0.43 -17.09
C LEU D 41 -53.39 0.49 -15.86
N TRP D 42 -52.81 0.23 -14.69
CA TRP D 42 -53.54 0.27 -13.42
C TRP D 42 -54.11 1.62 -13.06
N ILE D 43 -53.58 2.70 -13.63
CA ILE D 43 -54.12 4.02 -13.37
C ILE D 43 -55.06 4.44 -14.49
N SER D 44 -54.76 3.99 -15.70
CA SER D 44 -55.62 4.24 -16.87
C SER D 44 -57.04 3.70 -16.64
N VAL D 45 -57.11 2.47 -16.11
CA VAL D 45 -58.36 1.73 -15.96
C VAL D 45 -59.39 2.42 -15.05
N PRO D 46 -59.03 2.72 -13.79
CA PRO D 46 -60.03 3.39 -12.97
C PRO D 46 -60.42 4.74 -13.55
N CYS D 47 -59.47 5.42 -14.19
CA CYS D 47 -59.77 6.69 -14.84
C CYS D 47 -60.81 6.52 -15.92
N LEU D 48 -60.82 5.35 -16.57
CA LEU D 48 -61.75 5.11 -17.67
C LEU D 48 -63.15 4.75 -17.19
N LEU D 49 -63.25 3.92 -16.16
CA LEU D 49 -64.58 3.56 -15.67
C LEU D 49 -65.30 4.79 -15.12
N LEU D 50 -64.56 5.67 -14.43
CA LEU D 50 -65.11 6.93 -13.94
C LEU D 50 -65.63 7.80 -15.08
N ALA D 51 -64.95 7.75 -16.22
CA ALA D 51 -65.44 8.45 -17.41
C ALA D 51 -66.77 7.87 -17.87
N PHE D 52 -66.93 6.56 -17.77
CA PHE D 52 -68.18 5.93 -18.14
C PHE D 52 -69.30 6.33 -17.18
N CYS D 53 -69.01 6.30 -15.88
CA CYS D 53 -69.94 6.79 -14.85
C CYS D 53 -70.52 8.16 -15.20
N VAL D 54 -69.64 9.14 -15.44
CA VAL D 54 -70.05 10.49 -15.81
C VAL D 54 -70.84 10.53 -17.13
N TRP D 55 -70.43 9.70 -18.10
CA TRP D 55 -71.05 9.67 -19.43
C TRP D 55 -72.51 9.31 -19.41
N MET D 56 -72.83 8.23 -18.70
CA MET D 56 -74.19 7.74 -18.58
C MET D 56 -75.00 8.31 -17.40
N LEU D 57 -74.60 9.48 -16.90
CA LEU D 57 -75.21 10.08 -15.71
C LEU D 57 -76.73 10.24 -15.75
N PHE D 58 -77.23 10.86 -16.81
CA PHE D 58 -78.66 11.12 -16.96
C PHE D 58 -79.52 9.86 -17.11
N SER D 59 -78.89 8.75 -17.46
CA SER D 59 -79.60 7.47 -17.49
C SER D 59 -80.21 7.12 -16.12
N ALA D 60 -79.62 7.65 -15.04
CA ALA D 60 -80.16 7.45 -13.69
C ALA D 60 -80.69 8.75 -13.06
N VAL D 61 -80.29 9.89 -13.62
CA VAL D 61 -80.69 11.20 -13.08
C VAL D 61 -82.02 11.70 -13.68
N ALA D 62 -82.16 11.58 -15.01
CA ALA D 62 -83.38 12.01 -15.70
C ALA D 62 -84.64 11.31 -15.21
N VAL D 63 -84.49 10.09 -14.70
CA VAL D 63 -85.59 9.37 -14.07
C VAL D 63 -86.03 10.05 -12.78
N ASN D 64 -85.07 10.55 -12.00
CA ASN D 64 -85.38 11.20 -10.72
C ASN D 64 -85.66 12.70 -10.85
N LEU D 65 -85.54 13.23 -12.06
CA LEU D 65 -85.83 14.64 -12.31
C LEU D 65 -87.28 15.07 -11.95
N PRO D 66 -88.29 14.26 -12.32
CA PRO D 66 -89.65 14.60 -11.86
C PRO D 66 -89.88 14.46 -10.35
N LYS D 67 -89.23 13.48 -9.71
CA LYS D 67 -89.41 13.20 -8.27
C LYS D 67 -88.91 14.32 -7.35
N VAL D 68 -88.29 15.35 -7.94
CA VAL D 68 -87.82 16.52 -7.21
C VAL D 68 -88.47 17.80 -7.77
N GLY D 69 -89.35 17.64 -8.74
CA GLY D 69 -90.20 18.73 -9.21
C GLY D 69 -89.79 19.36 -10.53
N PHE D 70 -89.73 18.56 -11.59
CA PHE D 70 -89.39 19.09 -12.90
C PHE D 70 -90.41 18.71 -13.96
N ASN D 71 -91.05 19.73 -14.52
CA ASN D 71 -92.08 19.55 -15.55
C ASN D 71 -91.48 19.38 -16.94
N PHE D 72 -90.85 18.24 -17.16
CA PHE D 72 -90.30 17.91 -18.48
C PHE D 72 -91.09 16.75 -19.05
N THR D 73 -91.34 16.81 -20.36
CA THR D 73 -91.95 15.70 -21.10
C THR D 73 -91.09 14.47 -20.85
N THR D 74 -91.72 13.28 -20.83
CA THR D 74 -90.94 12.05 -20.78
C THR D 74 -90.01 11.92 -21.99
N ASP D 75 -90.33 12.66 -23.06
CA ASP D 75 -89.46 12.79 -24.24
C ASP D 75 -88.40 13.89 -24.09
N GLN D 76 -88.67 14.89 -23.25
CA GLN D 76 -87.65 15.87 -22.88
C GLN D 76 -86.61 15.23 -21.96
N LEU D 77 -87.04 14.22 -21.20
CA LEU D 77 -86.15 13.42 -20.37
C LEU D 77 -85.32 12.46 -21.20
N PHE D 78 -85.97 11.73 -22.11
CA PHE D 78 -85.29 10.83 -23.05
C PHE D 78 -84.18 11.54 -23.83
N MET D 79 -84.39 12.82 -24.14
CA MET D 79 -83.42 13.65 -24.85
C MET D 79 -82.14 13.88 -24.07
N LEU D 80 -82.28 14.16 -22.78
CA LEU D 80 -81.12 14.39 -21.89
C LEU D 80 -80.32 13.11 -21.65
N THR D 81 -80.96 11.97 -21.92
CA THR D 81 -80.34 10.67 -21.77
C THR D 81 -79.67 10.24 -23.10
N ALA D 82 -80.00 10.97 -24.17
CA ALA D 82 -79.52 10.67 -25.51
C ALA D 82 -78.34 11.54 -25.92
N LEU D 83 -78.34 12.80 -25.46
CA LEU D 83 -77.37 13.81 -25.92
C LEU D 83 -75.90 13.61 -25.51
N PRO D 84 -75.62 12.95 -24.35
CA PRO D 84 -74.25 12.54 -24.08
C PRO D 84 -73.59 11.83 -25.26
N SER D 85 -74.30 10.88 -25.86
CA SER D 85 -73.77 10.11 -26.98
C SER D 85 -73.65 10.91 -28.27
N VAL D 86 -74.13 12.15 -28.29
CA VAL D 86 -73.97 13.01 -29.46
C VAL D 86 -72.57 13.60 -29.45
N SER D 87 -72.26 14.35 -28.40
CA SER D 87 -70.94 14.94 -28.24
C SER D 87 -69.90 13.84 -27.97
N GLY D 88 -70.34 12.79 -27.26
CA GLY D 88 -69.54 11.58 -27.07
C GLY D 88 -68.99 11.05 -28.39
N ALA D 89 -69.89 10.76 -29.32
CA ALA D 89 -69.51 10.21 -30.63
C ALA D 89 -68.64 11.14 -31.47
N LEU D 90 -68.96 12.43 -31.46
CA LEU D 90 -68.27 13.41 -32.30
C LEU D 90 -66.89 13.77 -31.77
N LEU D 91 -66.68 13.55 -30.47
CA LEU D 91 -65.39 13.86 -29.83
C LEU D 91 -64.41 12.68 -29.80
N ARG D 92 -64.89 11.48 -30.16
CA ARG D 92 -64.02 10.30 -30.15
C ARG D 92 -62.89 10.35 -31.16
N VAL D 93 -63.19 10.79 -32.39
CA VAL D 93 -62.15 10.92 -33.43
C VAL D 93 -61.07 11.96 -33.09
N PRO D 94 -61.47 13.18 -32.65
CA PRO D 94 -60.42 14.14 -32.24
C PRO D 94 -59.68 13.75 -30.95
N TYR D 95 -60.34 12.99 -30.07
CA TYR D 95 -59.73 12.50 -28.83
C TYR D 95 -58.62 11.46 -29.06
N SER D 96 -58.76 10.67 -30.13
CA SER D 96 -57.76 9.65 -30.46
C SER D 96 -56.48 10.28 -31.00
N PHE D 97 -56.58 11.53 -31.46
CA PHE D 97 -55.44 12.31 -31.93
C PHE D 97 -54.77 13.07 -30.78
N MET D 98 -55.35 12.98 -29.59
CA MET D 98 -54.90 13.80 -28.46
C MET D 98 -53.68 13.25 -27.72
N VAL D 99 -53.64 11.95 -27.51
CA VAL D 99 -52.53 11.31 -26.82
C VAL D 99 -51.17 11.58 -27.50
N PRO D 100 -51.03 11.25 -28.80
CA PRO D 100 -49.74 11.48 -29.47
C PRO D 100 -49.30 12.94 -29.44
N ILE D 101 -50.26 13.86 -29.41
CA ILE D 101 -49.94 15.28 -29.31
C ILE D 101 -49.53 15.69 -27.89
N PHE D 102 -50.41 15.50 -26.91
CA PHE D 102 -50.16 15.95 -25.55
C PHE D 102 -49.46 14.95 -24.62
N GLY D 103 -49.63 13.66 -24.89
CA GLY D 103 -49.05 12.61 -24.05
C GLY D 103 -50.04 12.00 -23.07
N GLY D 104 -49.84 10.71 -22.79
CA GLY D 104 -50.73 9.92 -21.93
C GLY D 104 -50.99 10.46 -20.54
N ARG D 105 -49.94 10.90 -19.85
CA ARG D 105 -50.08 11.45 -18.51
C ARG D 105 -50.82 12.78 -18.50
N ARG D 106 -50.49 13.65 -19.46
CA ARG D 106 -51.14 14.96 -19.60
C ARG D 106 -52.60 14.84 -20.01
N TRP D 107 -52.87 14.01 -21.02
CA TRP D 107 -54.24 13.87 -21.48
C TRP D 107 -55.14 13.17 -20.51
N THR D 108 -54.69 12.04 -19.95
CA THR D 108 -55.46 11.31 -18.93
C THR D 108 -55.77 12.15 -17.70
N ALA D 109 -54.84 12.99 -17.27
CA ALA D 109 -55.10 13.91 -16.16
C ALA D 109 -56.18 14.93 -16.54
N PHE D 110 -55.94 15.65 -17.63
CA PHE D 110 -56.83 16.71 -18.10
C PHE D 110 -58.23 16.18 -18.44
N SER D 111 -58.30 15.16 -19.27
CA SER D 111 -59.58 14.63 -19.72
C SER D 111 -60.40 13.97 -18.60
N THR D 112 -59.73 13.56 -17.53
CA THR D 112 -60.44 13.08 -16.34
C THR D 112 -60.85 14.26 -15.48
N GLY D 113 -59.93 15.20 -15.29
CA GLY D 113 -60.16 16.37 -14.43
C GLY D 113 -61.37 17.19 -14.81
N ILE D 114 -61.44 17.59 -16.09
CA ILE D 114 -62.51 18.47 -16.59
C ILE D 114 -63.92 17.90 -16.44
N LEU D 115 -64.02 16.61 -16.12
CA LEU D 115 -65.29 15.97 -15.81
C LEU D 115 -65.85 16.37 -14.42
N ILE D 116 -65.09 17.19 -13.70
CA ILE D 116 -65.58 17.73 -12.44
C ILE D 116 -66.53 18.91 -12.70
N ILE D 117 -66.38 19.55 -13.86
CA ILE D 117 -67.29 20.63 -14.27
C ILE D 117 -68.76 20.17 -14.35
N PRO D 118 -69.09 19.23 -15.27
CA PRO D 118 -70.49 18.80 -15.29
C PRO D 118 -70.95 18.13 -14.00
N CYS D 119 -70.09 17.35 -13.36
CA CYS D 119 -70.47 16.65 -12.14
C CYS D 119 -70.80 17.57 -10.96
N VAL D 120 -70.43 18.84 -11.06
CA VAL D 120 -70.75 19.82 -10.03
C VAL D 120 -71.96 20.65 -10.44
N TRP D 121 -72.00 21.03 -11.71
CA TRP D 121 -73.05 21.88 -12.27
C TRP D 121 -74.43 21.31 -12.11
N LEU D 122 -74.62 20.03 -12.45
CA LEU D 122 -75.93 19.40 -12.30
C LEU D 122 -76.17 18.84 -10.89
N GLY D 123 -75.17 18.94 -10.03
CA GLY D 123 -75.37 18.71 -8.59
C GLY D 123 -76.07 19.90 -7.98
N PHE D 124 -75.77 21.08 -8.51
CA PHE D 124 -76.39 22.34 -8.10
C PHE D 124 -77.74 22.58 -8.80
N ALA D 125 -77.76 22.37 -10.11
CA ALA D 125 -78.95 22.61 -10.95
C ALA D 125 -80.15 21.76 -10.56
N VAL D 126 -79.88 20.59 -9.98
CA VAL D 126 -80.92 19.65 -9.60
C VAL D 126 -81.68 20.09 -8.33
N GLN D 127 -81.03 20.89 -7.49
CA GLN D 127 -81.66 21.39 -6.26
C GLN D 127 -82.55 22.60 -6.50
N ASP D 128 -82.18 23.43 -7.48
CA ASP D 128 -82.99 24.56 -7.91
C ASP D 128 -84.13 24.03 -8.79
N THR D 129 -85.35 24.18 -8.32
CA THR D 129 -86.54 23.60 -8.97
C THR D 129 -86.89 24.30 -10.29
N SER D 130 -86.52 25.58 -10.40
CA SER D 130 -86.79 26.36 -11.60
C SER D 130 -85.50 26.64 -12.39
N THR D 131 -84.81 25.57 -12.76
CA THR D 131 -83.67 25.65 -13.67
C THR D 131 -84.17 25.30 -15.08
N PRO D 132 -83.88 26.17 -16.07
CA PRO D 132 -84.32 25.95 -17.46
C PRO D 132 -83.81 24.65 -18.10
N TYR D 133 -84.57 24.15 -19.07
CA TYR D 133 -84.21 22.98 -19.87
C TYR D 133 -82.97 23.24 -20.73
N SER D 134 -82.77 24.51 -21.08
CA SER D 134 -81.58 24.95 -21.81
C SER D 134 -80.30 24.58 -21.06
N VAL D 135 -80.29 24.87 -19.75
CA VAL D 135 -79.15 24.55 -18.87
C VAL D 135 -78.95 23.04 -18.73
N PHE D 136 -80.04 22.30 -18.63
CA PHE D 136 -79.97 20.84 -18.50
C PHE D 136 -79.54 20.13 -19.79
N ILE D 137 -79.68 20.82 -20.93
CA ILE D 137 -79.10 20.33 -22.19
C ILE D 137 -77.59 20.51 -22.18
N ILE D 138 -77.12 21.72 -21.89
CA ILE D 138 -75.69 22.04 -21.86
C ILE D 138 -74.90 21.01 -21.05
N ILE D 139 -75.41 20.69 -19.85
CA ILE D 139 -74.76 19.73 -18.97
C ILE D 139 -74.65 18.32 -19.57
N SER D 140 -75.68 17.87 -20.28
CA SER D 140 -75.65 16.53 -20.91
C SER D 140 -74.66 16.44 -22.07
N LEU D 141 -74.48 17.54 -22.79
CA LEU D 141 -73.48 17.61 -23.86
C LEU D 141 -72.06 17.63 -23.30
N LEU D 142 -71.89 18.26 -22.14
CA LEU D 142 -70.62 18.21 -21.42
C LEU D 142 -70.37 16.83 -20.82
N CYS D 143 -71.43 16.17 -20.36
CA CYS D 143 -71.35 14.78 -19.89
C CYS D 143 -70.85 13.84 -20.97
N GLY D 144 -71.05 14.22 -22.23
CA GLY D 144 -70.62 13.40 -23.36
C GLY D 144 -69.14 13.45 -23.65
N PHE D 145 -68.46 14.46 -23.09
CA PHE D 145 -67.01 14.56 -23.18
C PHE D 145 -66.39 13.32 -22.55
N ALA D 146 -66.97 12.88 -21.44
CA ALA D 146 -66.57 11.67 -20.73
C ALA D 146 -66.66 10.43 -21.60
N GLY D 147 -67.46 10.50 -22.66
CA GLY D 147 -67.66 9.36 -23.56
C GLY D 147 -66.50 9.17 -24.52
N ALA D 148 -65.79 10.26 -24.80
CA ALA D 148 -64.67 10.25 -25.73
C ALA D 148 -63.40 9.73 -25.06
N ASN D 149 -63.37 9.76 -23.74
CA ASN D 149 -62.24 9.25 -22.98
C ASN D 149 -61.79 7.87 -23.45
N PHE D 150 -62.76 6.99 -23.71
CA PHE D 150 -62.51 5.63 -24.20
C PHE D 150 -61.58 5.56 -25.41
N ALA D 151 -61.73 6.49 -26.35
CA ALA D 151 -60.91 6.51 -27.56
C ALA D 151 -59.46 6.83 -27.23
N SER D 152 -59.24 7.85 -26.41
CA SER D 152 -57.91 8.30 -26.07
C SER D 152 -57.22 7.28 -25.16
N SER D 153 -57.94 6.83 -24.14
CA SER D 153 -57.43 5.85 -23.17
C SER D 153 -56.96 4.58 -23.88
N MET D 154 -57.70 4.20 -24.91
CA MET D 154 -57.46 2.98 -25.61
C MET D 154 -56.25 3.12 -26.54
N ALA D 155 -56.04 4.32 -27.06
CA ALA D 155 -54.92 4.55 -27.97
C ALA D 155 -53.65 4.60 -27.15
N ASN D 156 -53.70 5.36 -26.06
CA ASN D 156 -52.64 5.37 -25.06
C ASN D 156 -52.17 3.95 -24.71
N ILE D 157 -53.10 3.07 -24.32
CA ILE D 157 -52.73 1.71 -23.96
C ILE D 157 -52.04 0.97 -25.12
N SER D 158 -52.54 1.16 -26.34
CA SER D 158 -51.96 0.50 -27.51
C SER D 158 -50.48 0.86 -27.68
N PHE D 159 -50.09 2.04 -27.17
CA PHE D 159 -48.71 2.53 -27.24
C PHE D 159 -47.80 1.95 -26.18
N PHE D 160 -48.35 1.65 -25.02
CA PHE D 160 -47.55 1.08 -23.95
C PHE D 160 -47.26 -0.40 -24.09
N PHE D 161 -48.09 -1.14 -24.81
CA PHE D 161 -47.89 -2.58 -24.84
C PHE D 161 -47.40 -3.07 -26.19
N PRO D 162 -46.44 -4.02 -26.18
CA PRO D 162 -45.94 -4.64 -27.42
C PRO D 162 -47.10 -5.14 -28.26
N LYS D 163 -46.96 -5.15 -29.58
CA LYS D 163 -48.08 -5.44 -30.46
C LYS D 163 -48.45 -6.92 -30.48
N GLN D 164 -48.20 -7.62 -29.38
CA GLN D 164 -48.65 -9.01 -29.24
C GLN D 164 -49.22 -9.26 -27.85
N LYS D 165 -48.84 -8.42 -26.90
CA LYS D 165 -49.46 -8.44 -25.56
C LYS D 165 -50.65 -7.47 -25.45
N GLN D 166 -50.88 -6.70 -26.51
CA GLN D 166 -51.89 -5.65 -26.52
C GLN D 166 -53.30 -6.15 -26.20
N GLY D 167 -53.58 -7.40 -26.58
CA GLY D 167 -54.90 -7.98 -26.41
C GLY D 167 -55.39 -7.89 -24.98
N GLY D 168 -54.74 -8.62 -24.09
CA GLY D 168 -55.13 -8.67 -22.70
C GLY D 168 -55.21 -7.31 -22.04
N ALA D 169 -54.29 -6.42 -22.40
CA ALA D 169 -54.24 -5.09 -21.83
C ALA D 169 -55.39 -4.23 -22.36
N LEU D 170 -55.60 -4.27 -23.66
CA LEU D 170 -56.75 -3.58 -24.25
C LEU D 170 -58.08 -4.21 -23.77
N GLY D 171 -58.13 -5.53 -23.76
CA GLY D 171 -59.25 -6.28 -23.16
C GLY D 171 -59.54 -5.81 -21.74
N LEU D 172 -58.52 -5.79 -20.89
CA LEU D 172 -58.65 -5.28 -19.53
C LEU D 172 -59.08 -3.83 -19.43
N ASN D 173 -58.46 -2.96 -20.25
CA ASN D 173 -58.73 -1.53 -20.21
C ASN D 173 -60.18 -1.25 -20.59
N GLY D 174 -60.56 -1.73 -21.77
CA GLY D 174 -61.89 -1.50 -22.30
C GLY D 174 -63.00 -2.21 -21.55
N GLY D 175 -62.73 -3.46 -21.14
CA GLY D 175 -63.68 -4.27 -20.38
C GLY D 175 -64.07 -3.56 -19.10
N LEU D 176 -63.10 -3.36 -18.22
CA LEU D 176 -63.33 -2.65 -16.96
C LEU D 176 -63.76 -1.20 -17.16
N GLY D 177 -63.47 -0.65 -18.34
CA GLY D 177 -63.95 0.68 -18.71
C GLY D 177 -65.45 0.67 -18.91
N ASN D 178 -65.92 -0.26 -19.75
CA ASN D 178 -67.34 -0.44 -20.05
C ASN D 178 -68.19 -0.71 -18.80
N MET D 179 -67.54 -1.16 -17.74
CA MET D 179 -68.19 -1.48 -16.48
C MET D 179 -68.55 -0.23 -15.66
N GLY D 180 -68.28 0.95 -16.22
CA GLY D 180 -68.57 2.21 -15.53
C GLY D 180 -70.04 2.54 -15.39
N VAL D 181 -70.79 2.26 -16.45
CA VAL D 181 -72.25 2.44 -16.48
C VAL D 181 -72.89 1.58 -15.39
N SER D 182 -72.59 0.29 -15.41
CA SER D 182 -73.03 -0.65 -14.39
C SER D 182 -72.71 -0.19 -12.96
N VAL D 183 -71.53 0.38 -12.76
CA VAL D 183 -71.11 0.85 -11.44
C VAL D 183 -71.98 2.01 -10.94
N MET D 184 -72.23 2.99 -11.81
CA MET D 184 -73.07 4.14 -11.48
C MET D 184 -74.47 3.75 -11.02
N GLN D 185 -75.13 2.93 -11.83
CA GLN D 185 -76.51 2.56 -11.60
C GLN D 185 -76.71 1.69 -10.35
N LEU D 186 -75.61 1.17 -9.81
CA LEU D 186 -75.62 0.51 -8.51
C LEU D 186 -75.46 1.55 -7.40
N VAL D 187 -74.63 2.56 -7.68
CA VAL D 187 -74.25 3.55 -6.68
C VAL D 187 -75.26 4.68 -6.56
N ALA D 188 -75.52 5.38 -7.68
CA ALA D 188 -76.30 6.63 -7.68
C ALA D 188 -77.70 6.54 -7.03
N PRO D 189 -78.48 5.49 -7.36
CA PRO D 189 -79.68 5.21 -6.56
C PRO D 189 -79.39 5.03 -5.06
N LEU D 190 -78.43 4.19 -4.71
CA LEU D 190 -78.11 3.94 -3.30
C LEU D 190 -77.64 5.17 -2.51
N VAL D 191 -76.92 6.07 -3.19
CA VAL D 191 -76.33 7.21 -2.52
C VAL D 191 -77.36 8.35 -2.34
N VAL D 192 -78.42 8.29 -3.13
CA VAL D 192 -79.41 9.37 -3.22
C VAL D 192 -80.15 9.68 -1.89
N SER D 193 -79.95 8.80 -0.90
CA SER D 193 -80.54 8.96 0.42
C SER D 193 -79.79 9.97 1.31
N LEU D 194 -78.57 9.60 1.69
CA LEU D 194 -77.83 10.25 2.78
C LEU D 194 -77.29 11.63 2.40
N TYR D 214 -80.88 15.00 -1.82
CA TYR D 214 -81.20 13.78 -2.56
C TYR D 214 -80.38 13.64 -3.83
N LEU D 215 -80.81 14.32 -4.90
CA LEU D 215 -80.24 14.10 -6.24
C LEU D 215 -78.82 14.62 -6.46
N ALA D 216 -78.40 15.59 -5.67
CA ALA D 216 -77.02 16.10 -5.77
C ALA D 216 -75.99 14.96 -5.68
N ASN D 217 -76.27 13.98 -4.81
CA ASN D 217 -75.38 12.83 -4.57
C ASN D 217 -75.14 11.91 -5.75
N ALA D 218 -76.10 11.82 -6.66
CA ALA D 218 -75.93 11.07 -7.90
C ALA D 218 -74.84 11.71 -8.77
N SER D 219 -74.56 12.97 -8.50
CA SER D 219 -73.56 13.73 -9.23
C SER D 219 -72.30 13.99 -8.40
N TRP D 220 -72.49 14.31 -7.12
CA TRP D 220 -71.38 14.74 -6.26
C TRP D 220 -70.53 13.65 -5.68
N ILE D 221 -71.02 12.41 -5.69
CA ILE D 221 -70.21 11.30 -5.16
C ILE D 221 -69.01 10.98 -6.06
N TRP D 222 -68.96 11.62 -7.22
CA TRP D 222 -67.87 11.38 -8.15
C TRP D 222 -66.78 12.42 -8.18
N VAL D 223 -67.01 13.54 -7.51
CA VAL D 223 -66.01 14.61 -7.46
C VAL D 223 -64.80 14.28 -6.57
N PRO D 224 -64.99 13.54 -5.46
CA PRO D 224 -63.77 13.09 -4.80
C PRO D 224 -63.00 12.07 -5.65
N PHE D 225 -63.71 11.12 -6.26
CA PHE D 225 -63.08 10.05 -7.04
C PHE D 225 -62.35 10.56 -8.29
N LEU D 226 -62.95 11.51 -9.00
CA LEU D 226 -62.36 12.08 -10.21
C LEU D 226 -61.10 12.88 -9.89
N ALA D 227 -61.11 13.58 -8.76
CA ALA D 227 -59.96 14.35 -8.31
C ALA D 227 -58.83 13.44 -7.87
N ILE D 228 -59.16 12.41 -7.07
CA ILE D 228 -58.18 11.42 -6.63
C ILE D 228 -57.36 10.89 -7.81
N PHE D 229 -58.04 10.54 -8.91
CA PHE D 229 -57.37 9.91 -10.05
C PHE D 229 -56.88 10.88 -11.14
N THR D 230 -57.16 12.18 -10.99
CA THR D 230 -56.49 13.18 -11.81
C THR D 230 -55.08 13.38 -11.25
N ILE D 231 -55.00 13.54 -9.93
CA ILE D 231 -53.73 13.58 -9.21
C ILE D 231 -52.96 12.28 -9.44
N ALA D 232 -53.67 11.14 -9.40
CA ALA D 232 -53.02 9.85 -9.57
C ALA D 232 -52.38 9.65 -10.95
N ALA D 233 -53.06 10.12 -12.00
CA ALA D 233 -52.51 10.02 -13.35
C ALA D 233 -51.36 11.02 -13.53
N TRP D 234 -51.55 12.23 -13.03
CA TRP D 234 -50.59 13.33 -13.19
C TRP D 234 -49.23 13.04 -12.59
N PHE D 235 -49.18 12.22 -11.54
CA PHE D 235 -47.93 11.83 -10.91
C PHE D 235 -47.48 10.42 -11.31
N GLY D 236 -48.44 9.51 -11.42
CA GLY D 236 -48.16 8.11 -11.69
C GLY D 236 -47.96 7.70 -13.13
N MET D 237 -48.57 8.43 -14.07
CA MET D 237 -48.46 8.05 -15.48
C MET D 237 -47.28 8.71 -16.19
N ASN D 238 -46.97 8.22 -17.40
CA ASN D 238 -45.86 8.70 -18.20
C ASN D 238 -46.29 9.13 -19.60
N ASP D 239 -45.63 10.15 -20.15
CA ASP D 239 -45.84 10.59 -21.54
C ASP D 239 -44.73 10.02 -22.40
N LEU D 240 -45.10 9.36 -23.49
CA LEU D 240 -44.14 8.84 -24.45
C LEU D 240 -43.75 9.92 -25.47
N ALA D 241 -42.57 9.80 -26.06
CA ALA D 241 -42.07 10.78 -27.05
C ALA D 241 -42.75 10.61 -28.43
N LEU D 259 -63.30 -0.65 -42.72
CA LEU D 259 -64.56 -0.89 -43.41
C LEU D 259 -65.72 -0.14 -42.74
N TRP D 260 -66.60 0.42 -43.56
CA TRP D 260 -67.82 1.06 -43.07
C TRP D 260 -68.79 0.07 -42.51
N ILE D 261 -68.81 -1.13 -43.10
CA ILE D 261 -69.68 -2.24 -42.66
C ILE D 261 -69.34 -2.67 -41.23
N MET D 262 -68.05 -2.64 -40.89
CA MET D 262 -67.60 -2.98 -39.54
C MET D 262 -68.06 -1.98 -38.49
N SER D 263 -68.10 -0.70 -38.90
CA SER D 263 -68.64 0.36 -38.06
C SER D 263 -70.12 0.12 -37.79
N LEU D 264 -70.84 -0.31 -38.84
CA LEU D 264 -72.27 -0.56 -38.76
C LEU D 264 -72.59 -1.76 -37.87
N LEU D 265 -71.68 -2.73 -37.82
CA LEU D 265 -71.88 -3.92 -36.98
C LEU D 265 -71.55 -3.65 -35.52
N TYR D 266 -70.57 -2.78 -35.29
CA TYR D 266 -70.24 -2.33 -33.94
C TYR D 266 -71.33 -1.41 -33.42
N LEU D 267 -71.91 -0.62 -34.32
CA LEU D 267 -73.08 0.22 -34.03
C LEU D 267 -74.27 -0.63 -33.59
N ALA D 268 -74.43 -1.78 -34.22
CA ALA D 268 -75.52 -2.70 -33.90
C ALA D 268 -75.30 -3.42 -32.58
N THR D 269 -74.05 -3.50 -32.15
CA THR D 269 -73.71 -4.22 -30.93
C THR D 269 -73.50 -3.26 -29.76
N PHE D 270 -72.48 -2.42 -29.87
CA PHE D 270 -72.13 -1.51 -28.81
C PHE D 270 -73.11 -0.35 -28.69
N GLY D 271 -73.50 0.21 -29.83
CA GLY D 271 -74.52 1.26 -29.88
C GLY D 271 -75.79 0.82 -29.16
N SER D 272 -76.04 -0.49 -29.20
CA SER D 272 -77.19 -1.09 -28.54
C SER D 272 -76.98 -1.14 -27.03
N PHE D 273 -75.86 -1.69 -26.60
CA PHE D 273 -75.49 -1.72 -25.18
C PHE D 273 -75.64 -0.33 -24.56
N ILE D 274 -75.03 0.66 -25.20
CA ILE D 274 -74.99 2.02 -24.70
C ILE D 274 -76.32 2.75 -24.93
N GLY D 275 -77.08 2.30 -25.93
CA GLY D 275 -78.44 2.79 -26.15
C GLY D 275 -79.40 2.30 -25.09
N PHE D 276 -79.41 0.98 -24.86
CA PHE D 276 -80.26 0.37 -23.85
C PHE D 276 -79.85 0.79 -22.44
N SER D 277 -78.57 1.09 -22.24
CA SER D 277 -78.09 1.56 -20.94
C SER D 277 -78.73 2.89 -20.54
N ALA D 278 -78.84 3.80 -21.49
CA ALA D 278 -79.44 5.12 -21.25
C ALA D 278 -80.98 5.06 -21.19
N GLY D 279 -81.57 4.35 -22.15
CA GLY D 279 -83.01 4.32 -22.31
C GLY D 279 -83.81 3.38 -21.43
N PHE D 280 -83.19 2.33 -20.91
CA PHE D 280 -83.92 1.26 -20.21
C PHE D 280 -84.71 1.69 -18.97
N ALA D 281 -84.08 2.44 -18.08
CA ALA D 281 -84.76 2.93 -16.87
C ALA D 281 -85.89 3.89 -17.24
N MET D 282 -85.57 4.81 -18.15
CA MET D 282 -86.50 5.83 -18.65
C MET D 282 -87.67 5.23 -19.46
N LEU D 283 -87.55 3.97 -19.86
CA LEU D 283 -88.63 3.25 -20.53
C LEU D 283 -89.38 2.36 -19.55
N SER D 284 -88.64 1.61 -18.72
CA SER D 284 -89.25 0.76 -17.70
C SER D 284 -89.94 1.60 -16.61
N LYS D 285 -90.05 2.89 -16.87
CA LYS D 285 -90.82 3.79 -16.01
C LYS D 285 -92.17 4.06 -16.66
N THR D 286 -92.15 4.57 -17.89
CA THR D 286 -93.37 4.87 -18.65
C THR D 286 -94.18 3.62 -19.01
N GLN D 287 -93.64 2.44 -18.70
CA GLN D 287 -94.34 1.17 -18.97
C GLN D 287 -94.78 0.48 -17.69
N PHE D 288 -93.94 0.57 -16.67
CA PHE D 288 -94.26 -0.02 -15.37
C PHE D 288 -93.99 0.99 -14.25
N PRO D 289 -94.85 2.04 -14.13
CA PRO D 289 -94.60 3.11 -13.15
C PRO D 289 -94.75 2.65 -11.71
N ASP D 290 -95.24 1.42 -11.53
CA ASP D 290 -95.45 0.82 -10.22
C ASP D 290 -94.16 0.25 -9.59
N VAL D 291 -93.14 0.05 -10.41
CA VAL D 291 -91.86 -0.50 -9.95
C VAL D 291 -90.69 0.48 -10.13
N GLN D 292 -89.94 0.71 -9.04
CA GLN D 292 -88.72 1.53 -9.08
C GLN D 292 -87.58 0.74 -9.71
N ILE D 293 -87.33 1.06 -10.98
CA ILE D 293 -86.42 0.32 -11.82
C ILE D 293 -84.96 0.51 -11.39
N LEU D 294 -84.64 1.69 -10.85
CA LEU D 294 -83.27 2.03 -10.48
C LEU D 294 -82.63 1.11 -9.44
N GLN D 295 -83.43 0.29 -8.79
CA GLN D 295 -82.90 -0.68 -7.84
C GLN D 295 -82.53 -1.98 -8.54
N TYR D 296 -82.81 -2.05 -9.84
CA TYR D 296 -82.55 -3.25 -10.64
C TYR D 296 -81.78 -2.97 -11.94
N ALA D 297 -81.85 -1.73 -12.43
CA ALA D 297 -81.29 -1.33 -13.73
C ALA D 297 -79.81 -1.70 -13.91
N PHE D 298 -78.99 -1.47 -12.88
CA PHE D 298 -77.54 -1.70 -12.92
C PHE D 298 -77.16 -3.10 -13.46
N PHE D 299 -77.94 -4.09 -13.07
CA PHE D 299 -77.69 -5.49 -13.42
C PHE D 299 -77.69 -5.71 -14.93
N GLY D 300 -78.34 -4.81 -15.66
CA GLY D 300 -78.39 -4.85 -17.12
C GLY D 300 -77.01 -4.63 -17.75
N PRO D 301 -76.49 -3.40 -17.66
CA PRO D 301 -75.14 -3.04 -18.13
C PRO D 301 -73.99 -3.88 -17.53
N PHE D 302 -74.18 -4.42 -16.33
CA PHE D 302 -73.20 -5.30 -15.70
C PHE D 302 -73.07 -6.58 -16.49
N ILE D 303 -74.22 -7.16 -16.85
CA ILE D 303 -74.25 -8.41 -17.61
C ILE D 303 -73.83 -8.13 -19.05
N GLY D 304 -74.12 -6.92 -19.54
CA GLY D 304 -73.69 -6.51 -20.86
C GLY D 304 -72.17 -6.45 -20.97
N ALA D 305 -71.56 -5.65 -20.10
CA ALA D 305 -70.10 -5.45 -20.10
C ALA D 305 -69.35 -6.77 -19.92
N LEU D 306 -69.77 -7.57 -18.94
CA LEU D 306 -69.13 -8.87 -18.70
C LEU D 306 -69.28 -9.82 -19.89
N ALA D 307 -70.36 -9.66 -20.67
CA ALA D 307 -70.57 -10.47 -21.89
C ALA D 307 -69.61 -10.08 -23.02
N ARG D 308 -69.08 -8.86 -22.95
CA ARG D 308 -68.11 -8.38 -23.94
C ARG D 308 -66.78 -9.12 -23.82
N SER D 309 -66.39 -9.44 -22.59
CA SER D 309 -65.15 -10.19 -22.32
C SER D 309 -65.19 -11.56 -22.97
N ALA D 310 -66.26 -12.31 -22.71
CA ALA D 310 -66.39 -13.67 -23.23
C ALA D 310 -66.74 -13.68 -24.72
N GLY D 311 -67.07 -12.50 -25.25
CA GLY D 311 -67.48 -12.35 -26.65
C GLY D 311 -66.38 -12.68 -27.63
N GLY D 312 -65.16 -12.21 -27.34
CA GLY D 312 -63.98 -12.49 -28.15
C GLY D 312 -63.45 -13.89 -27.89
N ALA D 313 -63.41 -14.28 -26.61
CA ALA D 313 -62.98 -15.62 -26.20
C ALA D 313 -63.86 -16.72 -26.79
N LEU D 314 -65.15 -16.44 -26.93
CA LEU D 314 -66.08 -17.34 -27.61
C LEU D 314 -65.74 -17.38 -29.11
N SER D 315 -65.58 -16.18 -29.66
CA SER D 315 -65.43 -15.96 -31.10
C SER D 315 -64.13 -16.53 -31.68
N ASP D 316 -63.03 -16.44 -30.93
CA ASP D 316 -61.78 -17.05 -31.41
C ASP D 316 -61.77 -18.57 -31.23
N ARG D 317 -62.87 -19.10 -30.68
CA ARG D 317 -63.04 -20.56 -30.56
C ARG D 317 -64.04 -21.13 -31.58
N LEU D 318 -65.05 -20.35 -31.98
CA LEU D 318 -65.96 -20.78 -33.04
C LEU D 318 -66.32 -19.72 -34.09
N GLY D 319 -65.32 -18.94 -34.50
CA GLY D 319 -65.45 -18.05 -35.65
C GLY D 319 -66.08 -16.69 -35.38
N GLY D 320 -65.38 -15.65 -35.78
CA GLY D 320 -65.84 -14.27 -35.61
C GLY D 320 -67.13 -13.96 -36.32
N THR D 321 -67.19 -14.34 -37.60
CA THR D 321 -68.37 -14.08 -38.43
C THR D 321 -69.56 -14.94 -38.02
N ARG D 322 -69.31 -16.18 -37.61
CA ARG D 322 -70.37 -17.07 -37.13
C ARG D 322 -71.09 -16.54 -35.89
N VAL D 323 -70.33 -16.33 -34.81
CA VAL D 323 -70.89 -15.80 -33.56
C VAL D 323 -71.66 -14.51 -33.82
N THR D 324 -71.02 -13.53 -34.47
CA THR D 324 -71.68 -12.28 -34.83
C THR D 324 -72.98 -12.50 -35.63
N LEU D 325 -72.99 -13.50 -36.50
CA LEU D 325 -74.18 -13.87 -37.29
C LEU D 325 -75.30 -14.43 -36.40
N VAL D 326 -74.98 -15.44 -35.62
CA VAL D 326 -75.93 -16.15 -34.76
C VAL D 326 -76.42 -15.28 -33.59
N ASN D 327 -75.58 -14.32 -33.19
CA ASN D 327 -75.92 -13.36 -32.12
C ASN D 327 -76.91 -12.29 -32.61
N PHE D 328 -76.92 -12.03 -33.91
CA PHE D 328 -77.88 -11.08 -34.48
C PHE D 328 -79.23 -11.75 -34.74
N ILE D 329 -79.22 -13.09 -34.79
CA ILE D 329 -80.45 -13.88 -34.77
C ILE D 329 -81.15 -13.70 -33.43
N LEU D 330 -80.38 -13.78 -32.34
CA LEU D 330 -80.89 -13.59 -30.97
C LEU D 330 -81.27 -12.13 -30.70
N MET D 331 -80.56 -11.19 -31.33
CA MET D 331 -80.83 -9.77 -31.17
C MET D 331 -81.97 -9.33 -32.09
N ALA D 332 -82.54 -10.29 -32.82
CA ALA D 332 -83.78 -10.11 -33.57
C ALA D 332 -84.92 -10.78 -32.81
N ILE D 333 -84.72 -12.06 -32.45
CA ILE D 333 -85.65 -12.80 -31.60
C ILE D 333 -86.00 -12.06 -30.33
N PHE D 334 -84.98 -11.61 -29.58
CA PHE D 334 -85.21 -10.86 -28.35
C PHE D 334 -85.78 -9.46 -28.61
N SER D 335 -85.52 -8.90 -29.78
CA SER D 335 -86.10 -7.61 -30.18
C SER D 335 -87.60 -7.73 -30.45
N GLY D 336 -88.05 -8.95 -30.77
CA GLY D 336 -89.45 -9.21 -31.05
C GLY D 336 -90.23 -9.68 -29.82
N LEU D 337 -89.62 -10.59 -29.05
CA LEU D 337 -90.25 -11.12 -27.83
C LEU D 337 -90.46 -10.04 -26.77
N LEU D 338 -90.11 -8.80 -27.11
CA LEU D 338 -90.34 -7.66 -26.23
C LEU D 338 -91.75 -7.09 -26.45
N PHE D 339 -92.26 -7.23 -27.68
CA PHE D 339 -93.63 -6.85 -28.01
C PHE D 339 -94.63 -7.61 -27.14
N LEU D 340 -94.28 -8.84 -26.80
CA LEU D 340 -95.13 -9.76 -26.03
C LEU D 340 -94.90 -9.65 -24.52
N THR D 341 -94.49 -8.47 -24.06
CA THR D 341 -94.36 -8.16 -22.63
C THR D 341 -94.95 -6.80 -22.26
N LEU D 342 -95.33 -6.02 -23.27
CA LEU D 342 -95.95 -4.71 -23.08
C LEU D 342 -97.44 -4.84 -22.76
N PHE D 351 -93.94 -8.18 -15.76
CA PHE D 351 -92.68 -7.43 -15.66
C PHE D 351 -91.45 -8.34 -15.71
N MET D 352 -91.48 -9.43 -14.93
CA MET D 352 -90.39 -10.42 -14.91
C MET D 352 -89.89 -10.75 -16.32
N ALA D 353 -90.83 -11.04 -17.23
CA ALA D 353 -90.52 -11.38 -18.61
C ALA D 353 -89.97 -10.19 -19.41
N PHE D 354 -90.50 -8.99 -19.15
CA PHE D 354 -90.01 -7.75 -19.76
C PHE D 354 -88.55 -7.51 -19.35
N PHE D 355 -88.25 -7.80 -18.09
CA PHE D 355 -86.92 -7.62 -17.52
C PHE D 355 -85.91 -8.65 -18.05
N ALA D 356 -86.30 -9.92 -18.09
CA ALA D 356 -85.43 -11.02 -18.55
C ALA D 356 -85.12 -10.98 -20.05
N VAL D 357 -86.09 -10.55 -20.86
CA VAL D 357 -85.88 -10.35 -22.30
C VAL D 357 -84.94 -9.17 -22.54
N PHE D 358 -85.09 -8.12 -21.72
CA PHE D 358 -84.21 -6.95 -21.79
C PHE D 358 -82.86 -7.25 -21.16
N LEU D 359 -82.85 -8.11 -20.14
CA LEU D 359 -81.63 -8.64 -19.55
C LEU D 359 -80.87 -9.49 -20.58
N ALA D 360 -81.59 -10.07 -21.52
CA ALA D 360 -80.98 -10.82 -22.62
C ALA D 360 -80.56 -9.89 -23.76
N LEU D 361 -81.21 -8.74 -23.89
CA LEU D 361 -80.84 -7.75 -24.90
C LEU D 361 -79.59 -6.94 -24.55
N PHE D 362 -79.20 -6.96 -23.27
CA PHE D 362 -77.94 -6.40 -22.82
C PHE D 362 -76.84 -7.43 -23.05
N LEU D 363 -77.18 -8.68 -22.73
CA LEU D 363 -76.30 -9.85 -22.86
C LEU D 363 -75.91 -10.10 -24.31
N THR D 364 -76.86 -9.95 -25.22
CA THR D 364 -76.62 -10.08 -26.66
C THR D 364 -75.85 -8.89 -27.23
N ALA D 365 -75.98 -7.73 -26.58
CA ALA D 365 -75.25 -6.52 -26.97
C ALA D 365 -73.81 -6.61 -26.51
N GLY D 366 -73.58 -7.44 -25.49
CA GLY D 366 -72.25 -7.67 -24.96
C GLY D 366 -71.42 -8.53 -25.88
N LEU D 367 -71.81 -9.81 -26.00
CA LEU D 367 -71.16 -10.75 -26.92
C LEU D 367 -70.90 -10.10 -28.27
N GLY D 368 -71.92 -9.43 -28.80
CA GLY D 368 -71.83 -8.74 -30.08
C GLY D 368 -70.64 -7.80 -30.18
N SER D 369 -70.44 -7.00 -29.14
CA SER D 369 -69.32 -6.05 -29.09
C SER D 369 -67.95 -6.75 -29.07
N GLY D 370 -67.85 -7.78 -28.24
CA GLY D 370 -66.63 -8.57 -28.11
C GLY D 370 -66.34 -9.42 -29.34
N SER D 371 -67.39 -9.72 -30.09
CA SER D 371 -67.29 -10.53 -31.30
C SER D 371 -67.01 -9.67 -32.53
N THR D 372 -67.45 -8.41 -32.51
CA THR D 372 -67.18 -7.45 -33.59
C THR D 372 -65.72 -6.97 -33.55
N PHE D 373 -65.16 -6.84 -32.34
CA PHE D 373 -63.77 -6.47 -32.17
C PHE D 373 -62.83 -7.50 -32.79
N GLN D 374 -62.98 -8.75 -32.38
CA GLN D 374 -62.14 -9.83 -32.90
C GLN D 374 -62.40 -10.08 -34.39
N MET D 375 -63.61 -9.75 -34.85
CA MET D 375 -63.89 -9.73 -36.28
C MET D 375 -63.06 -8.68 -37.02
N ILE D 376 -63.01 -7.46 -36.47
CA ILE D 376 -62.17 -6.38 -37.00
C ILE D 376 -60.69 -6.78 -36.92
N SER D 377 -60.26 -7.18 -35.72
CA SER D 377 -58.91 -7.64 -35.48
C SER D 377 -58.46 -8.66 -36.53
N VAL D 378 -59.32 -9.63 -36.84
CA VAL D 378 -59.04 -10.66 -37.85
C VAL D 378 -58.96 -10.12 -39.28
N ILE D 379 -59.86 -9.19 -39.61
CA ILE D 379 -59.87 -8.51 -40.91
C ILE D 379 -58.51 -7.85 -41.21
N PHE D 380 -58.01 -7.07 -40.25
CA PHE D 380 -56.73 -6.38 -40.41
C PHE D 380 -55.55 -7.35 -40.42
N ARG D 381 -55.65 -8.41 -39.61
CA ARG D 381 -54.62 -9.44 -39.55
C ARG D 381 -54.50 -10.27 -40.82
N LYS D 382 -55.63 -10.45 -41.51
CA LYS D 382 -55.65 -11.14 -42.81
C LYS D 382 -55.08 -10.25 -43.91
N LEU D 383 -55.44 -8.98 -43.89
CA LEU D 383 -54.95 -8.01 -44.89
C LEU D 383 -53.44 -7.81 -44.82
N THR D 384 -52.92 -7.38 -43.67
CA THR D 384 -51.48 -7.16 -43.51
C THR D 384 -50.66 -8.41 -43.78
N MET D 385 -51.21 -9.58 -43.48
CA MET D 385 -50.55 -10.84 -43.82
C MET D 385 -50.26 -10.90 -45.31
N ASP D 386 -51.29 -10.63 -46.13
CA ASP D 386 -51.21 -10.70 -47.60
C ASP D 386 -50.29 -9.64 -48.20
N ARG D 387 -50.35 -8.42 -47.67
CA ARG D 387 -49.53 -7.31 -48.11
C ARG D 387 -48.06 -7.61 -47.85
N VAL D 388 -47.77 -8.02 -46.60
CA VAL D 388 -46.42 -8.40 -46.16
C VAL D 388 -45.84 -9.55 -47.00
N LYS D 389 -46.64 -10.59 -47.25
CA LYS D 389 -46.19 -11.70 -48.10
C LYS D 389 -45.94 -11.28 -49.55
N ALA D 390 -46.64 -10.26 -50.02
CA ALA D 390 -46.36 -9.69 -51.34
C ALA D 390 -45.05 -8.89 -51.32
N GLU D 391 -44.89 -8.01 -50.33
CA GLU D 391 -43.60 -7.38 -50.05
C GLU D 391 -42.52 -8.44 -49.79
N GLY D 392 -42.91 -9.54 -49.15
CA GLY D 392 -42.02 -10.66 -48.89
C GLY D 392 -41.22 -10.55 -47.61
N GLY D 393 -41.81 -9.88 -46.60
CA GLY D 393 -41.23 -9.77 -45.27
C GLY D 393 -41.67 -10.88 -44.34
N SER D 394 -41.66 -10.60 -43.04
CA SER D 394 -41.87 -11.62 -42.00
C SER D 394 -43.23 -11.49 -41.31
N ASP D 395 -43.70 -12.60 -40.74
CA ASP D 395 -44.99 -12.63 -40.03
C ASP D 395 -45.03 -11.63 -38.87
N GLU D 396 -43.90 -11.42 -38.21
CA GLU D 396 -43.77 -10.42 -37.15
C GLU D 396 -44.21 -9.05 -37.62
N ARG D 397 -43.64 -8.58 -38.73
CA ARG D 397 -44.05 -7.31 -39.33
C ARG D 397 -45.57 -7.31 -39.52
N ALA D 398 -46.07 -8.35 -40.19
CA ALA D 398 -47.51 -8.54 -40.41
C ALA D 398 -48.33 -8.47 -39.12
N MET D 399 -47.85 -9.10 -38.05
CA MET D 399 -48.53 -9.03 -36.76
C MET D 399 -48.54 -7.61 -36.22
N ARG D 400 -47.36 -7.02 -36.08
CA ARG D 400 -47.23 -5.67 -35.52
C ARG D 400 -48.05 -4.62 -36.28
N GLU D 401 -48.13 -4.76 -37.61
CA GLU D 401 -48.86 -3.83 -38.46
C GLU D 401 -50.38 -3.97 -38.34
N ALA D 402 -50.85 -5.21 -38.29
CA ALA D 402 -52.25 -5.52 -38.01
C ALA D 402 -52.69 -4.84 -36.73
N ALA D 403 -51.94 -5.07 -35.65
CA ALA D 403 -52.20 -4.48 -34.33
C ALA D 403 -52.20 -2.95 -34.35
N THR D 404 -51.35 -2.36 -35.19
CA THR D 404 -51.30 -0.90 -35.40
C THR D 404 -52.50 -0.39 -36.20
N ASP D 405 -52.93 -1.20 -37.16
CA ASP D 405 -54.03 -0.82 -38.04
C ASP D 405 -55.37 -0.87 -37.31
N THR D 406 -55.58 -1.93 -36.52
CA THR D 406 -56.83 -2.06 -35.78
C THR D 406 -56.92 -0.98 -34.69
N ALA D 407 -55.79 -0.60 -34.12
CA ALA D 407 -55.74 0.43 -33.07
C ALA D 407 -55.96 1.83 -33.62
N ALA D 408 -55.45 2.09 -34.81
CA ALA D 408 -55.63 3.37 -35.47
C ALA D 408 -57.04 3.50 -36.04
N ALA D 409 -57.62 2.39 -36.46
CA ALA D 409 -59.00 2.39 -36.96
C ALA D 409 -60.02 2.52 -35.83
N LEU D 410 -59.63 2.15 -34.62
CA LEU D 410 -60.53 2.10 -33.46
C LEU D 410 -61.19 3.46 -33.12
N GLY D 411 -60.43 4.55 -33.26
CA GLY D 411 -60.94 5.89 -32.97
C GLY D 411 -62.12 6.32 -33.85
N PHE D 412 -62.21 5.71 -35.03
CA PHE D 412 -63.28 5.97 -35.98
C PHE D 412 -64.45 4.99 -35.78
N ILE D 413 -64.11 3.69 -35.66
CA ILE D 413 -65.12 2.64 -35.47
C ILE D 413 -65.92 2.85 -34.19
N SER D 414 -65.26 3.33 -33.14
CA SER D 414 -65.92 3.57 -31.86
C SER D 414 -66.70 4.89 -31.82
N ALA D 415 -66.45 5.76 -32.79
CA ALA D 415 -67.23 6.99 -32.96
C ALA D 415 -68.57 6.71 -33.62
N ILE D 416 -68.56 5.97 -34.75
CA ILE D 416 -69.78 5.50 -35.40
C ILE D 416 -70.61 4.69 -34.41
N GLY D 417 -69.97 3.74 -33.73
CA GLY D 417 -70.64 2.86 -32.77
C GLY D 417 -71.28 3.59 -31.60
N ALA D 418 -70.80 4.80 -31.32
CA ALA D 418 -71.30 5.57 -30.19
C ALA D 418 -72.54 6.38 -30.52
N ILE D 419 -72.93 6.39 -31.80
CA ILE D 419 -74.08 7.17 -32.25
C ILE D 419 -75.41 6.50 -31.89
N GLY D 420 -75.36 5.21 -31.58
CA GLY D 420 -76.54 4.44 -31.19
C GLY D 420 -77.01 4.68 -29.77
N GLY D 421 -76.13 5.24 -28.95
CA GLY D 421 -76.51 5.65 -27.60
C GLY D 421 -77.32 6.91 -27.63
N PHE D 422 -77.39 7.54 -28.80
CA PHE D 422 -78.26 8.69 -29.02
C PHE D 422 -79.57 8.26 -29.66
N PHE D 423 -79.49 7.44 -30.69
CA PHE D 423 -80.66 7.02 -31.44
C PHE D 423 -81.65 6.23 -30.61
N ILE D 424 -81.24 5.07 -30.12
CA ILE D 424 -82.11 4.20 -29.29
C ILE D 424 -82.98 4.93 -28.25
N PRO D 425 -82.40 5.83 -27.43
CA PRO D 425 -83.28 6.55 -26.50
C PRO D 425 -84.12 7.66 -27.14
N LYS D 426 -83.56 8.37 -28.14
CA LYS D 426 -84.30 9.39 -28.87
C LYS D 426 -85.44 8.79 -29.72
N ALA D 427 -85.22 7.57 -30.21
CA ALA D 427 -86.26 6.80 -30.89
C ALA D 427 -87.37 6.43 -29.92
N PHE D 428 -87.00 5.93 -28.75
CA PHE D 428 -87.96 5.65 -27.69
C PHE D 428 -88.69 6.92 -27.24
N GLY D 429 -88.04 8.06 -27.42
CA GLY D 429 -88.64 9.36 -27.10
C GLY D 429 -89.71 9.77 -28.10
N SER D 430 -89.37 9.72 -29.38
CA SER D 430 -90.29 10.12 -30.46
C SER D 430 -91.46 9.14 -30.66
N SER D 431 -91.18 7.84 -30.54
CA SER D 431 -92.21 6.81 -30.65
C SER D 431 -93.27 6.95 -29.54
N LEU D 432 -92.82 7.33 -28.34
CA LEU D 432 -93.69 7.48 -27.18
C LEU D 432 -94.36 8.85 -27.15
N ALA D 433 -93.85 9.79 -27.94
CA ALA D 433 -94.42 11.14 -28.00
C ALA D 433 -95.40 11.28 -29.15
N LEU D 434 -95.12 10.60 -30.26
CA LEU D 434 -96.03 10.58 -31.42
C LEU D 434 -97.20 9.64 -31.16
N THR D 435 -96.92 8.35 -30.99
CA THR D 435 -97.93 7.41 -30.51
C THR D 435 -97.90 7.41 -28.97
N GLY D 436 -98.57 6.44 -28.35
CA GLY D 436 -98.51 6.27 -26.90
C GLY D 436 -97.73 5.02 -26.54
N SER D 437 -97.11 4.42 -27.54
CA SER D 437 -96.41 3.14 -27.40
C SER D 437 -94.91 3.25 -27.66
N PRO D 438 -94.14 2.27 -27.14
CA PRO D 438 -92.76 2.10 -27.57
C PRO D 438 -92.66 1.27 -28.86
N VAL D 439 -93.78 0.64 -29.24
CA VAL D 439 -93.84 -0.29 -30.38
C VAL D 439 -93.41 0.34 -31.71
N GLY D 440 -93.52 1.65 -31.83
CA GLY D 440 -93.13 2.38 -33.04
C GLY D 440 -91.65 2.24 -33.35
N ALA D 441 -90.82 2.79 -32.46
CA ALA D 441 -89.36 2.69 -32.58
C ALA D 441 -88.89 1.24 -32.43
N MET D 442 -89.54 0.49 -31.54
CA MET D 442 -89.21 -0.90 -31.26
C MET D 442 -89.40 -1.80 -32.48
N LYS D 443 -90.24 -1.34 -33.41
CA LYS D 443 -90.42 -1.99 -34.71
C LYS D 443 -89.24 -1.64 -35.62
N VAL D 444 -88.74 -0.41 -35.53
CA VAL D 444 -87.57 0.04 -36.28
C VAL D 444 -86.31 -0.70 -35.81
N PHE D 445 -86.30 -1.14 -34.55
CA PHE D 445 -85.20 -1.95 -34.03
C PHE D 445 -85.18 -3.32 -34.71
N LEU D 446 -86.26 -4.07 -34.59
CA LEU D 446 -86.37 -5.42 -35.18
C LEU D 446 -85.96 -5.43 -36.66
N ILE D 447 -86.38 -4.42 -37.41
CA ILE D 447 -86.01 -4.26 -38.82
C ILE D 447 -84.50 -4.13 -38.96
N PHE D 448 -83.91 -3.26 -38.15
CA PHE D 448 -82.47 -2.99 -38.14
C PHE D 448 -81.63 -4.25 -37.90
N TYR D 449 -81.97 -5.01 -36.85
CA TYR D 449 -81.25 -6.24 -36.54
C TYR D 449 -81.46 -7.34 -37.58
N ILE D 450 -82.57 -7.26 -38.32
CA ILE D 450 -82.78 -8.14 -39.46
C ILE D 450 -81.88 -7.68 -40.62
N ALA D 451 -81.82 -6.37 -40.83
CA ALA D 451 -80.94 -5.76 -41.83
C ALA D 451 -79.46 -5.98 -41.50
N CYS D 452 -79.18 -6.18 -40.21
CA CYS D 452 -77.82 -6.42 -39.74
C CYS D 452 -77.45 -7.90 -39.81
N VAL D 453 -78.42 -8.78 -39.59
CA VAL D 453 -78.18 -10.22 -39.74
C VAL D 453 -78.09 -10.59 -41.22
N VAL D 454 -78.69 -9.76 -42.08
CA VAL D 454 -78.67 -9.97 -43.53
C VAL D 454 -77.37 -9.42 -44.14
N ILE D 455 -76.86 -8.31 -43.61
CA ILE D 455 -75.60 -7.74 -44.09
C ILE D 455 -74.38 -8.56 -43.61
N THR D 456 -74.56 -9.33 -42.53
CA THR D 456 -73.52 -10.23 -42.04
C THR D 456 -73.35 -11.45 -42.95
N TRP D 457 -74.46 -12.12 -43.29
CA TRP D 457 -74.42 -13.27 -44.17
C TRP D 457 -73.91 -12.89 -45.54
N ALA D 458 -74.61 -11.95 -46.17
CA ALA D 458 -74.29 -11.51 -47.53
C ALA D 458 -72.84 -11.09 -47.75
N VAL D 459 -72.23 -10.50 -46.72
CA VAL D 459 -70.88 -9.92 -46.85
C VAL D 459 -69.76 -10.76 -46.21
N TYR D 460 -70.10 -11.83 -45.49
CA TYR D 460 -69.08 -12.66 -44.83
C TYR D 460 -69.28 -14.17 -44.92
N GLY D 461 -70.44 -14.66 -44.49
CA GLY D 461 -70.74 -16.10 -44.44
C GLY D 461 -70.34 -16.88 -45.69
N GLN E 1 -27.59 10.93 -2.36
CA GLN E 1 -28.63 9.88 -2.47
C GLN E 1 -28.18 8.69 -3.34
N ILE E 2 -28.31 8.79 -4.67
CA ILE E 2 -27.88 7.68 -5.55
C ILE E 2 -26.36 7.63 -5.62
N GLN E 3 -25.81 6.41 -5.57
CA GLN E 3 -24.38 6.22 -5.53
C GLN E 3 -23.98 4.79 -5.85
N LEU E 4 -22.95 4.64 -6.67
CA LEU E 4 -22.36 3.33 -6.94
C LEU E 4 -20.92 3.40 -6.46
N VAL E 5 -20.54 2.48 -5.57
CA VAL E 5 -19.20 2.48 -5.00
C VAL E 5 -18.49 1.15 -5.29
N GLN E 6 -17.40 1.26 -6.04
CA GLN E 6 -16.70 0.10 -6.55
C GLN E 6 -15.61 -0.29 -5.60
N SER E 7 -15.13 -1.53 -5.76
CA SER E 7 -14.01 -2.05 -4.99
C SER E 7 -12.68 -1.38 -5.36
N GLY E 8 -11.65 -1.60 -4.54
CA GLY E 8 -10.37 -0.90 -4.72
C GLY E 8 -9.43 -1.54 -5.72
N PRO E 9 -8.24 -0.93 -5.94
CA PRO E 9 -7.39 -1.41 -7.06
C PRO E 9 -6.83 -2.81 -6.82
N GLY E 10 -6.56 -3.53 -7.90
CA GLY E 10 -6.02 -4.87 -7.78
C GLY E 10 -4.83 -5.10 -8.69
N LEU E 11 -3.77 -5.70 -8.14
CA LEU E 11 -2.67 -6.17 -8.97
C LEU E 11 -2.76 -7.69 -9.12
N LYS E 12 -2.54 -8.19 -10.34
CA LYS E 12 -2.63 -9.62 -10.62
C LYS E 12 -1.61 -9.99 -11.71
N LYS E 13 -1.34 -11.28 -11.83
CA LYS E 13 -0.35 -11.75 -12.80
C LYS E 13 -1.08 -12.30 -14.03
N PRO E 14 -0.42 -12.27 -15.20
CA PRO E 14 -1.01 -12.92 -16.35
C PRO E 14 -1.45 -14.31 -15.97
N GLY E 15 -2.64 -14.72 -16.42
CA GLY E 15 -3.16 -16.06 -16.15
C GLY E 15 -4.14 -16.12 -15.01
N GLN E 16 -4.14 -15.10 -14.16
CA GLN E 16 -4.96 -15.09 -12.96
C GLN E 16 -6.36 -14.56 -13.25
N THR E 17 -7.18 -14.44 -12.21
CA THR E 17 -8.57 -14.06 -12.34
C THR E 17 -8.78 -12.84 -11.45
N VAL E 18 -9.69 -11.95 -11.84
CA VAL E 18 -10.07 -10.83 -10.98
C VAL E 18 -11.56 -10.77 -10.97
N LYS E 19 -12.11 -10.21 -9.91
CA LYS E 19 -13.52 -9.94 -9.81
C LYS E 19 -13.62 -8.61 -9.11
N ILE E 20 -14.24 -7.66 -9.81
CA ILE E 20 -14.50 -6.32 -9.35
C ILE E 20 -15.96 -6.33 -8.93
N SER E 21 -16.34 -5.47 -8.00
CA SER E 21 -17.73 -5.38 -7.58
C SER E 21 -18.19 -3.94 -7.51
N CYS E 22 -19.50 -3.75 -7.50
CA CYS E 22 -20.09 -2.42 -7.60
C CYS E 22 -21.35 -2.40 -6.71
N LYS E 23 -21.36 -1.54 -5.70
CA LYS E 23 -22.50 -1.46 -4.80
C LYS E 23 -23.36 -0.22 -5.04
N ALA E 24 -24.60 -0.48 -5.45
CA ALA E 24 -25.56 0.57 -5.76
C ALA E 24 -26.43 0.86 -4.55
N SER E 25 -26.72 2.13 -4.31
CA SER E 25 -27.65 2.47 -3.23
C SER E 25 -28.42 3.74 -3.53
N GLY E 26 -29.49 3.98 -2.77
CA GLY E 26 -30.32 5.17 -2.96
C GLY E 26 -31.32 5.06 -4.10
N TYR E 27 -31.42 3.87 -4.68
CA TYR E 27 -32.46 3.57 -5.66
C TYR E 27 -32.74 2.07 -5.61
N SER E 28 -33.71 1.66 -6.41
CA SER E 28 -34.20 0.30 -6.41
C SER E 28 -33.40 -0.50 -7.46
N PHE E 29 -32.50 -1.35 -6.98
CA PHE E 29 -31.49 -2.02 -7.80
C PHE E 29 -32.03 -2.69 -9.05
N THR E 30 -33.18 -3.35 -8.96
CA THR E 30 -33.62 -4.20 -10.08
C THR E 30 -34.33 -3.42 -11.18
N ASP E 31 -34.62 -2.16 -10.91
CA ASP E 31 -35.27 -1.29 -11.87
C ASP E 31 -34.36 -0.85 -13.02
N TYR E 32 -33.04 -0.86 -12.82
CA TYR E 32 -32.08 -0.35 -13.82
C TYR E 32 -31.00 -1.36 -14.20
N GLY E 33 -30.68 -1.45 -15.50
CA GLY E 33 -29.52 -2.24 -15.94
C GLY E 33 -28.18 -1.72 -15.42
N MET E 34 -27.14 -2.55 -15.52
CA MET E 34 -25.77 -2.15 -15.14
C MET E 34 -24.78 -2.31 -16.31
N ASN E 35 -24.11 -1.23 -16.66
CA ASN E 35 -23.12 -1.24 -17.73
C ASN E 35 -21.71 -1.36 -17.20
N TRP E 36 -20.83 -2.01 -17.95
CA TRP E 36 -19.43 -2.06 -17.59
C TRP E 36 -18.60 -1.42 -18.65
N VAL E 37 -17.75 -0.48 -18.22
CA VAL E 37 -16.91 0.30 -19.12
C VAL E 37 -15.42 0.08 -18.83
N LYS E 38 -14.65 -0.18 -19.89
CA LYS E 38 -13.19 -0.26 -19.82
C LYS E 38 -12.48 1.04 -20.29
N GLN E 39 -11.45 1.43 -19.53
CA GLN E 39 -10.53 2.50 -19.92
C GLN E 39 -9.06 2.08 -19.75
N ALA E 40 -8.45 1.57 -20.83
CA ALA E 40 -7.01 1.25 -20.84
C ALA E 40 -6.25 2.54 -20.73
N PRO E 41 -5.02 2.50 -20.15
CA PRO E 41 -4.29 3.75 -19.85
C PRO E 41 -3.95 4.55 -21.11
N GLY E 42 -4.38 5.80 -21.13
CA GLY E 42 -4.21 6.66 -22.30
C GLY E 42 -5.33 6.62 -23.33
N LYS E 43 -5.97 5.46 -23.50
CA LYS E 43 -7.07 5.31 -24.46
C LYS E 43 -8.37 5.94 -23.93
N GLY E 44 -9.45 5.75 -24.68
CA GLY E 44 -10.76 6.30 -24.30
C GLY E 44 -11.71 5.23 -23.77
N LEU E 45 -12.90 5.65 -23.37
CA LEU E 45 -13.90 4.74 -22.84
C LEU E 45 -14.33 3.66 -23.85
N GLU E 46 -14.51 2.45 -23.36
CA GLU E 46 -14.92 1.32 -24.18
C GLU E 46 -16.07 0.65 -23.43
N TRP E 47 -17.14 0.33 -24.13
CA TRP E 47 -18.27 -0.34 -23.50
C TRP E 47 -18.08 -1.80 -23.66
N MET E 48 -18.15 -2.52 -22.54
CA MET E 48 -18.02 -3.98 -22.55
C MET E 48 -19.34 -4.70 -22.77
N GLY E 49 -20.39 -4.19 -22.12
CA GLY E 49 -21.69 -4.81 -22.14
C GLY E 49 -22.52 -4.35 -20.97
N TRP E 50 -23.67 -5.00 -20.77
CA TRP E 50 -24.52 -4.66 -19.63
C TRP E 50 -25.13 -5.93 -19.08
N ILE E 51 -25.69 -5.84 -17.89
CA ILE E 51 -26.40 -6.98 -17.32
C ILE E 51 -27.79 -6.50 -16.91
N ASN E 52 -28.79 -7.34 -17.18
CA ASN E 52 -30.17 -7.01 -16.94
C ASN E 52 -30.47 -7.34 -15.48
N THR E 53 -30.83 -6.34 -14.67
CA THR E 53 -31.00 -6.57 -13.23
C THR E 53 -32.31 -7.28 -12.82
N SER E 54 -33.25 -7.44 -13.74
CA SER E 54 -34.45 -8.23 -13.46
C SER E 54 -34.34 -9.66 -14.03
N ASN E 55 -33.46 -9.84 -15.01
CA ASN E 55 -33.18 -11.14 -15.57
C ASN E 55 -32.02 -11.83 -14.92
N GLY E 56 -30.99 -11.05 -14.61
CA GLY E 56 -29.65 -11.57 -14.38
C GLY E 56 -28.89 -11.94 -15.65
N TYR E 57 -29.53 -11.70 -16.80
CA TYR E 57 -28.98 -12.01 -18.14
C TYR E 57 -27.96 -10.95 -18.58
N THR E 58 -26.80 -11.43 -18.99
CA THR E 58 -25.70 -10.60 -19.45
C THR E 58 -25.71 -10.37 -20.96
N THR E 59 -25.17 -9.24 -21.39
CA THR E 59 -24.98 -8.95 -22.81
C THR E 59 -23.60 -8.34 -23.09
N TYR E 60 -22.79 -9.05 -23.87
CA TYR E 60 -21.40 -8.66 -24.05
C TYR E 60 -21.13 -8.08 -25.42
N GLY E 61 -20.47 -6.93 -25.46
CA GLY E 61 -20.03 -6.34 -26.71
C GLY E 61 -18.98 -7.21 -27.39
N ALA E 62 -18.96 -7.16 -28.71
CA ALA E 62 -18.10 -8.02 -29.55
C ALA E 62 -16.78 -8.42 -28.88
N ALA E 63 -16.00 -7.41 -28.48
CA ALA E 63 -14.62 -7.62 -28.04
C ALA E 63 -14.53 -8.25 -26.65
N PHE E 64 -15.66 -8.40 -25.97
CA PHE E 64 -15.65 -8.98 -24.61
C PHE E 64 -16.33 -10.36 -24.47
N LYS E 65 -16.37 -11.09 -25.57
CA LYS E 65 -16.90 -12.45 -25.53
C LYS E 65 -15.78 -13.45 -25.23
N GLY E 66 -15.94 -14.20 -24.14
CA GLY E 66 -14.94 -15.23 -23.82
C GLY E 66 -14.48 -15.26 -22.38
N ARG E 67 -13.69 -14.28 -21.98
CA ARG E 67 -13.03 -14.29 -20.66
C ARG E 67 -13.71 -13.40 -19.61
N PHE E 68 -14.83 -12.79 -19.97
CA PHE E 68 -15.51 -11.80 -19.11
C PHE E 68 -16.86 -12.30 -18.62
N SER E 69 -17.20 -11.95 -17.40
CA SER E 69 -18.46 -12.39 -16.83
C SER E 69 -19.05 -11.33 -15.94
N PHE E 70 -20.27 -10.90 -16.26
CA PHE E 70 -20.99 -10.05 -15.34
C PHE E 70 -21.92 -10.96 -14.59
N SER E 71 -21.95 -10.77 -13.29
CA SER E 71 -22.87 -11.49 -12.46
C SER E 71 -23.48 -10.44 -11.57
N VAL E 72 -24.50 -10.84 -10.83
CA VAL E 72 -25.32 -9.94 -10.02
C VAL E 72 -25.53 -10.63 -8.66
N ASP E 73 -25.78 -9.86 -7.61
CA ASP E 73 -26.33 -10.39 -6.36
C ASP E 73 -27.40 -9.42 -5.80
N ASN E 74 -28.64 -9.66 -6.21
CA ASN E 74 -29.75 -8.73 -5.99
C ASN E 74 -29.97 -8.27 -4.54
N SER E 75 -29.63 -9.13 -3.58
CA SER E 75 -29.87 -8.84 -2.16
C SER E 75 -28.76 -7.98 -1.55
N ALA E 76 -27.53 -8.23 -1.99
CA ALA E 76 -26.41 -7.33 -1.69
C ALA E 76 -26.54 -6.03 -2.53
N SER E 77 -27.51 -6.02 -3.45
CA SER E 77 -27.79 -4.84 -4.24
C SER E 77 -26.53 -4.42 -5.01
N THR E 78 -25.82 -5.42 -5.56
CA THR E 78 -24.48 -5.21 -6.16
C THR E 78 -24.26 -6.08 -7.39
N ALA E 79 -23.47 -5.57 -8.35
CA ALA E 79 -23.10 -6.38 -9.52
C ALA E 79 -21.59 -6.54 -9.63
N TYR E 80 -21.13 -7.52 -10.41
CA TYR E 80 -19.71 -7.84 -10.44
C TYR E 80 -19.16 -8.09 -11.83
N LEU E 81 -17.89 -7.72 -12.02
CA LEU E 81 -17.20 -8.04 -13.26
C LEU E 81 -16.19 -9.10 -12.93
N GLN E 82 -15.99 -10.05 -13.84
CA GLN E 82 -15.10 -11.16 -13.57
C GLN E 82 -14.27 -11.46 -14.82
N LEU E 83 -13.04 -10.97 -14.84
CA LEU E 83 -12.12 -11.25 -15.93
C LEU E 83 -11.29 -12.45 -15.48
N SER E 84 -11.00 -13.33 -16.42
CA SER E 84 -10.22 -14.53 -16.11
C SER E 84 -9.17 -14.74 -17.20
N ASN E 85 -8.19 -15.57 -16.94
CA ASN E 85 -7.02 -15.70 -17.80
C ASN E 85 -6.51 -14.33 -18.24
N LEU E 86 -6.09 -13.53 -17.24
CA LEU E 86 -5.70 -12.13 -17.46
C LEU E 86 -4.46 -11.98 -18.34
N LYS E 87 -4.50 -10.96 -19.19
CA LYS E 87 -3.41 -10.61 -20.11
C LYS E 87 -3.01 -9.17 -19.85
N THR E 88 -1.80 -8.79 -20.26
CA THR E 88 -1.35 -7.39 -20.11
C THR E 88 -2.41 -6.40 -20.62
N ALA E 89 -3.05 -6.78 -21.73
CA ALA E 89 -4.07 -5.97 -22.40
C ALA E 89 -5.31 -5.61 -21.53
N ASP E 90 -5.44 -6.26 -20.37
CA ASP E 90 -6.60 -6.09 -19.50
C ASP E 90 -6.37 -5.02 -18.46
N THR E 91 -5.15 -4.48 -18.43
CA THR E 91 -4.80 -3.38 -17.55
C THR E 91 -5.61 -2.14 -17.91
N ALA E 92 -6.42 -1.68 -16.96
CA ALA E 92 -7.39 -0.64 -17.22
C ALA E 92 -8.06 -0.18 -15.95
N VAL E 93 -8.76 0.95 -16.03
CA VAL E 93 -9.68 1.32 -14.97
C VAL E 93 -11.02 0.79 -15.46
N TYR E 94 -11.78 0.20 -14.55
CA TYR E 94 -13.04 -0.40 -14.90
C TYR E 94 -14.18 0.30 -14.19
N PHE E 95 -15.24 0.52 -14.93
CA PHE E 95 -16.34 1.34 -14.48
C PHE E 95 -17.60 0.54 -14.58
N CYS E 96 -18.40 0.64 -13.54
CA CYS E 96 -19.77 0.21 -13.60
C CYS E 96 -20.55 1.51 -13.74
N ALA E 97 -21.58 1.50 -14.58
CA ALA E 97 -22.50 2.62 -14.61
C ALA E 97 -23.92 2.14 -14.80
N ARG E 98 -24.86 2.92 -14.31
CA ARG E 98 -26.25 2.54 -14.31
C ARG E 98 -26.97 2.90 -15.61
N SER E 99 -27.86 2.00 -16.07
CA SER E 99 -28.87 2.24 -17.12
C SER E 99 -28.40 1.95 -18.54
N TRP E 100 -29.04 1.00 -19.20
CA TRP E 100 -28.89 0.80 -20.62
C TRP E 100 -29.66 1.85 -21.37
N TYR E 101 -30.84 2.25 -20.87
CA TYR E 101 -31.89 2.77 -21.75
C TYR E 101 -32.31 4.24 -21.73
N ASN E 102 -32.83 4.76 -20.63
CA ASN E 102 -33.41 6.09 -20.77
C ASN E 102 -32.30 7.14 -20.81
N ARG E 103 -31.68 7.33 -19.65
CA ARG E 103 -30.53 8.17 -19.50
C ARG E 103 -29.36 7.23 -19.32
N ALA E 104 -28.87 6.68 -20.44
CA ALA E 104 -27.82 5.66 -20.47
C ALA E 104 -26.65 6.09 -19.62
N MET E 105 -26.28 5.21 -18.70
CA MET E 105 -25.12 5.40 -17.85
C MET E 105 -25.19 6.75 -17.16
N ASP E 106 -26.29 6.97 -16.45
CA ASP E 106 -26.53 8.25 -15.76
C ASP E 106 -25.81 8.48 -14.43
N TYR E 107 -25.43 7.39 -13.75
CA TYR E 107 -24.50 7.47 -12.63
C TYR E 107 -23.40 6.47 -12.82
N TRP E 108 -22.18 6.84 -12.45
CA TRP E 108 -21.02 5.97 -12.59
C TRP E 108 -20.40 5.61 -11.27
N GLY E 109 -19.77 4.43 -11.21
CA GLY E 109 -18.86 4.12 -10.10
C GLY E 109 -17.62 5.02 -10.16
N GLN E 110 -16.80 4.98 -9.12
CA GLN E 110 -15.57 5.77 -9.08
C GLN E 110 -14.43 5.06 -9.81
N GLY E 111 -14.74 3.92 -10.45
CA GLY E 111 -13.75 3.19 -11.23
C GLY E 111 -12.81 2.41 -10.33
N THR E 112 -12.23 1.36 -10.91
CA THR E 112 -11.40 0.38 -10.22
C THR E 112 -10.24 0.03 -11.12
N SER E 113 -9.04 0.21 -10.58
CA SER E 113 -7.86 0.06 -11.41
C SER E 113 -7.25 -1.33 -11.35
N VAL E 114 -7.43 -2.12 -12.39
CA VAL E 114 -6.74 -3.41 -12.44
C VAL E 114 -5.41 -3.32 -13.20
N THR E 115 -4.31 -3.66 -12.53
CA THR E 115 -3.01 -3.80 -13.18
C THR E 115 -2.67 -5.28 -13.35
N VAL E 116 -2.39 -5.66 -14.59
CA VAL E 116 -1.86 -7.01 -14.86
C VAL E 116 -0.36 -6.86 -15.03
N SER E 117 0.40 -7.66 -14.29
CA SER E 117 1.86 -7.56 -14.30
C SER E 117 2.53 -8.71 -13.57
N SER E 118 3.76 -9.01 -13.97
CA SER E 118 4.60 -9.98 -13.25
C SER E 118 5.55 -9.33 -12.26
N ALA E 119 5.60 -8.01 -12.24
CA ALA E 119 6.47 -7.30 -11.34
C ALA E 119 6.14 -7.56 -9.86
N LYS E 120 7.19 -7.56 -9.05
CA LYS E 120 7.12 -7.79 -7.62
C LYS E 120 6.60 -6.55 -6.90
N THR E 121 5.81 -6.74 -5.84
CA THR E 121 5.36 -5.55 -5.12
C THR E 121 6.36 -5.06 -4.07
N THR E 122 6.78 -3.80 -4.24
CA THR E 122 7.79 -3.20 -3.37
C THR E 122 7.29 -1.88 -2.76
N ALA E 123 7.72 -1.60 -1.52
CA ALA E 123 7.29 -0.41 -0.77
C ALA E 123 8.07 0.82 -1.23
N PRO E 124 7.54 2.02 -1.00
CA PRO E 124 8.27 3.18 -1.53
C PRO E 124 9.32 3.67 -0.55
N SER E 125 10.37 4.32 -1.08
CA SER E 125 11.28 5.10 -0.28
C SER E 125 10.79 6.52 -0.35
N VAL E 126 10.71 7.19 0.80
CA VAL E 126 10.18 8.54 0.89
C VAL E 126 11.26 9.51 1.36
N TYR E 127 11.62 10.45 0.49
CA TYR E 127 12.71 11.37 0.79
C TYR E 127 12.21 12.79 1.00
N PRO E 128 12.59 13.42 2.13
CA PRO E 128 12.24 14.82 2.31
C PRO E 128 13.11 15.69 1.41
N LEU E 129 12.52 16.75 0.86
CA LEU E 129 13.25 17.69 0.00
C LEU E 129 13.11 19.08 0.60
N ALA E 130 14.20 19.58 1.19
CA ALA E 130 14.24 20.92 1.74
C ALA E 130 15.11 21.81 0.87
N PRO E 131 14.82 23.12 0.81
CA PRO E 131 15.48 24.08 -0.08
C PRO E 131 16.99 24.17 0.12
N VAL E 132 17.70 24.70 -0.87
CA VAL E 132 19.17 24.74 -0.85
C VAL E 132 19.75 26.06 -0.33
N THR E 137 12.60 32.02 -2.94
CA THR E 137 13.23 33.26 -3.39
C THR E 137 12.57 34.51 -2.78
N GLY E 138 11.25 34.60 -2.90
CA GLY E 138 10.49 35.74 -2.39
C GLY E 138 10.12 35.56 -0.92
N SER E 139 8.86 35.87 -0.61
CA SER E 139 8.34 35.73 0.74
C SER E 139 7.70 34.37 0.98
N SER E 140 7.81 33.49 -0.01
CA SER E 140 7.23 32.15 0.05
C SER E 140 8.24 31.07 -0.36
N VAL E 141 8.35 30.03 0.47
CA VAL E 141 9.26 28.91 0.22
C VAL E 141 8.52 27.69 -0.30
N THR E 142 9.20 26.89 -1.11
CA THR E 142 8.63 25.65 -1.60
C THR E 142 9.38 24.40 -1.12
N LEU E 143 8.63 23.43 -0.61
CA LEU E 143 9.18 22.16 -0.12
C LEU E 143 8.72 21.05 -1.04
N GLY E 144 9.34 19.88 -0.90
CA GLY E 144 9.05 18.74 -1.77
C GLY E 144 9.14 17.41 -1.06
N CYS E 145 8.65 16.37 -1.73
CA CYS E 145 8.69 15.02 -1.21
C CYS E 145 8.92 14.09 -2.40
N LEU E 146 9.98 13.30 -2.36
CA LEU E 146 10.27 12.33 -3.42
C LEU E 146 9.91 10.93 -2.93
N VAL E 147 9.27 10.15 -3.81
CA VAL E 147 8.71 8.85 -3.49
C VAL E 147 9.16 7.86 -4.56
N LYS E 148 10.21 7.09 -4.25
CA LYS E 148 10.92 6.30 -5.27
C LYS E 148 10.75 4.78 -5.15
N GLY E 149 10.88 4.11 -6.29
CA GLY E 149 10.99 2.65 -6.38
C GLY E 149 9.89 1.81 -5.77
N TYR E 150 8.62 2.15 -6.03
CA TYR E 150 7.49 1.36 -5.56
C TYR E 150 6.71 0.78 -6.73
N PHE E 151 6.03 -0.33 -6.47
CA PHE E 151 5.15 -0.99 -7.42
C PHE E 151 4.16 -1.84 -6.63
N PRO E 152 2.87 -1.81 -7.01
CA PRO E 152 2.24 -1.08 -8.10
C PRO E 152 1.62 0.22 -7.62
N GLU E 153 0.97 0.93 -8.52
CA GLU E 153 0.21 2.11 -8.18
C GLU E 153 -1.08 1.62 -7.55
N PRO E 154 -1.71 2.40 -6.65
CA PRO E 154 -1.47 3.78 -6.26
C PRO E 154 -0.70 4.01 -4.96
N VAL E 155 0.17 5.01 -4.96
CA VAL E 155 0.57 5.63 -3.72
C VAL E 155 -0.42 6.76 -3.47
N THR E 156 -0.58 7.21 -2.24
CA THR E 156 -1.31 8.44 -2.00
C THR E 156 -0.54 9.25 -0.99
N LEU E 157 -0.39 10.54 -1.28
CA LEU E 157 0.45 11.45 -0.50
C LEU E 157 -0.34 12.68 -0.07
N THR E 158 -0.16 13.12 1.18
CA THR E 158 -0.79 14.36 1.67
C THR E 158 0.22 15.18 2.44
N TRP E 159 -0.17 16.38 2.81
CA TRP E 159 0.69 17.22 3.62
C TRP E 159 -0.04 17.54 4.88
N ASN E 160 0.64 17.38 6.02
CA ASN E 160 0.02 17.57 7.33
C ASN E 160 -1.35 16.92 7.42
N SER E 161 -1.46 15.69 6.90
CA SER E 161 -2.70 14.90 6.85
C SER E 161 -3.86 15.48 6.03
N GLY E 162 -3.55 16.39 5.11
CA GLY E 162 -4.58 17.05 4.31
C GLY E 162 -4.93 18.44 4.78
N SER E 163 -4.19 18.94 5.77
CA SER E 163 -4.40 20.30 6.30
C SER E 163 -3.75 21.36 5.41
N LEU E 164 -2.75 20.92 4.66
CA LEU E 164 -2.08 21.75 3.69
C LEU E 164 -2.51 21.23 2.34
N SER E 165 -3.55 21.87 1.78
CA SER E 165 -4.13 21.45 0.52
C SER E 165 -3.91 22.47 -0.58
N SER E 166 -3.72 23.74 -0.19
CA SER E 166 -3.35 24.79 -1.15
C SER E 166 -1.84 24.89 -1.31
N GLY E 167 -1.41 25.10 -2.54
CA GLY E 167 0.02 25.20 -2.85
C GLY E 167 0.62 23.86 -3.21
N VAL E 168 -0.23 22.84 -3.25
CA VAL E 168 0.22 21.46 -3.45
C VAL E 168 0.13 21.08 -4.94
N HIS E 169 1.19 20.51 -5.47
CA HIS E 169 1.16 19.90 -6.78
C HIS E 169 1.71 18.55 -6.61
N THR E 170 0.97 17.53 -7.07
CA THR E 170 1.46 16.16 -7.00
C THR E 170 1.60 15.64 -8.40
N PHE E 171 2.77 15.13 -8.73
CA PHE E 171 3.08 14.84 -10.11
C PHE E 171 2.88 13.36 -10.38
N PRO E 172 2.15 13.02 -11.45
CA PRO E 172 1.79 11.63 -11.79
C PRO E 172 2.99 10.71 -11.79
N ALA E 173 2.79 9.52 -11.23
CA ALA E 173 3.86 8.54 -11.18
C ALA E 173 4.32 8.20 -12.58
N VAL E 174 5.61 7.97 -12.74
CA VAL E 174 6.20 7.57 -14.02
C VAL E 174 6.88 6.24 -13.78
N LEU E 175 6.62 5.27 -14.65
CA LEU E 175 7.16 3.92 -14.47
C LEU E 175 8.50 3.78 -15.19
N GLN E 176 9.44 3.11 -14.54
CA GLN E 176 10.76 2.89 -15.10
C GLN E 176 11.39 1.65 -14.46
N SER E 177 11.83 0.71 -15.30
CA SER E 177 12.37 -0.57 -14.86
C SER E 177 11.54 -1.20 -13.75
N ASP E 178 10.24 -1.36 -14.03
CA ASP E 178 9.32 -2.04 -13.11
C ASP E 178 9.07 -1.34 -11.77
N LEU E 179 9.45 -0.06 -11.66
CA LEU E 179 9.29 0.71 -10.43
C LEU E 179 8.80 2.13 -10.69
N TYR E 180 7.71 2.51 -10.04
CA TYR E 180 7.19 3.86 -10.15
C TYR E 180 7.93 4.83 -9.24
N THR E 181 8.04 6.06 -9.69
CA THR E 181 8.49 7.15 -8.84
C THR E 181 7.62 8.39 -9.02
N LEU E 182 7.44 9.11 -7.93
CA LEU E 182 6.45 10.17 -7.80
C LEU E 182 7.04 11.26 -6.93
N SER E 183 6.47 12.46 -7.00
CA SER E 183 6.90 13.57 -6.16
C SER E 183 5.78 14.58 -6.00
N SER E 184 5.93 15.45 -5.02
CA SER E 184 4.92 16.42 -4.67
C SER E 184 5.61 17.65 -4.06
N SER E 185 5.02 18.83 -4.31
CA SER E 185 5.60 20.08 -3.85
C SER E 185 4.53 20.96 -3.23
N VAL E 186 4.93 21.72 -2.21
CA VAL E 186 4.07 22.68 -1.52
C VAL E 186 4.76 24.01 -1.36
N THR E 187 4.05 25.09 -1.66
CA THR E 187 4.57 26.43 -1.44
C THR E 187 3.77 27.07 -0.30
N VAL E 188 4.50 27.55 0.70
CA VAL E 188 3.92 28.24 1.84
C VAL E 188 4.70 29.55 2.00
N THR E 189 4.17 30.48 2.82
CA THR E 189 4.88 31.74 3.10
C THR E 189 6.11 31.47 3.95
N SER E 190 7.12 32.33 3.85
CA SER E 190 8.34 32.19 4.66
C SER E 190 8.05 32.36 6.16
N SER E 191 7.00 33.10 6.47
CA SER E 191 6.56 33.35 7.86
C SER E 191 6.14 32.07 8.59
N THR E 192 5.87 31.02 7.83
CA THR E 192 5.28 29.79 8.38
C THR E 192 6.14 28.53 8.24
N TRP E 193 7.36 28.68 7.73
CA TRP E 193 8.33 27.57 7.71
C TRP E 193 9.75 28.10 7.76
N PRO E 194 10.60 27.50 8.62
CA PRO E 194 10.39 26.33 9.48
C PRO E 194 9.59 26.60 10.76
N SER E 195 9.15 27.85 10.94
CA SER E 195 8.31 28.25 12.09
C SER E 195 7.34 27.14 12.54
N GLN E 196 6.37 26.82 11.69
CA GLN E 196 5.49 25.66 11.89
C GLN E 196 6.04 24.47 11.09
N SER E 197 5.75 23.26 11.55
CA SER E 197 6.25 22.07 10.89
C SER E 197 5.38 21.69 9.68
N ILE E 198 6.03 21.16 8.64
CA ILE E 198 5.35 20.72 7.43
C ILE E 198 5.80 19.31 7.13
N THR E 199 4.86 18.37 7.15
CA THR E 199 5.23 16.97 6.99
C THR E 199 4.38 16.20 5.96
N CYS E 200 5.09 15.32 5.26
CA CYS E 200 4.62 14.59 4.09
C CYS E 200 4.24 13.15 4.47
N ASN E 201 3.00 12.75 4.17
CA ASN E 201 2.48 11.43 4.55
C ASN E 201 2.16 10.51 3.38
N VAL E 202 2.98 9.48 3.19
CA VAL E 202 2.80 8.55 2.06
C VAL E 202 2.19 7.20 2.48
N ALA E 203 1.12 6.80 1.80
CA ALA E 203 0.51 5.49 2.01
C ALA E 203 0.55 4.66 0.73
N HIS E 204 1.15 3.47 0.80
CA HIS E 204 1.19 2.58 -0.33
C HIS E 204 0.47 1.33 0.05
N PRO E 205 -0.86 1.26 -0.24
CA PRO E 205 -1.70 0.15 0.22
C PRO E 205 -1.23 -1.25 -0.20
N ALA E 206 -0.68 -1.37 -1.40
CA ALA E 206 -0.35 -2.69 -1.91
C ALA E 206 0.82 -3.32 -1.19
N SER E 207 1.28 -2.69 -0.13
CA SER E 207 2.41 -3.20 0.66
C SER E 207 2.28 -2.76 2.10
N SER E 208 1.08 -2.26 2.44
CA SER E 208 0.70 -1.98 3.81
C SER E 208 1.61 -0.97 4.50
N THR E 209 2.27 -0.14 3.70
CA THR E 209 3.16 0.88 4.22
C THR E 209 2.46 2.22 4.45
N LYS E 210 2.81 2.85 5.57
CA LYS E 210 2.49 4.23 5.86
C LYS E 210 3.72 4.92 6.46
N VAL E 211 4.35 5.80 5.68
CA VAL E 211 5.53 6.52 6.15
C VAL E 211 5.28 8.03 6.17
N ASP E 212 5.65 8.66 7.28
CA ASP E 212 5.64 10.10 7.40
C ASP E 212 7.08 10.57 7.35
N LYS E 213 7.33 11.65 6.61
CA LYS E 213 8.62 12.29 6.61
C LYS E 213 8.47 13.79 6.85
N LYS E 214 9.08 14.27 7.94
CA LYS E 214 9.07 15.69 8.31
C LYS E 214 10.18 16.43 7.57
N ILE E 215 9.82 17.52 6.90
CA ILE E 215 10.80 18.30 6.14
C ILE E 215 11.56 19.22 7.08
N GLU E 216 12.86 18.95 7.20
CA GLU E 216 13.76 19.69 8.11
C GLU E 216 14.69 20.60 7.33
N PRO E 217 15.02 21.76 7.90
CA PRO E 217 16.13 22.57 7.36
C PRO E 217 17.48 21.85 7.48
N ASP F 1 -21.25 -3.44 -35.96
CA ASP F 1 -21.51 -2.56 -34.77
C ASP F 1 -21.45 -1.12 -35.23
N ILE F 2 -22.36 -0.31 -34.70
CA ILE F 2 -22.43 1.10 -35.06
C ILE F 2 -21.19 1.82 -34.53
N LEU F 3 -20.37 2.32 -35.44
CA LEU F 3 -19.15 3.06 -35.12
C LEU F 3 -19.43 4.55 -34.95
N MET F 4 -18.66 5.22 -34.11
CA MET F 4 -18.82 6.66 -33.91
C MET F 4 -17.50 7.35 -34.19
N THR F 5 -17.49 8.38 -35.03
CA THR F 5 -16.32 9.24 -35.11
C THR F 5 -16.64 10.56 -34.43
N GLN F 6 -15.64 11.11 -33.74
CA GLN F 6 -15.82 12.31 -32.95
C GLN F 6 -14.80 13.32 -33.41
N SER F 7 -15.17 14.59 -33.39
CA SER F 7 -14.29 15.62 -33.90
C SER F 7 -14.52 16.91 -33.16
N PRO F 8 -13.45 17.61 -32.75
CA PRO F 8 -12.05 17.18 -32.81
C PRO F 8 -11.65 16.22 -31.67
N SER F 9 -10.49 15.58 -31.80
CA SER F 9 -9.98 14.74 -30.74
C SER F 9 -9.32 15.54 -29.62
N SER F 10 -8.84 16.75 -29.94
CA SER F 10 -8.46 17.74 -28.90
C SER F 10 -8.37 19.18 -29.39
N LEU F 11 -8.47 20.13 -28.47
CA LEU F 11 -8.42 21.55 -28.78
C LEU F 11 -8.22 22.43 -27.55
N SER F 12 -7.49 23.54 -27.74
CA SER F 12 -7.39 24.62 -26.75
C SER F 12 -8.28 25.77 -27.17
N VAL F 13 -9.07 26.29 -26.23
CA VAL F 13 -10.03 27.36 -26.52
C VAL F 13 -9.93 28.33 -25.36
N SER F 14 -10.12 29.63 -25.63
CA SER F 14 -10.06 30.70 -24.62
C SER F 14 -11.14 30.53 -23.57
N VAL F 15 -10.92 31.10 -22.38
CA VAL F 15 -12.02 31.31 -21.42
C VAL F 15 -13.10 32.11 -22.13
N GLY F 16 -14.35 31.82 -21.83
CA GLY F 16 -15.47 32.57 -22.38
C GLY F 16 -15.79 32.20 -23.82
N SER F 17 -14.96 31.36 -24.41
CA SER F 17 -15.15 30.97 -25.80
C SER F 17 -16.25 29.93 -25.98
N SER F 18 -16.41 29.44 -27.20
CA SER F 18 -17.49 28.50 -27.52
C SER F 18 -16.90 27.25 -28.16
N VAL F 19 -17.22 26.08 -27.61
CA VAL F 19 -16.71 24.82 -28.12
C VAL F 19 -17.80 24.13 -28.92
N THR F 20 -17.44 23.53 -30.04
CA THR F 20 -18.36 22.63 -30.73
C THR F 20 -17.68 21.32 -31.04
N ILE F 21 -18.21 20.24 -30.47
CA ILE F 21 -17.79 18.89 -30.81
C ILE F 21 -18.86 18.29 -31.69
N THR F 22 -18.45 17.55 -32.72
CA THR F 22 -19.43 16.87 -33.56
C THR F 22 -19.15 15.39 -33.51
N CYS F 23 -20.17 14.60 -33.85
CA CYS F 23 -20.10 13.18 -33.74
C CYS F 23 -20.89 12.66 -34.94
N GLN F 24 -20.30 11.72 -35.69
CA GLN F 24 -21.01 11.10 -36.79
C GLN F 24 -21.16 9.61 -36.55
N ALA F 25 -22.38 9.08 -36.72
CA ALA F 25 -22.61 7.66 -36.61
C ALA F 25 -22.62 7.02 -37.97
N SER F 26 -22.28 5.72 -38.00
CA SER F 26 -22.17 4.96 -39.24
C SER F 26 -23.56 4.62 -39.78
N GLN F 27 -24.55 4.64 -38.89
CA GLN F 27 -25.94 4.56 -39.30
C GLN F 27 -26.84 5.39 -38.41
N ASN F 28 -28.10 5.51 -38.82
CA ASN F 28 -29.12 6.23 -38.08
C ASN F 28 -29.23 5.66 -36.66
N ILE F 29 -29.04 6.51 -35.67
CA ILE F 29 -29.13 6.09 -34.27
C ILE F 29 -30.37 6.69 -33.61
N THR F 30 -31.20 7.33 -34.43
CA THR F 30 -32.55 7.75 -34.07
C THR F 30 -32.61 8.56 -32.78
N ASN F 31 -31.74 9.57 -32.68
CA ASN F 31 -31.76 10.55 -31.58
C ASN F 31 -31.16 9.99 -30.28
N TYR F 32 -30.75 8.72 -30.28
CA TYR F 32 -30.22 8.12 -29.06
C TYR F 32 -28.74 8.41 -28.87
N ILE F 33 -28.47 9.59 -28.33
CA ILE F 33 -27.11 10.00 -28.08
C ILE F 33 -27.00 10.57 -26.66
N VAL F 34 -25.90 10.23 -26.00
CA VAL F 34 -25.58 10.79 -24.68
C VAL F 34 -24.21 11.50 -24.75
N TRP F 35 -24.04 12.55 -23.96
CA TRP F 35 -22.73 13.19 -23.85
C TRP F 35 -22.20 13.14 -22.45
N TYR F 36 -20.99 12.60 -22.28
CA TYR F 36 -20.36 12.57 -20.95
C TYR F 36 -19.13 13.43 -20.85
N GLN F 37 -18.95 14.00 -19.66
CA GLN F 37 -17.73 14.70 -19.29
C GLN F 37 -16.87 13.78 -18.42
N GLN F 38 -15.56 13.78 -18.64
CA GLN F 38 -14.66 12.95 -17.84
C GLN F 38 -13.41 13.72 -17.43
N LYS F 39 -13.49 14.35 -16.27
CA LYS F 39 -12.30 14.85 -15.57
C LYS F 39 -11.43 13.67 -15.08
N PRO F 40 -10.10 13.86 -15.05
CA PRO F 40 -9.24 12.69 -14.77
C PRO F 40 -9.25 12.30 -13.27
N GLY F 41 -9.17 11.00 -13.01
CA GLY F 41 -9.19 10.45 -11.64
C GLY F 41 -10.58 10.32 -11.05
N GLN F 42 -11.41 11.34 -11.26
CA GLN F 42 -12.86 11.23 -11.06
C GLN F 42 -13.53 10.30 -12.10
N ALA F 43 -14.83 10.15 -12.00
CA ALA F 43 -15.53 9.23 -12.88
C ALA F 43 -16.58 9.98 -13.68
N PRO F 44 -16.92 9.49 -14.89
CA PRO F 44 -17.72 10.32 -15.79
C PRO F 44 -19.02 10.90 -15.19
N LYS F 45 -19.40 12.05 -15.72
CA LYS F 45 -20.67 12.66 -15.42
C LYS F 45 -21.50 12.65 -16.73
N LEU F 46 -22.79 12.34 -16.65
CA LEU F 46 -23.68 12.42 -17.81
C LEU F 46 -24.28 13.81 -17.95
N LEU F 47 -24.04 14.45 -19.09
CA LEU F 47 -24.54 15.81 -19.31
C LEU F 47 -25.87 15.83 -20.06
N ILE F 48 -25.93 15.05 -21.14
CA ILE F 48 -27.06 15.12 -22.06
C ILE F 48 -27.46 13.74 -22.51
N TYR F 49 -28.78 13.52 -22.53
CA TYR F 49 -29.33 12.29 -23.09
C TYR F 49 -30.37 12.65 -24.13
N TYR F 50 -30.63 11.70 -25.02
CA TYR F 50 -31.54 11.87 -26.12
C TYR F 50 -31.24 13.17 -26.88
N THR F 51 -29.96 13.32 -27.26
CA THR F 51 -29.52 14.39 -28.13
C THR F 51 -29.47 15.76 -27.45
N SER F 52 -30.56 16.15 -26.82
CA SER F 52 -30.71 17.56 -26.46
C SER F 52 -31.17 17.84 -25.04
N THR F 53 -31.57 16.80 -24.31
CA THR F 53 -32.12 16.95 -22.95
C THR F 53 -31.03 16.93 -21.88
N LEU F 54 -30.81 18.09 -21.24
CA LEU F 54 -29.84 18.19 -20.14
C LEU F 54 -30.26 17.34 -18.97
N GLU F 55 -29.29 16.70 -18.33
CA GLU F 55 -29.52 16.04 -17.06
C GLU F 55 -29.71 17.13 -16.03
N SER F 56 -30.49 16.83 -14.99
CA SER F 56 -30.76 17.80 -13.94
C SER F 56 -29.49 18.17 -13.17
N GLY F 57 -29.29 19.46 -12.93
CA GLY F 57 -28.10 19.98 -12.27
C GLY F 57 -27.08 20.59 -13.23
N ILE F 58 -26.99 19.98 -14.43
CA ILE F 58 -26.07 20.41 -15.48
C ILE F 58 -26.43 21.80 -16.00
N PRO F 59 -25.48 22.75 -15.93
CA PRO F 59 -25.66 24.15 -16.35
C PRO F 59 -26.13 24.34 -17.79
N SER F 60 -26.71 25.50 -18.03
CA SER F 60 -27.33 25.86 -19.31
C SER F 60 -26.32 26.00 -20.45
N ARG F 61 -25.09 26.35 -20.10
CA ARG F 61 -23.99 26.53 -21.06
C ARG F 61 -23.80 25.30 -21.97
N PHE F 62 -24.25 24.14 -21.51
CA PHE F 62 -24.16 22.90 -22.28
C PHE F 62 -25.43 22.68 -23.11
N SER F 63 -25.27 22.12 -24.30
CA SER F 63 -26.43 21.70 -25.10
C SER F 63 -25.94 20.85 -26.26
N GLY F 64 -26.89 20.26 -26.97
CA GLY F 64 -26.57 19.41 -28.11
C GLY F 64 -27.77 19.27 -29.01
N SER F 65 -27.53 18.73 -30.22
CA SER F 65 -28.57 18.60 -31.22
C SER F 65 -28.08 17.66 -32.31
N GLY F 66 -29.00 17.25 -33.19
CA GLY F 66 -28.67 16.38 -34.31
C GLY F 66 -29.81 15.43 -34.63
N SER F 67 -29.58 14.57 -35.61
CA SER F 67 -30.51 13.50 -35.97
C SER F 67 -29.87 12.57 -37.01
N GLY F 68 -30.48 11.41 -37.23
CA GLY F 68 -29.94 10.43 -38.16
C GLY F 68 -28.55 10.00 -37.74
N ARG F 69 -27.55 10.33 -38.57
CA ARG F 69 -26.15 10.03 -38.32
C ARG F 69 -25.37 11.18 -37.69
N ASP F 70 -25.90 12.41 -37.75
CA ASP F 70 -25.14 13.59 -37.37
C ASP F 70 -25.63 14.28 -36.09
N TYR F 71 -24.70 14.47 -35.15
CA TYR F 71 -25.02 15.00 -33.83
C TYR F 71 -23.95 15.99 -33.45
N SER F 72 -24.27 16.95 -32.57
CA SER F 72 -23.24 17.84 -32.08
C SER F 72 -23.51 18.31 -30.67
N PHE F 73 -22.46 18.80 -30.01
CA PHE F 73 -22.50 19.19 -28.60
C PHE F 73 -21.68 20.46 -28.42
N THR F 74 -22.17 21.37 -27.58
CA THR F 74 -21.61 22.70 -27.49
C THR F 74 -21.51 23.17 -26.04
N ILE F 75 -20.41 23.82 -25.71
CA ILE F 75 -20.26 24.54 -24.46
C ILE F 75 -20.13 26.01 -24.87
N SER F 76 -20.97 26.87 -24.29
CA SER F 76 -21.18 28.21 -24.86
C SER F 76 -20.34 29.32 -24.23
N ASN F 77 -20.15 29.26 -22.92
CA ASN F 77 -19.35 30.26 -22.25
C ASN F 77 -18.34 29.56 -21.37
N LEU F 78 -17.22 29.18 -21.98
CA LEU F 78 -16.21 28.31 -21.37
C LEU F 78 -15.70 28.85 -20.05
N GLN F 79 -15.64 27.96 -19.05
CA GLN F 79 -15.08 28.27 -17.73
C GLN F 79 -13.97 27.28 -17.46
N PRO F 80 -13.07 27.57 -16.49
CA PRO F 80 -11.91 26.72 -16.29
C PRO F 80 -12.25 25.35 -15.72
N GLU F 81 -13.39 25.25 -15.04
CA GLU F 81 -13.94 23.96 -14.58
C GLU F 81 -14.18 22.98 -15.74
N ASP F 82 -14.49 23.51 -16.92
CA ASP F 82 -14.92 22.70 -18.06
C ASP F 82 -13.81 21.87 -18.72
N VAL F 83 -12.59 22.01 -18.22
CA VAL F 83 -11.44 21.18 -18.57
C VAL F 83 -11.74 19.71 -18.25
N ALA F 84 -11.74 18.86 -19.29
CA ALA F 84 -12.01 17.41 -19.19
C ALA F 84 -11.94 16.76 -20.58
N THR F 85 -12.18 15.45 -20.64
CA THR F 85 -12.40 14.80 -21.94
C THR F 85 -13.89 14.53 -22.09
N TYR F 86 -14.45 14.97 -23.21
CA TYR F 86 -15.85 14.79 -23.52
C TYR F 86 -16.05 13.59 -24.43
N TYR F 87 -17.24 13.01 -24.35
CA TYR F 87 -17.54 11.78 -25.07
C TYR F 87 -18.96 11.80 -25.57
N CYS F 88 -19.16 11.53 -26.87
CA CYS F 88 -20.51 11.16 -27.32
C CYS F 88 -20.67 9.66 -27.10
N LEU F 89 -21.90 9.19 -26.98
CA LEU F 89 -22.17 7.76 -27.03
C LEU F 89 -23.50 7.48 -27.70
N GLN F 90 -23.52 6.38 -28.43
CA GLN F 90 -24.73 5.87 -29.06
C GLN F 90 -25.24 4.71 -28.23
N TYR F 91 -26.50 4.80 -27.82
CA TYR F 91 -27.15 3.69 -27.15
C TYR F 91 -28.37 3.22 -27.95
N ASN F 92 -28.30 3.34 -29.26
CA ASN F 92 -29.34 2.81 -30.14
C ASN F 92 -29.29 1.29 -30.12
N SER F 93 -28.43 0.68 -30.95
CA SER F 93 -28.19 -0.76 -30.97
C SER F 93 -26.87 -1.03 -30.28
N LEU F 94 -26.92 -1.79 -29.19
CA LEU F 94 -25.79 -1.93 -28.26
C LEU F 94 -25.36 -0.55 -27.78
N LEU F 95 -24.11 -0.41 -27.30
CA LEU F 95 -23.55 0.92 -27.03
C LEU F 95 -22.18 1.11 -27.67
N THR F 96 -21.94 2.30 -28.24
CA THR F 96 -20.61 2.67 -28.71
C THR F 96 -20.21 4.07 -28.28
N PHE F 97 -19.06 4.17 -27.63
CA PHE F 97 -18.43 5.46 -27.27
C PHE F 97 -17.73 6.10 -28.47
N GLY F 98 -17.71 7.42 -28.51
CA GLY F 98 -16.82 8.14 -29.41
C GLY F 98 -15.40 8.07 -28.90
N GLY F 99 -14.45 8.66 -29.64
CA GLY F 99 -13.04 8.56 -29.31
C GLY F 99 -12.57 9.51 -28.24
N GLY F 100 -13.43 10.47 -27.85
CA GLY F 100 -13.06 11.54 -26.94
C GLY F 100 -12.75 12.89 -27.59
N THR F 101 -12.84 13.96 -26.78
CA THR F 101 -12.31 15.28 -27.06
C THR F 101 -11.72 15.83 -25.78
N LYS F 102 -10.38 15.76 -25.65
CA LYS F 102 -9.67 16.43 -24.54
C LYS F 102 -9.69 17.97 -24.79
N LEU F 103 -10.34 18.71 -23.90
CA LEU F 103 -10.49 20.14 -24.03
C LEU F 103 -9.53 20.90 -23.11
N GLU F 104 -8.72 21.75 -23.70
CA GLU F 104 -7.80 22.61 -22.97
C GLU F 104 -8.34 24.02 -22.96
N ILE F 105 -8.08 24.73 -21.86
CA ILE F 105 -8.38 26.14 -21.78
C ILE F 105 -7.11 26.91 -22.05
N LYS F 106 -7.23 28.03 -22.78
CA LYS F 106 -6.12 28.97 -22.97
C LYS F 106 -6.11 30.02 -21.89
N ARG F 107 -4.93 30.55 -21.59
CA ARG F 107 -4.80 31.65 -20.62
C ARG F 107 -3.59 32.52 -20.90
N ALA F 108 -3.48 33.62 -20.17
CA ALA F 108 -2.32 34.48 -20.27
C ALA F 108 -1.08 33.64 -19.99
N ASP F 109 -0.13 33.62 -20.94
CA ASP F 109 1.13 32.92 -20.73
C ASP F 109 1.73 33.25 -19.34
N ALA F 110 2.19 32.20 -18.67
CA ALA F 110 2.78 32.32 -17.34
C ALA F 110 4.14 31.66 -17.35
N ALA F 111 5.06 32.25 -16.59
CA ALA F 111 6.43 31.74 -16.52
C ALA F 111 6.52 30.75 -15.38
N PRO F 112 7.34 29.70 -15.53
CA PRO F 112 7.41 28.74 -14.41
C PRO F 112 8.15 29.37 -13.24
N THR F 113 7.66 29.15 -12.02
CA THR F 113 8.52 29.45 -10.88
C THR F 113 9.29 28.18 -10.51
N VAL F 114 10.62 28.28 -10.47
CA VAL F 114 11.50 27.09 -10.45
C VAL F 114 12.19 26.84 -9.10
N SER F 115 12.21 25.58 -8.68
CA SER F 115 12.91 25.17 -7.46
C SER F 115 13.80 23.96 -7.66
N ILE F 116 15.07 24.06 -7.27
CA ILE F 116 15.97 22.93 -7.29
C ILE F 116 16.22 22.41 -5.88
N PHE F 117 16.40 21.09 -5.79
CA PHE F 117 16.55 20.38 -4.52
C PHE F 117 17.66 19.34 -4.60
N PRO F 118 18.66 19.43 -3.70
CA PRO F 118 19.72 18.42 -3.70
C PRO F 118 19.27 17.10 -3.07
N PRO F 119 19.97 16.00 -3.38
CA PRO F 119 19.65 14.70 -2.81
C PRO F 119 19.58 14.73 -1.29
N SER F 120 18.59 14.03 -0.73
CA SER F 120 18.52 13.86 0.71
C SER F 120 19.61 12.89 1.18
N SER F 121 20.11 13.10 2.38
CA SER F 121 21.13 12.22 2.93
C SER F 121 20.56 10.82 3.17
N GLU F 122 19.28 10.75 3.56
CA GLU F 122 18.54 9.49 3.63
C GLU F 122 18.61 8.71 2.31
N GLN F 123 18.53 9.41 1.18
CA GLN F 123 18.70 8.74 -0.10
C GLN F 123 20.15 8.39 -0.36
N LEU F 124 21.06 9.27 0.05
CA LEU F 124 22.50 9.07 -0.17
C LEU F 124 23.04 7.76 0.38
N THR F 125 22.44 7.26 1.46
CA THR F 125 22.87 5.99 2.05
C THR F 125 22.55 4.79 1.16
N SER F 126 21.48 4.88 0.36
CA SER F 126 21.13 3.81 -0.57
C SER F 126 22.17 3.61 -1.68
N GLY F 127 22.89 4.67 -2.04
CA GLY F 127 23.85 4.59 -3.15
C GLY F 127 23.31 5.22 -4.43
N GLY F 128 22.07 5.72 -4.36
CA GLY F 128 21.49 6.53 -5.41
C GLY F 128 21.41 8.00 -5.01
N ALA F 129 21.42 8.90 -5.99
CA ALA F 129 21.23 10.32 -5.74
C ALA F 129 20.38 10.97 -6.81
N SER F 130 19.25 11.54 -6.40
CA SER F 130 18.34 12.23 -7.29
C SER F 130 18.32 13.71 -6.98
N VAL F 131 18.54 14.52 -8.02
CA VAL F 131 18.34 15.95 -7.92
C VAL F 131 16.98 16.21 -8.52
N VAL F 132 16.16 16.97 -7.79
CA VAL F 132 14.80 17.29 -8.21
C VAL F 132 14.61 18.77 -8.47
N CYS F 133 14.01 19.06 -9.61
CA CYS F 133 13.62 20.39 -10.00
C CYS F 133 12.10 20.44 -10.18
N PHE F 134 11.47 21.44 -9.55
CA PHE F 134 10.04 21.73 -9.75
C PHE F 134 9.83 23.05 -10.49
N LEU F 135 9.18 22.99 -11.66
CA LEU F 135 8.82 24.20 -12.39
C LEU F 135 7.31 24.38 -12.27
N ASN F 136 6.88 25.31 -11.42
CA ASN F 136 5.47 25.43 -11.07
C ASN F 136 4.70 26.49 -11.83
N ASN F 137 3.42 26.21 -12.09
CA ASN F 137 2.43 27.21 -12.53
C ASN F 137 2.78 28.00 -13.80
N PHE F 138 3.06 27.28 -14.87
CA PHE F 138 3.36 27.93 -16.12
C PHE F 138 2.30 27.63 -17.17
N TYR F 139 2.25 28.50 -18.19
CA TYR F 139 1.40 28.32 -19.35
C TYR F 139 2.11 28.98 -20.53
N PRO F 140 2.18 28.29 -21.69
CA PRO F 140 1.51 27.04 -21.99
C PRO F 140 2.27 25.83 -21.50
N LYS F 141 1.75 24.64 -21.81
CA LYS F 141 2.28 23.39 -21.34
C LYS F 141 3.71 23.16 -21.79
N ASN F 142 3.97 23.26 -23.09
CA ASN F 142 5.30 23.00 -23.65
C ASN F 142 6.42 23.76 -22.91
N ILE F 143 7.48 23.03 -22.59
CA ILE F 143 8.62 23.56 -21.83
C ILE F 143 9.75 22.56 -21.99
N ASN F 144 10.99 23.06 -22.00
CA ASN F 144 12.15 22.18 -22.01
C ASN F 144 12.95 22.41 -20.74
N VAL F 145 13.60 21.35 -20.25
CA VAL F 145 14.42 21.47 -19.05
C VAL F 145 15.79 20.82 -19.27
N LYS F 146 16.86 21.62 -19.10
CA LYS F 146 18.24 21.13 -19.29
C LYS F 146 18.97 20.99 -17.96
N TRP F 147 19.70 19.88 -17.81
CA TRP F 147 20.49 19.60 -16.62
C TRP F 147 21.95 19.80 -16.89
N LYS F 148 22.55 20.73 -16.16
CA LYS F 148 24.00 20.92 -16.19
C LYS F 148 24.68 20.40 -14.91
N ILE F 149 25.71 19.57 -15.10
CA ILE F 149 26.57 19.14 -14.02
C ILE F 149 27.96 19.70 -14.29
N ASP F 150 28.37 20.70 -13.48
CA ASP F 150 29.64 21.42 -13.67
C ASP F 150 29.77 22.00 -15.08
N GLY F 151 28.79 22.79 -15.49
CA GLY F 151 28.75 23.33 -16.85
C GLY F 151 28.47 22.32 -17.95
N SER F 152 28.90 21.07 -17.79
CA SER F 152 28.62 20.02 -18.79
C SER F 152 27.16 19.59 -18.70
N GLU F 153 26.56 19.33 -19.85
CA GLU F 153 25.14 19.00 -19.95
C GLU F 153 24.91 17.52 -19.67
N ARG F 154 23.74 17.19 -19.12
CA ARG F 154 23.38 15.81 -18.82
C ARG F 154 22.04 15.45 -19.42
N GLN F 155 22.00 14.36 -20.16
CA GLN F 155 20.75 13.87 -20.76
C GLN F 155 20.31 12.53 -20.15
N ASN F 156 21.24 11.58 -20.04
CA ASN F 156 20.99 10.28 -19.41
C ASN F 156 20.59 10.43 -17.95
N GLY F 157 19.49 9.79 -17.57
CA GLY F 157 19.03 9.77 -16.17
C GLY F 157 17.93 10.76 -15.78
N VAL F 158 17.38 11.47 -16.76
CA VAL F 158 16.33 12.47 -16.48
C VAL F 158 14.93 11.88 -16.67
N LEU F 159 14.03 12.22 -15.74
CA LEU F 159 12.66 11.72 -15.73
C LEU F 159 11.70 12.88 -15.49
N ASN F 160 10.72 13.02 -16.37
CA ASN F 160 9.84 14.18 -16.34
C ASN F 160 8.38 13.86 -16.17
N SER F 161 7.68 14.69 -15.39
CA SER F 161 6.27 14.49 -15.13
C SER F 161 5.47 15.79 -15.04
N TRP F 162 4.30 15.81 -15.68
CA TRP F 162 3.45 17.01 -15.76
C TRP F 162 2.08 16.79 -15.21
N THR F 163 1.50 17.82 -14.62
CA THR F 163 0.16 17.68 -14.09
C THR F 163 -0.90 17.89 -15.18
N ASP F 164 -2.12 17.48 -14.86
CA ASP F 164 -3.25 17.86 -15.65
C ASP F 164 -3.42 19.35 -15.45
N GLN F 165 -3.88 20.04 -16.48
CA GLN F 165 -4.15 21.45 -16.36
C GLN F 165 -4.96 21.70 -15.10
N ASP F 166 -4.56 22.71 -14.33
CA ASP F 166 -5.24 23.05 -13.08
C ASP F 166 -6.63 23.64 -13.34
N SER F 167 -7.65 23.05 -12.73
CA SER F 167 -9.03 23.49 -12.92
C SER F 167 -9.42 24.85 -12.30
N LYS F 168 -8.51 25.49 -11.58
CA LYS F 168 -8.79 26.83 -11.04
C LYS F 168 -8.08 27.95 -11.83
N ASP F 169 -6.75 27.88 -11.91
CA ASP F 169 -5.97 28.92 -12.60
C ASP F 169 -5.47 28.53 -14.00
N SER F 170 -5.92 27.37 -14.48
CA SER F 170 -5.61 26.91 -15.84
C SER F 170 -4.12 26.68 -16.14
N THR F 171 -3.29 26.60 -15.10
CA THR F 171 -1.85 26.43 -15.30
C THR F 171 -1.37 24.97 -15.31
N TYR F 172 -0.11 24.78 -15.69
CA TYR F 172 0.59 23.49 -15.54
C TYR F 172 1.77 23.60 -14.59
N SER F 173 2.19 22.46 -14.05
CA SER F 173 3.45 22.35 -13.32
C SER F 173 4.11 21.08 -13.77
N MET F 174 5.42 21.10 -13.93
CA MET F 174 6.12 19.86 -14.21
C MET F 174 7.23 19.63 -13.18
N SER F 175 7.64 18.38 -13.06
CA SER F 175 8.71 17.98 -12.16
C SER F 175 9.75 17.20 -12.94
N SER F 176 10.99 17.67 -12.88
CA SER F 176 12.06 16.94 -13.52
C SER F 176 13.01 16.42 -12.45
N THR F 177 13.37 15.14 -12.53
CA THR F 177 14.30 14.59 -11.54
C THR F 177 15.43 13.79 -12.21
N LEU F 178 16.67 14.12 -11.81
CA LEU F 178 17.89 13.51 -12.37
C LEU F 178 18.53 12.55 -11.36
N THR F 179 18.68 11.28 -11.75
CA THR F 179 19.21 10.25 -10.85
C THR F 179 20.61 9.79 -11.25
N LEU F 180 21.54 9.92 -10.30
CA LEU F 180 22.92 9.49 -10.45
C LEU F 180 23.24 8.51 -9.35
N THR F 181 24.36 7.82 -9.47
CA THR F 181 24.91 7.07 -8.33
C THR F 181 25.50 8.07 -7.32
N LYS F 182 25.49 7.70 -6.03
CA LYS F 182 26.12 8.52 -4.98
C LYS F 182 27.56 8.89 -5.33
N ASP F 183 28.23 8.02 -6.08
CA ASP F 183 29.57 8.29 -6.59
C ASP F 183 29.55 9.44 -7.59
N GLU F 184 28.88 9.23 -8.72
CA GLU F 184 28.75 10.25 -9.77
C GLU F 184 28.35 11.58 -9.18
N TYR F 185 27.47 11.55 -8.18
CA TYR F 185 27.02 12.79 -7.56
C TYR F 185 28.12 13.40 -6.75
N GLU F 186 28.86 12.57 -6.04
CA GLU F 186 29.88 13.02 -5.09
C GLU F 186 31.11 13.64 -5.78
N ARG F 187 31.41 13.18 -7.00
CA ARG F 187 32.56 13.69 -7.76
C ARG F 187 32.41 15.17 -8.13
N HIS F 188 31.30 15.53 -8.76
CA HIS F 188 31.07 16.87 -9.27
C HIS F 188 30.59 17.79 -8.19
N ASN F 189 30.50 19.08 -8.50
CA ASN F 189 30.29 20.10 -7.47
C ASN F 189 29.01 20.92 -7.60
N SER F 190 28.80 21.48 -8.79
CA SER F 190 27.65 22.35 -9.07
C SER F 190 26.59 21.69 -9.96
N TYR F 191 25.34 21.84 -9.56
CA TYR F 191 24.24 21.21 -10.27
C TYR F 191 23.28 22.27 -10.76
N THR F 192 22.88 22.15 -12.01
CA THR F 192 22.14 23.22 -12.65
C THR F 192 20.91 22.72 -13.39
N CYS F 193 19.82 23.43 -13.19
CA CYS F 193 18.54 23.10 -13.80
C CYS F 193 18.01 24.30 -14.59
N GLU F 194 17.97 24.17 -15.93
CA GLU F 194 17.58 25.24 -16.86
C GLU F 194 16.18 25.05 -17.46
N ALA F 195 15.26 25.94 -17.13
CA ALA F 195 13.90 25.91 -17.71
C ALA F 195 13.77 26.86 -18.89
N THR F 196 13.52 26.30 -20.06
CA THR F 196 13.38 27.10 -21.28
C THR F 196 11.91 27.14 -21.74
N HIS F 197 11.28 28.30 -21.55
CA HIS F 197 9.85 28.46 -21.78
C HIS F 197 9.54 29.52 -22.79
N LYS F 198 8.37 29.40 -23.42
CA LYS F 198 7.86 30.42 -24.33
C LYS F 198 7.37 31.69 -23.60
N THR F 199 8.03 32.06 -22.50
CA THR F 199 7.78 33.35 -21.81
C THR F 199 9.01 34.27 -21.77
N SER F 200 10.14 33.76 -22.27
CA SER F 200 11.40 34.51 -22.42
C SER F 200 12.45 33.68 -23.17
N THR F 201 13.29 34.35 -23.94
CA THR F 201 14.33 33.66 -24.75
C THR F 201 15.53 33.22 -23.92
N SER F 202 15.80 33.93 -22.83
CA SER F 202 16.84 33.52 -21.89
C SER F 202 16.21 32.71 -20.76
N PRO F 203 16.71 31.48 -20.55
CA PRO F 203 16.14 30.50 -19.60
C PRO F 203 16.11 30.95 -18.14
N ILE F 204 15.21 30.37 -17.35
CA ILE F 204 15.33 30.44 -15.89
C ILE F 204 16.28 29.33 -15.43
N VAL F 205 17.29 29.73 -14.67
CA VAL F 205 18.32 28.84 -14.18
C VAL F 205 18.23 28.79 -12.65
N LYS F 206 18.29 27.57 -12.12
CA LYS F 206 18.46 27.38 -10.69
C LYS F 206 19.63 26.45 -10.51
N SER F 207 20.34 26.61 -9.39
CA SER F 207 21.46 25.72 -9.05
C SER F 207 21.88 25.69 -7.57
N PHE F 208 22.80 24.77 -7.27
CA PHE F 208 23.52 24.73 -6.01
C PHE F 208 24.85 24.08 -6.32
N ASN F 209 25.82 24.29 -5.42
CA ASN F 209 26.98 23.41 -5.27
C ASN F 209 26.75 22.52 -4.05
N ARG F 210 27.43 21.37 -3.99
CA ARG F 210 27.30 20.49 -2.82
C ARG F 210 27.80 21.11 -1.49
N ASN F 211 28.20 22.39 -1.53
CA ASN F 211 28.63 23.13 -0.34
C ASN F 211 27.93 24.48 -0.19
N NO2 G . 64.94 4.89 18.02
O1 NO2 G . 64.85 5.91 17.35
O2 NO2 G . 65.13 3.64 17.40
C1 GYP H . 76.90 14.14 12.48
C2 GYP H . 76.46 12.81 13.13
C3 GYP H . 76.71 12.71 14.63
C4 GYP H . 78.13 13.16 14.98
C5 GYP H . 78.38 14.54 14.38
C6 GYP H . 79.82 14.99 14.62
C7 GYP H . 75.87 16.04 11.46
O1 GYP H . 75.94 15.20 12.61
O2 GYP H . 75.08 12.55 12.86
O3 GYP H . 76.54 11.35 15.04
O4 GYP H . 78.29 13.18 16.41
O5 GYP H . 78.19 14.55 12.96
O6 GYP H . 79.96 16.27 14.01
N NO2 I . -66.57 1.63 -26.43
O1 NO2 I . -66.60 1.88 -27.62
O2 NO2 I . -66.71 2.66 -25.48
C1 GYP J . -79.97 3.32 -35.53
C2 GYP J . -79.27 3.08 -34.18
C3 GYP J . -79.29 1.61 -33.73
C4 GYP J . -80.73 1.10 -33.73
C5 GYP J . -81.36 1.31 -35.12
C6 GYP J . -82.83 0.94 -35.08
C7 GYP J . -79.06 4.07 -37.60
O1 GYP J . -79.16 2.99 -36.67
O2 GYP J . -77.92 3.56 -34.22
O3 GYP J . -78.73 1.47 -32.43
O4 GYP J . -80.77 -0.28 -33.36
O5 GYP J . -81.26 2.66 -35.59
O6 GYP J . -83.39 1.09 -36.38
#